data_1YK0
#
_entry.id   1YK0
#
_cell.length_a   56.866
_cell.length_b   135.468
_cell.length_c   137.698
_cell.angle_alpha   90.00
_cell.angle_beta   90.00
_cell.angle_gamma   90.00
#
_symmetry.space_group_name_H-M   'P 21 21 21'
#
loop_
_entity.id
_entity.type
_entity.pdbx_description
1 polymer 'Atrial natriuretic peptide clearance receptor'
2 polymer 'Atrial natriuretic factor'
3 branched 2-acetamido-2-deoxy-beta-D-glucopyranose-(1-4)-2-acetamido-2-deoxy-beta-D-glucopyranose
4 non-polymer 2-acetamido-2-deoxy-beta-D-glucopyranose
5 non-polymer 'CHLORIDE ION'
6 water water
#
loop_
_entity_poly.entity_id
_entity_poly.type
_entity_poly.pdbx_seq_one_letter_code
_entity_poly.pdbx_strand_id
1 'polypeptide(L)'
;MPSLLVLTFSPCVLLGWALLAGGTGGGGVGGGGGGAGIGGGRQEREALPPQKIEVLVLLPQDDSYLFSLTRVRPAIEYAL
RSVEGNGTGRRLLPPGTRFQVAYEDSDCGNRALFSLVDRVAAARGAKPDLILGPVCEYAAAPVARLASHWDLPMLSAGAL
AAGFQHKDSEYSHLTRVAPAYAKMGEMMLALFRHHHWSRAALVYSDDKLERNCYFTLEGVHEVFQEEGLHTSIYSFDETK
DLDLEDIVRNIQASERVVIMCASSDTIRSIMLVAHRHGMTSGDYAFFNIELFNSSSYGDGSWKRGDKHDFEAKQAYSSLQ
TVTLLRTVKPEFEKFSMEVKSSVEKQGLNMEDYVNMFVEGFHDAILLYVLALHEVLRAGYSKKDGGKIIQQTWNRTFEGI
AGQVSIDANGDRYGDFSVIAMTDVEAGTQEVIGDYFGKEGRFEMRPNVKYPWGPLKLRIDENRIVEHTNSSPCKSSGGLE
;
A,B
2 'polypeptide(L)' SCFGGRMDRIGAQSGLGCNSF E
#
# COMPACT_ATOMS: atom_id res chain seq x y z
N ALA A 47 -29.02 34.43 -14.69
CA ALA A 47 -27.95 35.30 -15.27
C ALA A 47 -26.80 35.49 -14.28
N LEU A 48 -25.62 35.00 -14.64
CA LEU A 48 -24.44 35.11 -13.79
C LEU A 48 -23.19 35.38 -14.62
N PRO A 49 -22.10 35.84 -13.97
CA PRO A 49 -20.87 36.13 -14.70
C PRO A 49 -20.31 34.86 -15.33
N PRO A 50 -19.73 34.97 -16.53
CA PRO A 50 -19.17 33.77 -17.16
C PRO A 50 -18.22 33.09 -16.18
N GLN A 51 -18.05 31.78 -16.30
CA GLN A 51 -17.17 31.04 -15.42
C GLN A 51 -15.98 30.50 -16.21
N LYS A 52 -14.84 30.39 -15.53
CA LYS A 52 -13.63 29.84 -16.12
C LYS A 52 -13.26 28.68 -15.20
N ILE A 53 -13.49 27.46 -15.68
CA ILE A 53 -13.21 26.27 -14.88
C ILE A 53 -11.92 25.59 -15.25
N GLU A 54 -11.03 25.46 -14.28
CA GLU A 54 -9.75 24.79 -14.51
C GLU A 54 -9.83 23.35 -14.05
N VAL A 55 -9.62 22.41 -14.96
CA VAL A 55 -9.66 21.01 -14.60
C VAL A 55 -8.33 20.36 -14.92
N LEU A 56 -7.86 19.52 -14.01
CA LEU A 56 -6.59 18.81 -14.18
C LEU A 56 -6.92 17.36 -14.49
N VAL A 57 -6.56 16.91 -15.69
CA VAL A 57 -6.80 15.52 -16.09
C VAL A 57 -5.48 14.78 -15.90
N LEU A 58 -5.47 13.77 -15.04
CA LEU A 58 -4.28 12.95 -14.74
C LEU A 58 -4.47 11.52 -15.22
N LEU A 59 -3.89 11.19 -16.37
CA LEU A 59 -4.04 9.84 -16.91
C LEU A 59 -2.73 9.37 -17.53
N PRO A 60 -2.65 8.11 -17.98
CA PRO A 60 -1.37 7.71 -18.55
C PRO A 60 -1.20 8.17 -19.98
N GLN A 61 -0.03 8.70 -20.30
CA GLN A 61 0.21 9.14 -21.66
C GLN A 61 0.35 7.86 -22.49
N ASP A 62 1.01 6.85 -21.93
CA ASP A 62 1.19 5.58 -22.63
C ASP A 62 -0.17 5.07 -23.08
N ASP A 63 -0.30 4.87 -24.39
CA ASP A 63 -1.56 4.42 -24.98
C ASP A 63 -1.82 2.92 -24.95
N SER A 64 -1.08 2.18 -24.13
CA SER A 64 -1.32 0.75 -24.02
C SER A 64 -2.51 0.55 -23.06
N TYR A 65 -2.70 1.48 -22.13
CA TYR A 65 -3.82 1.39 -21.20
C TYR A 65 -5.05 1.86 -21.95
N LEU A 66 -6.21 1.33 -21.58
CA LEU A 66 -7.48 1.68 -22.19
C LEU A 66 -7.95 3.06 -21.82
N PHE A 67 -7.33 3.64 -20.80
CA PHE A 67 -7.76 4.95 -20.33
C PHE A 67 -6.72 6.06 -20.51
N SER A 68 -5.84 5.90 -21.49
CA SER A 68 -4.79 6.89 -21.75
C SER A 68 -5.38 8.24 -22.16
N LEU A 69 -4.61 9.29 -21.92
CA LEU A 69 -5.03 10.65 -22.27
C LEU A 69 -5.52 10.73 -23.70
N THR A 70 -4.76 10.16 -24.62
CA THR A 70 -5.14 10.17 -26.03
C THR A 70 -6.53 9.58 -26.25
N ARG A 71 -6.84 8.53 -25.50
CA ARG A 71 -8.14 7.85 -25.63
C ARG A 71 -9.32 8.52 -24.92
N VAL A 72 -9.05 9.16 -23.79
CA VAL A 72 -10.10 9.82 -23.00
C VAL A 72 -10.42 11.25 -23.42
N ARG A 73 -9.37 12.01 -23.71
CA ARG A 73 -9.52 13.40 -24.10
C ARG A 73 -10.67 13.65 -25.07
N PRO A 74 -10.78 12.85 -26.15
CA PRO A 74 -11.86 13.03 -27.11
C PRO A 74 -13.22 12.99 -26.40
N ALA A 75 -13.34 12.07 -25.44
CA ALA A 75 -14.57 11.92 -24.67
C ALA A 75 -14.86 13.14 -23.80
N ILE A 76 -13.81 13.74 -23.25
CA ILE A 76 -13.95 14.91 -22.41
C ILE A 76 -14.40 16.10 -23.25
N GLU A 77 -13.75 16.29 -24.40
CA GLU A 77 -14.10 17.40 -25.26
C GLU A 77 -15.51 17.28 -25.83
N TYR A 78 -15.98 16.04 -25.97
CA TYR A 78 -17.32 15.80 -26.50
C TYR A 78 -18.32 16.31 -25.45
N ALA A 79 -18.11 15.90 -24.20
CA ALA A 79 -18.99 16.30 -23.12
C ALA A 79 -18.97 17.81 -22.94
N LEU A 80 -17.76 18.38 -22.91
CA LEU A 80 -17.60 19.82 -22.74
C LEU A 80 -18.39 20.57 -23.81
N ARG A 81 -18.29 20.14 -25.05
CA ARG A 81 -19.04 20.79 -26.13
C ARG A 81 -20.54 20.67 -25.90
N SER A 82 -20.98 19.50 -25.47
CA SER A 82 -22.40 19.25 -25.25
C SER A 82 -23.03 19.90 -24.03
N VAL A 83 -22.22 20.51 -23.16
CA VAL A 83 -22.79 21.16 -21.99
C VAL A 83 -23.07 22.62 -22.30
N GLU A 84 -22.17 23.25 -23.05
CA GLU A 84 -22.33 24.65 -23.42
C GLU A 84 -23.47 24.80 -24.43
N GLY A 85 -24.67 25.03 -23.91
CA GLY A 85 -25.83 25.19 -24.76
C GLY A 85 -26.41 23.85 -25.15
N LEU A 92 -26.90 24.77 -18.17
CA LEU A 92 -26.63 24.60 -16.74
C LEU A 92 -25.60 25.60 -16.24
N LEU A 93 -24.71 26.02 -17.13
CA LEU A 93 -23.65 26.96 -16.77
C LEU A 93 -23.91 28.36 -17.32
N PRO A 94 -23.56 29.39 -16.53
CA PRO A 94 -23.77 30.77 -16.98
C PRO A 94 -23.24 30.93 -18.39
N PRO A 95 -23.97 31.65 -19.26
CA PRO A 95 -23.51 31.86 -20.64
C PRO A 95 -22.11 32.43 -20.68
N GLY A 96 -21.34 32.02 -21.70
CA GLY A 96 -19.97 32.48 -21.83
C GLY A 96 -18.95 31.67 -21.03
N THR A 97 -19.45 30.76 -20.20
CA THR A 97 -18.59 29.90 -19.39
C THR A 97 -17.58 29.16 -20.27
N ARG A 98 -16.42 28.84 -19.70
CA ARG A 98 -15.36 28.15 -20.43
C ARG A 98 -14.61 27.19 -19.52
N PHE A 99 -13.93 26.22 -20.11
CA PHE A 99 -13.16 25.26 -19.33
C PHE A 99 -11.71 25.21 -19.77
N GLN A 100 -10.82 25.38 -18.81
CA GLN A 100 -9.38 25.33 -19.05
C GLN A 100 -9.00 23.91 -18.67
N VAL A 101 -8.60 23.10 -19.63
CA VAL A 101 -8.23 21.72 -19.34
C VAL A 101 -6.76 21.42 -19.53
N ALA A 102 -6.12 20.93 -18.47
CA ALA A 102 -4.71 20.57 -18.52
C ALA A 102 -4.60 19.04 -18.51
N TYR A 103 -3.87 18.49 -19.50
CA TYR A 103 -3.68 17.05 -19.61
C TYR A 103 -2.29 16.70 -19.12
N GLU A 104 -2.21 15.98 -18.00
CA GLU A 104 -0.93 15.63 -17.44
C GLU A 104 -0.77 14.11 -17.29
N ASP A 105 0.40 13.60 -17.65
CA ASP A 105 0.69 12.17 -17.58
C ASP A 105 0.77 11.68 -16.14
N SER A 106 0.03 10.62 -15.85
CA SER A 106 0.00 10.04 -14.53
C SER A 106 1.04 8.95 -14.42
N ASP A 107 1.43 8.42 -15.57
CA ASP A 107 2.42 7.36 -15.61
C ASP A 107 1.88 6.17 -14.83
N CYS A 108 0.59 6.23 -14.49
CA CYS A 108 -0.06 5.16 -13.73
C CYS A 108 0.79 4.96 -12.48
N GLY A 109 1.39 6.05 -12.02
CA GLY A 109 2.24 5.95 -10.84
C GLY A 109 2.39 7.23 -10.05
N ASN A 110 3.56 7.39 -9.43
CA ASN A 110 3.85 8.57 -8.62
C ASN A 110 3.78 9.90 -9.34
N ARG A 111 3.87 9.87 -10.66
CA ARG A 111 3.85 11.11 -11.42
C ARG A 111 2.55 11.90 -11.22
N ALA A 112 1.45 11.20 -10.98
CA ALA A 112 0.17 11.86 -10.77
C ALA A 112 0.36 12.87 -9.64
N LEU A 113 0.83 12.38 -8.50
CA LEU A 113 1.09 13.25 -7.34
C LEU A 113 2.18 14.28 -7.66
N PHE A 114 3.25 13.85 -8.34
CA PHE A 114 4.37 14.75 -8.68
C PHE A 114 3.98 16.01 -9.46
N SER A 115 3.20 15.85 -10.52
CA SER A 115 2.83 17.04 -11.27
C SER A 115 1.73 17.88 -10.63
N LEU A 116 0.85 17.24 -9.86
CA LEU A 116 -0.22 17.97 -9.19
C LEU A 116 0.42 18.91 -8.19
N VAL A 117 1.28 18.37 -7.33
CA VAL A 117 1.96 19.19 -6.33
C VAL A 117 2.84 20.28 -6.95
N ASP A 118 3.61 19.93 -7.99
CA ASP A 118 4.47 20.92 -8.63
C ASP A 118 3.65 22.03 -9.28
N ARG A 119 2.53 21.68 -9.88
CA ARG A 119 1.71 22.71 -10.53
C ARG A 119 1.16 23.66 -9.48
N VAL A 120 0.69 23.12 -8.35
CA VAL A 120 0.14 23.98 -7.32
C VAL A 120 1.25 24.80 -6.65
N ALA A 121 2.45 24.23 -6.50
CA ALA A 121 3.56 24.95 -5.89
C ALA A 121 3.98 26.11 -6.80
N ALA A 122 4.02 25.85 -8.10
CA ALA A 122 4.39 26.89 -9.06
C ALA A 122 3.36 28.03 -8.97
N ALA A 123 2.08 27.68 -9.06
CA ALA A 123 1.00 28.67 -8.98
C ALA A 123 0.93 29.33 -7.60
N ARG A 124 1.92 29.05 -6.76
CA ARG A 124 1.98 29.65 -5.44
C ARG A 124 0.76 29.33 -4.59
N GLY A 125 0.20 28.13 -4.74
CA GLY A 125 -0.96 27.77 -3.94
C GLY A 125 -2.26 27.66 -4.70
N ALA A 126 -2.30 28.18 -5.92
CA ALA A 126 -3.51 28.13 -6.74
C ALA A 126 -3.84 26.68 -7.12
N LYS A 127 -5.10 26.31 -6.94
CA LYS A 127 -5.51 24.95 -7.25
C LYS A 127 -6.55 24.81 -8.37
N PRO A 128 -6.58 23.63 -9.01
CA PRO A 128 -7.55 23.41 -10.08
C PRO A 128 -8.94 23.30 -9.44
N ASP A 129 -10.00 23.56 -10.20
CA ASP A 129 -11.34 23.47 -9.64
C ASP A 129 -11.87 22.05 -9.75
N LEU A 130 -11.23 21.24 -10.58
CA LEU A 130 -11.66 19.87 -10.78
C LEU A 130 -10.51 18.97 -11.24
N ILE A 131 -10.41 17.80 -10.63
CA ILE A 131 -9.39 16.84 -11.02
C ILE A 131 -10.06 15.59 -11.56
N LEU A 132 -9.61 15.16 -12.74
CA LEU A 132 -10.15 13.96 -13.37
C LEU A 132 -9.07 12.88 -13.38
N GLY A 133 -9.33 11.74 -12.74
CA GLY A 133 -8.36 10.67 -12.68
C GLY A 133 -7.48 10.96 -11.49
N PRO A 134 -6.42 10.15 -11.23
CA PRO A 134 -5.99 8.95 -11.98
C PRO A 134 -6.97 7.79 -11.95
N VAL A 135 -6.68 6.80 -12.80
CA VAL A 135 -7.47 5.59 -12.90
C VAL A 135 -6.74 4.53 -12.08
N CYS A 136 -5.47 4.31 -12.40
CA CYS A 136 -4.66 3.32 -11.71
C CYS A 136 -4.79 3.53 -10.20
N GLU A 137 -4.97 2.42 -9.47
CA GLU A 137 -5.19 2.38 -8.03
C GLU A 137 -4.15 3.08 -7.15
N TYR A 138 -2.89 2.71 -7.31
CA TYR A 138 -1.82 3.31 -6.50
C TYR A 138 -1.53 4.76 -6.84
N ALA A 139 -2.01 5.21 -8.00
CA ALA A 139 -1.78 6.58 -8.39
C ALA A 139 -2.88 7.50 -7.85
N ALA A 140 -4.10 6.98 -7.74
CA ALA A 140 -5.22 7.77 -7.27
C ALA A 140 -5.27 8.02 -5.76
N ALA A 141 -4.78 7.06 -4.98
CA ALA A 141 -4.82 7.20 -3.54
C ALA A 141 -4.20 8.51 -3.04
N PRO A 142 -2.92 8.79 -3.37
CA PRO A 142 -2.33 10.05 -2.89
C PRO A 142 -3.02 11.28 -3.45
N VAL A 143 -3.39 11.25 -4.73
CA VAL A 143 -4.09 12.39 -5.34
C VAL A 143 -5.44 12.62 -4.62
N ALA A 144 -6.13 11.52 -4.31
CA ALA A 144 -7.42 11.60 -3.65
C ALA A 144 -7.28 12.18 -2.27
N ARG A 145 -6.20 11.81 -1.60
CA ARG A 145 -5.93 12.30 -0.27
C ARG A 145 -5.61 13.80 -0.25
N LEU A 146 -4.92 14.28 -1.28
CA LEU A 146 -4.61 15.71 -1.34
C LEU A 146 -5.84 16.50 -1.73
N ALA A 147 -6.60 15.98 -2.67
CA ALA A 147 -7.79 16.66 -3.14
C ALA A 147 -8.70 16.89 -1.94
N SER A 148 -8.78 15.91 -1.05
CA SER A 148 -9.62 16.03 0.12
C SER A 148 -9.05 17.08 1.05
N HIS A 149 -7.75 16.96 1.35
CA HIS A 149 -7.09 17.93 2.21
C HIS A 149 -7.27 19.35 1.70
N TRP A 150 -7.35 19.49 0.39
CA TRP A 150 -7.51 20.80 -0.23
C TRP A 150 -8.94 21.16 -0.60
N ASP A 151 -9.89 20.27 -0.31
CA ASP A 151 -11.28 20.54 -0.63
C ASP A 151 -11.50 20.66 -2.13
N LEU A 152 -10.71 19.93 -2.92
CA LEU A 152 -10.85 19.95 -4.39
C LEU A 152 -11.65 18.73 -4.77
N PRO A 153 -12.68 18.90 -5.61
CA PRO A 153 -13.49 17.75 -6.03
C PRO A 153 -12.73 16.86 -7.03
N MET A 154 -12.79 15.54 -6.84
CA MET A 154 -12.09 14.58 -7.71
C MET A 154 -12.99 13.46 -8.18
N LEU A 155 -13.16 13.35 -9.50
CA LEU A 155 -13.96 12.30 -10.11
C LEU A 155 -13.06 11.39 -10.93
N SER A 156 -13.34 10.08 -10.96
CA SER A 156 -12.52 9.15 -11.74
C SER A 156 -13.31 7.94 -12.20
N ALA A 157 -12.93 7.40 -13.36
CA ALA A 157 -13.60 6.23 -13.89
C ALA A 157 -12.80 5.01 -13.50
N GLY A 158 -11.91 5.21 -12.52
CA GLY A 158 -11.06 4.15 -12.00
C GLY A 158 -11.07 4.16 -10.48
N ALA A 159 -9.91 3.94 -9.86
CA ALA A 159 -9.80 3.90 -8.41
C ALA A 159 -10.88 2.95 -7.92
N LEU A 160 -10.93 1.80 -8.58
CA LEU A 160 -11.90 0.75 -8.31
C LEU A 160 -11.79 -0.05 -7.03
N ALA A 161 -10.61 -0.04 -6.40
CA ALA A 161 -10.36 -0.80 -5.18
C ALA A 161 -11.29 -0.52 -4.01
N ALA A 162 -11.38 -1.52 -3.13
CA ALA A 162 -12.17 -1.50 -1.92
C ALA A 162 -11.87 -0.33 -0.98
N GLY A 163 -10.60 -0.11 -0.72
CA GLY A 163 -10.20 0.95 0.18
C GLY A 163 -10.81 2.32 -0.04
N PHE A 164 -11.15 2.63 -1.28
CA PHE A 164 -11.73 3.92 -1.59
C PHE A 164 -13.17 4.00 -1.15
N GLN A 165 -13.68 2.89 -0.63
CA GLN A 165 -15.07 2.82 -0.16
C GLN A 165 -15.25 3.76 1.02
N HIS A 166 -14.25 3.80 1.88
CA HIS A 166 -14.25 4.63 3.08
C HIS A 166 -13.94 6.11 2.79
N LYS A 167 -15.02 6.91 2.71
CA LYS A 167 -14.88 8.32 2.40
C LYS A 167 -15.18 9.26 3.55
N ASP A 168 -15.21 8.75 4.78
CA ASP A 168 -15.48 9.60 5.93
C ASP A 168 -14.39 10.61 6.18
N SER A 169 -13.15 10.28 5.82
CA SER A 169 -12.04 11.19 6.05
C SER A 169 -11.11 11.29 4.86
N GLU A 170 -10.12 10.41 4.83
CA GLU A 170 -9.10 10.32 3.80
C GLU A 170 -9.56 10.53 2.35
N TYR A 171 -10.67 9.90 1.95
CA TYR A 171 -11.19 9.98 0.57
C TYR A 171 -12.57 10.62 0.42
N SER A 172 -12.83 11.70 1.16
CA SER A 172 -14.14 12.34 1.10
C SER A 172 -14.44 13.05 -0.21
N HIS A 173 -13.42 13.58 -0.88
CA HIS A 173 -13.69 14.30 -2.12
C HIS A 173 -13.59 13.49 -3.40
N LEU A 174 -13.75 12.17 -3.25
CA LEU A 174 -13.68 11.26 -4.38
C LEU A 174 -15.03 10.66 -4.80
N THR A 175 -15.37 10.82 -6.08
CA THR A 175 -16.59 10.28 -6.66
C THR A 175 -16.16 9.35 -7.78
N ARG A 176 -16.50 8.07 -7.66
CA ARG A 176 -16.17 7.05 -8.64
C ARG A 176 -17.32 6.87 -9.62
N VAL A 177 -17.08 7.25 -10.87
CA VAL A 177 -18.10 7.19 -11.90
C VAL A 177 -18.17 5.89 -12.68
N ALA A 178 -17.26 4.97 -12.37
CA ALA A 178 -17.25 3.65 -13.03
C ALA A 178 -17.56 2.69 -11.90
N PRO A 179 -18.16 1.53 -12.20
CA PRO A 179 -18.49 0.57 -11.14
C PRO A 179 -17.30 -0.06 -10.43
N ALA A 180 -17.25 0.12 -9.11
CA ALA A 180 -16.20 -0.43 -8.26
C ALA A 180 -16.26 -1.96 -8.18
N TYR A 181 -15.12 -2.57 -7.86
CA TYR A 181 -15.00 -4.02 -7.73
C TYR A 181 -16.01 -4.58 -6.74
N ALA A 182 -16.14 -3.92 -5.59
CA ALA A 182 -17.08 -4.34 -4.55
C ALA A 182 -18.48 -4.48 -5.13
N LYS A 183 -18.82 -3.67 -6.12
CA LYS A 183 -20.13 -3.75 -6.75
C LYS A 183 -20.17 -5.05 -7.55
N MET A 184 -19.08 -5.32 -8.26
CA MET A 184 -18.94 -6.55 -9.06
C MET A 184 -18.97 -7.71 -8.07
N GLY A 185 -18.54 -7.45 -6.84
CA GLY A 185 -18.56 -8.50 -5.84
C GLY A 185 -19.98 -8.80 -5.35
N GLU A 186 -20.87 -7.81 -5.47
CA GLU A 186 -22.25 -7.98 -5.04
C GLU A 186 -22.99 -8.79 -6.08
N MET A 187 -22.61 -8.59 -7.33
CA MET A 187 -23.21 -9.31 -8.44
C MET A 187 -22.92 -10.79 -8.23
N MET A 188 -21.64 -11.13 -8.04
CA MET A 188 -21.24 -12.52 -7.82
C MET A 188 -22.00 -13.13 -6.64
N LEU A 189 -22.25 -12.33 -5.62
CA LEU A 189 -22.98 -12.82 -4.45
C LEU A 189 -24.38 -13.20 -4.89
N ALA A 190 -24.97 -12.39 -5.77
CA ALA A 190 -26.31 -12.67 -6.28
C ALA A 190 -26.26 -13.91 -7.16
N LEU A 191 -25.25 -13.98 -8.01
CA LEU A 191 -25.14 -15.14 -8.90
C LEU A 191 -25.10 -16.37 -8.00
N PHE A 192 -24.27 -16.32 -6.97
CA PHE A 192 -24.11 -17.43 -6.04
C PHE A 192 -25.36 -17.81 -5.27
N ARG A 193 -26.08 -16.84 -4.74
CA ARG A 193 -27.27 -17.18 -4.00
C ARG A 193 -28.29 -17.80 -4.94
N HIS A 194 -28.24 -17.39 -6.21
CA HIS A 194 -29.15 -17.89 -7.23
C HIS A 194 -28.85 -19.36 -7.54
N HIS A 195 -27.57 -19.75 -7.49
CA HIS A 195 -27.20 -21.14 -7.73
C HIS A 195 -27.10 -21.88 -6.39
N HIS A 196 -27.35 -21.15 -5.31
CA HIS A 196 -27.31 -21.69 -3.94
C HIS A 196 -25.93 -22.21 -3.55
N TRP A 197 -24.89 -21.64 -4.15
CA TRP A 197 -23.51 -22.02 -3.84
C TRP A 197 -23.09 -21.22 -2.62
N SER A 198 -22.23 -21.79 -1.78
CA SER A 198 -21.80 -21.05 -0.60
C SER A 198 -20.30 -21.11 -0.37
N ARG A 199 -19.56 -21.67 -1.32
CA ARG A 199 -18.11 -21.76 -1.19
C ARG A 199 -17.45 -21.42 -2.53
N ALA A 200 -16.24 -20.89 -2.50
CA ALA A 200 -15.58 -20.53 -3.74
C ALA A 200 -14.07 -20.44 -3.64
N ALA A 201 -13.40 -20.75 -4.74
CA ALA A 201 -11.95 -20.67 -4.79
C ALA A 201 -11.64 -19.37 -5.52
N LEU A 202 -10.75 -18.56 -4.98
CA LEU A 202 -10.38 -17.31 -5.63
C LEU A 202 -8.96 -17.50 -6.17
N VAL A 203 -8.83 -17.55 -7.50
CA VAL A 203 -7.53 -17.73 -8.17
C VAL A 203 -7.25 -16.50 -9.01
N TYR A 204 -6.16 -15.80 -8.69
CA TYR A 204 -5.81 -14.58 -9.41
C TYR A 204 -4.32 -14.29 -9.53
N SER A 205 -3.98 -13.51 -10.55
CA SER A 205 -2.60 -13.12 -10.79
C SER A 205 -2.32 -11.84 -10.01
N ASP A 206 -1.17 -11.79 -9.33
CA ASP A 206 -0.79 -10.62 -8.55
C ASP A 206 0.56 -10.04 -9.01
N ASP A 207 0.48 -8.90 -9.69
CA ASP A 207 1.62 -8.16 -10.22
C ASP A 207 2.62 -7.69 -9.18
N LYS A 208 2.09 -7.21 -8.05
CA LYS A 208 2.87 -6.63 -6.97
C LYS A 208 3.27 -5.26 -7.52
N LEU A 209 2.59 -4.87 -8.58
CA LEU A 209 2.80 -3.59 -9.24
C LEU A 209 1.44 -2.86 -9.33
N GLU A 210 0.75 -2.99 -10.47
CA GLU A 210 -0.56 -2.38 -10.65
C GLU A 210 -1.60 -3.19 -9.87
N ARG A 211 -1.47 -4.51 -9.92
CA ARG A 211 -2.33 -5.43 -9.17
C ARG A 211 -3.82 -5.30 -9.43
N ASN A 212 -4.21 -5.25 -10.70
CA ASN A 212 -5.62 -5.09 -11.03
C ASN A 212 -6.48 -6.27 -10.61
N CYS A 213 -6.00 -7.47 -10.87
CA CYS A 213 -6.76 -8.65 -10.53
C CYS A 213 -6.78 -8.91 -9.03
N TYR A 214 -5.74 -8.46 -8.35
CA TYR A 214 -5.71 -8.63 -6.91
C TYR A 214 -6.86 -7.77 -6.36
N PHE A 215 -6.93 -6.52 -6.79
CA PHE A 215 -7.97 -5.62 -6.35
C PHE A 215 -9.34 -6.08 -6.82
N THR A 216 -9.39 -6.73 -7.98
CA THR A 216 -10.66 -7.21 -8.53
C THR A 216 -11.26 -8.28 -7.62
N LEU A 217 -10.48 -9.32 -7.34
CA LEU A 217 -10.94 -10.38 -6.48
C LEU A 217 -11.03 -9.95 -5.01
N GLU A 218 -10.40 -8.84 -4.64
CA GLU A 218 -10.50 -8.40 -3.25
C GLU A 218 -11.95 -7.92 -3.12
N GLY A 219 -12.48 -7.37 -4.20
CA GLY A 219 -13.86 -6.90 -4.20
C GLY A 219 -14.85 -8.03 -3.94
N VAL A 220 -14.55 -9.23 -4.45
CA VAL A 220 -15.40 -10.39 -4.24
C VAL A 220 -15.19 -10.91 -2.83
N HIS A 221 -13.93 -10.95 -2.42
CA HIS A 221 -13.57 -11.44 -1.11
C HIS A 221 -14.21 -10.61 0.00
N GLU A 222 -14.24 -9.31 -0.19
CA GLU A 222 -14.83 -8.43 0.81
C GLU A 222 -16.32 -8.70 0.94
N VAL A 223 -16.99 -8.94 -0.18
CA VAL A 223 -18.42 -9.20 -0.11
C VAL A 223 -18.72 -10.58 0.45
N PHE A 224 -18.09 -11.60 -0.10
CA PHE A 224 -18.33 -12.93 0.41
C PHE A 224 -18.08 -12.99 1.93
N GLN A 225 -17.04 -12.31 2.41
CA GLN A 225 -16.72 -12.28 3.85
C GLN A 225 -17.85 -11.80 4.74
N GLU A 226 -18.31 -10.57 4.50
CA GLU A 226 -19.41 -10.01 5.27
C GLU A 226 -20.60 -10.98 5.27
N GLU A 227 -20.89 -11.55 4.11
CA GLU A 227 -22.00 -12.47 3.95
C GLU A 227 -21.85 -13.86 4.55
N GLY A 228 -20.62 -14.33 4.73
CA GLY A 228 -20.44 -15.65 5.29
C GLY A 228 -19.93 -16.72 4.35
N LEU A 229 -19.99 -16.48 3.05
CA LEU A 229 -19.51 -17.46 2.07
C LEU A 229 -18.06 -17.81 2.36
N HIS A 230 -17.72 -19.09 2.30
CA HIS A 230 -16.35 -19.50 2.55
C HIS A 230 -15.51 -19.23 1.30
N THR A 231 -14.23 -18.93 1.47
CA THR A 231 -13.38 -18.71 0.31
C THR A 231 -11.96 -19.17 0.50
N SER A 232 -11.46 -19.85 -0.53
CA SER A 232 -10.08 -20.31 -0.54
C SER A 232 -9.38 -19.28 -1.41
N ILE A 233 -8.16 -18.89 -1.08
CA ILE A 233 -7.45 -17.89 -1.88
C ILE A 233 -6.13 -18.46 -2.43
N TYR A 234 -5.86 -18.19 -3.69
CA TYR A 234 -4.64 -18.67 -4.34
C TYR A 234 -4.16 -17.68 -5.37
N SER A 235 -2.96 -17.15 -5.19
CA SER A 235 -2.44 -16.17 -6.14
C SER A 235 -1.08 -16.57 -6.74
N PHE A 236 -0.81 -16.00 -7.91
CA PHE A 236 0.44 -16.22 -8.64
C PHE A 236 0.77 -14.98 -9.45
N ASP A 237 2.02 -14.83 -9.85
CA ASP A 237 2.40 -13.70 -10.68
C ASP A 237 2.39 -14.27 -12.08
N GLU A 238 1.45 -13.81 -12.90
CA GLU A 238 1.33 -14.32 -14.26
C GLU A 238 2.42 -13.80 -15.15
N THR A 239 3.11 -12.75 -14.70
CA THR A 239 4.21 -12.19 -15.49
C THR A 239 5.40 -13.10 -15.34
N LYS A 240 5.72 -13.45 -14.10
CA LYS A 240 6.85 -14.32 -13.83
C LYS A 240 6.61 -15.68 -14.48
N ASP A 241 7.59 -16.56 -14.36
CA ASP A 241 7.52 -17.91 -14.94
C ASP A 241 6.25 -18.63 -14.48
N LEU A 242 5.35 -18.87 -15.43
CA LEU A 242 4.09 -19.55 -15.12
C LEU A 242 4.23 -21.03 -14.80
N ASP A 243 3.39 -21.50 -13.88
CA ASP A 243 3.37 -22.90 -13.48
C ASP A 243 1.91 -23.34 -13.36
N LEU A 244 1.31 -23.60 -14.51
CA LEU A 244 -0.09 -24.02 -14.59
C LEU A 244 -0.40 -25.36 -13.92
N GLU A 245 0.65 -26.08 -13.52
CA GLU A 245 0.43 -27.38 -12.87
C GLU A 245 0.01 -27.24 -11.42
N ASP A 246 0.63 -26.29 -10.73
CA ASP A 246 0.34 -26.05 -9.32
C ASP A 246 -1.02 -25.36 -9.20
N ILE A 247 -1.34 -24.50 -10.17
CA ILE A 247 -2.59 -23.77 -10.17
C ILE A 247 -3.74 -24.77 -10.08
N VAL A 248 -3.86 -25.58 -11.12
CA VAL A 248 -4.91 -26.58 -11.23
C VAL A 248 -5.01 -27.55 -10.05
N ARG A 249 -3.86 -27.89 -9.45
CA ARG A 249 -3.82 -28.79 -8.31
C ARG A 249 -4.46 -28.15 -7.08
N ASN A 250 -4.16 -26.89 -6.85
CA ASN A 250 -4.76 -26.17 -5.74
C ASN A 250 -6.26 -26.11 -5.99
N ILE A 251 -6.63 -25.82 -7.22
CA ILE A 251 -8.04 -25.73 -7.60
C ILE A 251 -8.79 -26.96 -7.12
N GLN A 252 -8.48 -28.10 -7.73
CA GLN A 252 -9.15 -29.35 -7.41
C GLN A 252 -9.04 -29.74 -5.93
N ALA A 253 -8.07 -29.18 -5.23
CA ALA A 253 -7.89 -29.50 -3.83
C ALA A 253 -8.84 -28.71 -2.92
N SER A 254 -9.27 -27.53 -3.34
CA SER A 254 -10.14 -26.71 -2.50
C SER A 254 -11.65 -26.69 -2.80
N GLU A 255 -12.09 -25.85 -3.74
CA GLU A 255 -13.52 -25.77 -4.04
C GLU A 255 -13.90 -26.12 -5.49
N ARG A 256 -15.13 -26.61 -5.68
CA ARG A 256 -15.63 -26.98 -6.99
C ARG A 256 -16.03 -25.79 -7.86
N VAL A 257 -16.23 -24.63 -7.23
CA VAL A 257 -16.57 -23.42 -7.97
C VAL A 257 -15.38 -22.46 -7.91
N VAL A 258 -14.88 -22.07 -9.08
CA VAL A 258 -13.70 -21.22 -9.15
C VAL A 258 -13.93 -19.87 -9.79
N ILE A 259 -13.48 -18.81 -9.10
CA ILE A 259 -13.58 -17.43 -9.61
C ILE A 259 -12.14 -16.99 -9.89
N MET A 260 -11.84 -16.71 -11.15
CA MET A 260 -10.48 -16.32 -11.53
C MET A 260 -10.39 -14.93 -12.14
N CYS A 261 -9.18 -14.38 -12.16
CA CYS A 261 -8.94 -13.09 -12.78
C CYS A 261 -7.47 -13.03 -13.16
N ALA A 262 -7.22 -12.90 -14.45
CA ALA A 262 -5.88 -12.80 -15.01
C ALA A 262 -6.08 -12.44 -16.48
N SER A 263 -5.00 -12.29 -17.23
CA SER A 263 -5.09 -11.95 -18.65
C SER A 263 -5.97 -12.99 -19.35
N SER A 264 -6.59 -12.60 -20.44
CA SER A 264 -7.45 -13.52 -21.18
C SER A 264 -6.66 -14.74 -21.62
N ASP A 265 -5.40 -14.51 -21.99
CA ASP A 265 -4.51 -15.59 -22.42
C ASP A 265 -4.18 -16.50 -21.26
N THR A 266 -3.75 -15.93 -20.14
CA THR A 266 -3.42 -16.72 -18.97
C THR A 266 -4.61 -17.61 -18.56
N ILE A 267 -5.82 -17.05 -18.55
CA ILE A 267 -6.99 -17.87 -18.18
C ILE A 267 -7.11 -19.03 -19.14
N ARG A 268 -6.88 -18.77 -20.42
CA ARG A 268 -6.98 -19.79 -21.46
C ARG A 268 -6.07 -20.97 -21.11
N SER A 269 -4.84 -20.67 -20.73
CA SER A 269 -3.90 -21.71 -20.37
C SER A 269 -4.42 -22.49 -19.17
N ILE A 270 -4.88 -21.77 -18.15
CA ILE A 270 -5.39 -22.48 -16.98
C ILE A 270 -6.51 -23.43 -17.38
N MET A 271 -7.38 -23.00 -18.31
CA MET A 271 -8.48 -23.85 -18.75
C MET A 271 -8.03 -25.06 -19.55
N LEU A 272 -6.90 -24.95 -20.24
CA LEU A 272 -6.37 -26.07 -21.01
C LEU A 272 -5.88 -27.15 -20.05
N VAL A 273 -5.04 -26.75 -19.09
CA VAL A 273 -4.52 -27.69 -18.11
C VAL A 273 -5.66 -28.31 -17.31
N ALA A 274 -6.71 -27.53 -17.06
CA ALA A 274 -7.86 -28.03 -16.31
C ALA A 274 -8.58 -29.10 -17.14
N HIS A 275 -8.74 -28.81 -18.42
CA HIS A 275 -9.37 -29.71 -19.38
C HIS A 275 -8.55 -31.00 -19.51
N ARG A 276 -7.25 -30.82 -19.67
CA ARG A 276 -6.32 -31.93 -19.80
C ARG A 276 -6.33 -32.76 -18.52
N HIS A 277 -6.99 -32.26 -17.48
CA HIS A 277 -7.07 -32.96 -16.20
C HIS A 277 -8.48 -33.46 -15.96
N GLY A 278 -9.36 -33.23 -16.93
CA GLY A 278 -10.74 -33.69 -16.82
C GLY A 278 -11.65 -32.86 -15.94
N MET A 279 -11.20 -31.67 -15.54
CA MET A 279 -12.00 -30.80 -14.67
C MET A 279 -13.05 -29.96 -15.41
N THR A 280 -13.17 -30.14 -16.73
CA THR A 280 -14.14 -29.36 -17.51
C THR A 280 -15.40 -30.10 -17.94
N SER A 281 -15.43 -31.42 -17.72
CA SER A 281 -16.59 -32.22 -18.11
C SER A 281 -17.85 -31.77 -17.40
N GLY A 282 -17.70 -31.02 -16.31
CA GLY A 282 -18.86 -30.56 -15.58
C GLY A 282 -18.74 -30.75 -14.08
N ASP A 283 -17.53 -31.06 -13.63
CA ASP A 283 -17.26 -31.25 -12.20
C ASP A 283 -16.91 -29.93 -11.53
N TYR A 284 -16.50 -28.96 -12.34
CA TYR A 284 -16.16 -27.62 -11.85
C TYR A 284 -16.92 -26.55 -12.61
N ALA A 285 -17.18 -25.43 -11.95
CA ALA A 285 -17.87 -24.31 -12.57
C ALA A 285 -16.90 -23.15 -12.48
N PHE A 286 -16.18 -22.88 -13.57
CA PHE A 286 -15.21 -21.79 -13.60
C PHE A 286 -15.78 -20.44 -14.00
N PHE A 287 -15.24 -19.39 -13.40
CA PHE A 287 -15.62 -18.02 -13.72
C PHE A 287 -14.38 -17.16 -13.87
N ASN A 288 -14.47 -16.15 -14.72
CA ASN A 288 -13.36 -15.22 -14.87
C ASN A 288 -13.95 -13.80 -15.03
N ILE A 289 -13.20 -12.79 -14.64
CA ILE A 289 -13.69 -11.43 -14.75
C ILE A 289 -12.95 -10.62 -15.80
N GLU A 290 -13.69 -10.16 -16.80
CA GLU A 290 -13.15 -9.32 -17.86
C GLU A 290 -14.15 -8.19 -18.01
N LEU A 291 -14.08 -7.24 -17.09
CA LEU A 291 -14.99 -6.11 -17.08
C LEU A 291 -14.80 -5.08 -18.17
N PHE A 292 -13.59 -4.97 -18.73
CA PHE A 292 -13.37 -3.92 -19.72
C PHE A 292 -13.08 -4.26 -21.17
N ASN A 293 -12.75 -5.51 -21.48
CA ASN A 293 -12.49 -5.86 -22.87
C ASN A 293 -13.10 -7.23 -23.18
N SER A 294 -14.35 -7.42 -22.77
CA SER A 294 -15.08 -8.65 -22.98
C SER A 294 -15.88 -8.59 -24.27
N SER A 295 -15.18 -8.65 -25.40
CA SER A 295 -15.83 -8.58 -26.70
C SER A 295 -15.43 -9.76 -27.56
N SER A 296 -14.65 -10.67 -26.99
CA SER A 296 -14.19 -11.86 -27.70
C SER A 296 -15.34 -12.82 -28.00
N TYR A 297 -16.33 -12.85 -27.11
CA TYR A 297 -17.47 -13.71 -27.34
C TYR A 297 -18.19 -13.09 -28.54
N GLY A 298 -18.79 -13.92 -29.37
CA GLY A 298 -19.45 -13.42 -30.56
C GLY A 298 -18.73 -14.11 -31.69
N ASP A 299 -17.48 -14.46 -31.40
CA ASP A 299 -16.61 -15.18 -32.32
C ASP A 299 -16.01 -16.34 -31.55
N GLY A 300 -15.87 -16.16 -30.23
CA GLY A 300 -15.31 -17.19 -29.37
C GLY A 300 -14.08 -16.73 -28.60
N SER A 301 -14.24 -16.42 -27.32
CA SER A 301 -13.12 -15.96 -26.51
C SER A 301 -12.03 -17.02 -26.36
N TRP A 302 -12.32 -18.25 -26.80
CA TRP A 302 -11.36 -19.33 -26.73
C TRP A 302 -10.49 -19.34 -27.99
N LYS A 303 -11.07 -18.84 -29.07
CA LYS A 303 -10.40 -18.79 -30.37
C LYS A 303 -9.19 -17.88 -30.44
N ARG A 304 -8.06 -18.46 -30.81
CA ARG A 304 -6.82 -17.71 -30.94
C ARG A 304 -6.19 -18.00 -32.30
N GLY A 305 -6.91 -18.74 -33.14
CA GLY A 305 -6.36 -19.09 -34.44
C GLY A 305 -5.14 -19.95 -34.12
N ASP A 306 -5.14 -20.43 -32.89
CA ASP A 306 -4.08 -21.26 -32.33
C ASP A 306 -4.40 -22.72 -32.65
N LYS A 307 -3.40 -23.58 -32.51
CA LYS A 307 -3.60 -24.99 -32.77
C LYS A 307 -4.29 -25.69 -31.60
N HIS A 308 -4.61 -24.91 -30.57
CA HIS A 308 -5.27 -25.44 -29.38
C HIS A 308 -6.73 -25.01 -29.36
N ASP A 309 -7.13 -24.28 -30.39
CA ASP A 309 -8.49 -23.78 -30.49
C ASP A 309 -9.56 -24.84 -30.23
N PHE A 310 -9.30 -26.08 -30.60
CA PHE A 310 -10.29 -27.14 -30.36
C PHE A 310 -10.37 -27.40 -28.86
N GLU A 311 -9.23 -27.69 -28.25
CA GLU A 311 -9.20 -27.94 -26.81
C GLU A 311 -9.95 -26.80 -26.14
N ALA A 312 -9.43 -25.59 -26.33
CA ALA A 312 -10.02 -24.39 -25.75
C ALA A 312 -11.54 -24.41 -25.82
N LYS A 313 -12.08 -24.48 -27.04
CA LYS A 313 -13.53 -24.47 -27.23
C LYS A 313 -14.25 -25.43 -26.27
N GLN A 314 -13.71 -26.62 -26.11
CA GLN A 314 -14.30 -27.60 -25.22
C GLN A 314 -14.09 -27.19 -23.77
N ALA A 315 -12.88 -26.74 -23.46
CA ALA A 315 -12.55 -26.31 -22.10
C ALA A 315 -13.47 -25.20 -21.65
N TYR A 316 -13.66 -24.20 -22.51
CA TYR A 316 -14.51 -23.06 -22.17
C TYR A 316 -15.98 -23.41 -21.97
N SER A 317 -16.34 -24.67 -22.14
CA SER A 317 -17.74 -25.05 -21.97
C SER A 317 -18.13 -25.01 -20.49
N SER A 318 -17.13 -25.07 -19.62
CA SER A 318 -17.39 -25.02 -18.18
C SER A 318 -16.94 -23.69 -17.61
N LEU A 319 -16.73 -22.73 -18.49
CA LEU A 319 -16.26 -21.42 -18.10
C LEU A 319 -17.28 -20.33 -18.34
N GLN A 320 -17.41 -19.41 -17.40
CA GLN A 320 -18.34 -18.32 -17.57
C GLN A 320 -17.55 -17.04 -17.33
N THR A 321 -17.83 -16.01 -18.12
CA THR A 321 -17.14 -14.74 -18.00
C THR A 321 -18.06 -13.61 -17.57
N VAL A 322 -17.68 -12.94 -16.50
CA VAL A 322 -18.46 -11.82 -16.01
C VAL A 322 -17.91 -10.53 -16.58
N THR A 323 -18.78 -9.71 -17.15
CA THR A 323 -18.36 -8.44 -17.71
C THR A 323 -19.42 -7.40 -17.44
N LEU A 324 -19.13 -6.17 -17.86
CA LEU A 324 -20.07 -5.07 -17.66
C LEU A 324 -21.21 -5.14 -18.65
N LEU A 325 -22.41 -4.81 -18.20
CA LEU A 325 -23.56 -4.78 -19.10
C LEU A 325 -23.49 -3.46 -19.86
N ARG A 326 -23.32 -3.53 -21.16
CA ARG A 326 -23.24 -2.30 -21.91
C ARG A 326 -24.48 -2.08 -22.75
N THR A 327 -25.18 -0.99 -22.44
CA THR A 327 -26.41 -0.60 -23.11
C THR A 327 -26.14 0.47 -24.16
N VAL A 328 -26.95 0.48 -25.20
CA VAL A 328 -26.77 1.46 -26.27
C VAL A 328 -27.89 2.49 -26.36
N LYS A 329 -27.67 3.48 -27.23
CA LYS A 329 -28.60 4.58 -27.46
C LYS A 329 -28.07 5.26 -28.73
N PRO A 330 -28.93 5.98 -29.47
CA PRO A 330 -28.45 6.63 -30.68
C PRO A 330 -27.24 7.55 -30.38
N GLU A 331 -27.36 8.34 -29.33
CA GLU A 331 -26.29 9.24 -28.94
C GLU A 331 -24.99 8.48 -28.79
N PHE A 332 -25.03 7.37 -28.06
CA PHE A 332 -23.85 6.56 -27.82
C PHE A 332 -23.18 6.21 -29.14
N GLU A 333 -23.99 5.87 -30.14
CA GLU A 333 -23.51 5.52 -31.46
C GLU A 333 -22.64 6.61 -32.08
N LYS A 334 -23.20 7.81 -32.19
CA LYS A 334 -22.50 8.95 -32.76
C LYS A 334 -21.27 9.32 -31.93
N PHE A 335 -21.41 9.25 -30.62
CA PHE A 335 -20.32 9.55 -29.69
C PHE A 335 -19.18 8.54 -29.89
N SER A 336 -19.55 7.27 -30.02
CA SER A 336 -18.58 6.21 -30.23
C SER A 336 -17.75 6.47 -31.48
N MET A 337 -18.44 6.75 -32.59
CA MET A 337 -17.78 7.00 -33.86
C MET A 337 -16.76 8.13 -33.80
N GLU A 338 -17.22 9.34 -33.48
CA GLU A 338 -16.32 10.48 -33.39
C GLU A 338 -15.10 10.18 -32.53
N VAL A 339 -15.34 9.69 -31.31
CA VAL A 339 -14.24 9.34 -30.42
C VAL A 339 -13.34 8.36 -31.16
N LYS A 340 -13.95 7.41 -31.85
CA LYS A 340 -13.21 6.40 -32.61
C LYS A 340 -12.33 7.03 -33.68
N SER A 341 -12.90 7.93 -34.47
CA SER A 341 -12.14 8.57 -35.54
C SER A 341 -11.05 9.48 -34.99
N SER A 342 -11.37 10.28 -33.99
CA SER A 342 -10.39 11.18 -33.37
C SER A 342 -9.18 10.35 -32.97
N VAL A 343 -9.44 9.22 -32.33
CA VAL A 343 -8.40 8.30 -31.89
C VAL A 343 -7.68 7.72 -33.11
N GLU A 344 -8.45 7.29 -34.11
CA GLU A 344 -7.90 6.71 -35.33
C GLU A 344 -6.91 7.60 -36.04
N LYS A 345 -7.30 8.85 -36.31
CA LYS A 345 -6.40 9.78 -36.97
C LYS A 345 -5.41 10.33 -35.96
N GLN A 346 -5.09 9.50 -34.97
CA GLN A 346 -4.15 9.84 -33.92
C GLN A 346 -3.08 8.75 -33.85
N GLY A 347 -3.41 7.59 -34.40
CA GLY A 347 -2.47 6.49 -34.42
C GLY A 347 -2.88 5.23 -33.67
N LEU A 348 -4.06 5.25 -33.05
CA LEU A 348 -4.53 4.10 -32.27
C LEU A 348 -5.82 3.49 -32.78
N ASN A 349 -5.88 2.17 -32.81
CA ASN A 349 -7.10 1.48 -33.24
C ASN A 349 -7.97 1.34 -31.99
N MET A 350 -9.28 1.54 -32.14
CA MET A 350 -10.16 1.46 -31.00
C MET A 350 -11.29 0.44 -31.16
N GLU A 351 -11.56 -0.31 -30.09
CA GLU A 351 -12.63 -1.29 -30.10
C GLU A 351 -13.93 -0.57 -30.45
N ASP A 352 -14.60 -1.06 -31.49
CA ASP A 352 -15.87 -0.49 -31.96
C ASP A 352 -16.54 0.40 -30.91
N TYR A 353 -17.00 -0.21 -29.83
CA TYR A 353 -17.65 0.55 -28.77
C TYR A 353 -16.60 1.01 -27.76
N VAL A 354 -16.57 2.32 -27.49
CA VAL A 354 -15.61 2.88 -26.55
C VAL A 354 -15.73 2.14 -25.22
N ASN A 355 -14.63 2.06 -24.48
CA ASN A 355 -14.61 1.35 -23.20
C ASN A 355 -15.30 2.10 -22.07
N MET A 356 -15.43 1.44 -20.92
CA MET A 356 -16.07 2.02 -19.75
C MET A 356 -15.39 3.31 -19.26
N PHE A 357 -14.06 3.35 -19.30
CA PHE A 357 -13.34 4.54 -18.84
C PHE A 357 -13.62 5.77 -19.69
N VAL A 358 -13.61 5.60 -21.01
CA VAL A 358 -13.86 6.68 -21.94
C VAL A 358 -15.28 7.22 -21.77
N GLU A 359 -16.23 6.30 -21.63
CA GLU A 359 -17.62 6.64 -21.45
C GLU A 359 -17.77 7.28 -20.08
N GLY A 360 -17.13 6.65 -19.10
CA GLY A 360 -17.19 7.16 -17.74
C GLY A 360 -16.69 8.59 -17.62
N PHE A 361 -15.61 8.92 -18.33
CA PHE A 361 -15.10 10.28 -18.23
C PHE A 361 -16.01 11.30 -18.90
N HIS A 362 -16.79 10.86 -19.88
CA HIS A 362 -17.74 11.76 -20.51
C HIS A 362 -18.79 12.08 -19.45
N ASP A 363 -19.31 11.05 -18.79
CA ASP A 363 -20.32 11.26 -17.76
C ASP A 363 -19.78 12.00 -16.54
N ALA A 364 -18.45 11.96 -16.34
CA ALA A 364 -17.87 12.67 -15.20
C ALA A 364 -18.02 14.17 -15.46
N ILE A 365 -17.77 14.57 -16.70
CA ILE A 365 -17.89 15.96 -17.06
C ILE A 365 -19.31 16.43 -16.78
N LEU A 366 -20.28 15.71 -17.35
CA LEU A 366 -21.69 16.03 -17.17
C LEU A 366 -22.01 16.09 -15.69
N LEU A 367 -21.61 15.06 -14.98
CA LEU A 367 -21.87 15.00 -13.56
C LEU A 367 -21.34 16.23 -12.85
N TYR A 368 -20.05 16.54 -13.05
CA TYR A 368 -19.48 17.71 -12.41
C TYR A 368 -20.32 18.95 -12.72
N VAL A 369 -20.64 19.16 -14.00
CA VAL A 369 -21.43 20.30 -14.41
C VAL A 369 -22.81 20.36 -13.73
N LEU A 370 -23.41 19.19 -13.53
CA LEU A 370 -24.72 19.07 -12.91
C LEU A 370 -24.65 19.44 -11.43
N ALA A 371 -23.48 19.24 -10.83
CA ALA A 371 -23.30 19.56 -9.41
C ALA A 371 -22.94 21.04 -9.24
N LEU A 372 -21.99 21.52 -10.05
CA LEU A 372 -21.57 22.92 -10.00
C LEU A 372 -22.75 23.84 -10.16
N HIS A 373 -23.66 23.44 -11.05
CA HIS A 373 -24.87 24.22 -11.31
C HIS A 373 -25.66 24.36 -10.02
N GLU A 374 -26.10 23.25 -9.45
CA GLU A 374 -26.89 23.28 -8.22
C GLU A 374 -26.18 23.97 -7.08
N VAL A 375 -24.84 23.97 -7.13
CA VAL A 375 -24.04 24.61 -6.09
C VAL A 375 -24.14 26.12 -6.29
N LEU A 376 -23.98 26.56 -7.54
CA LEU A 376 -24.07 27.97 -7.90
C LEU A 376 -25.44 28.53 -7.51
N ARG A 377 -26.49 27.89 -8.01
CA ARG A 377 -27.86 28.29 -7.74
C ARG A 377 -28.17 28.40 -6.26
N ALA A 378 -27.25 27.96 -5.41
CA ALA A 378 -27.46 28.05 -3.97
C ALA A 378 -26.52 29.04 -3.30
N GLY A 379 -25.86 29.87 -4.10
CA GLY A 379 -24.97 30.88 -3.54
C GLY A 379 -23.51 30.52 -3.33
N TYR A 380 -23.20 29.22 -3.36
CA TYR A 380 -21.83 28.76 -3.17
C TYR A 380 -21.03 28.86 -4.45
N SER A 381 -19.72 28.66 -4.36
CA SER A 381 -18.86 28.76 -5.53
C SER A 381 -18.20 27.44 -5.89
N LYS A 382 -17.53 27.43 -7.03
CA LYS A 382 -16.82 26.24 -7.50
C LYS A 382 -15.73 25.87 -6.48
N LYS A 383 -15.37 26.81 -5.62
CA LYS A 383 -14.34 26.54 -4.62
C LYS A 383 -14.84 25.80 -3.40
N ASP A 384 -16.14 25.51 -3.35
CA ASP A 384 -16.70 24.74 -2.23
C ASP A 384 -16.65 23.29 -2.68
N GLY A 385 -15.43 22.76 -2.82
CA GLY A 385 -15.24 21.39 -3.29
C GLY A 385 -16.08 20.29 -2.65
N GLY A 386 -16.12 20.26 -1.32
CA GLY A 386 -16.89 19.26 -0.62
C GLY A 386 -18.35 19.37 -1.01
N LYS A 387 -18.86 20.61 -1.03
CA LYS A 387 -20.24 20.86 -1.39
C LYS A 387 -20.54 20.39 -2.82
N ILE A 388 -19.55 20.41 -3.70
CA ILE A 388 -19.76 19.96 -5.07
C ILE A 388 -19.76 18.45 -5.13
N ILE A 389 -18.88 17.83 -4.35
CA ILE A 389 -18.79 16.38 -4.32
C ILE A 389 -20.12 15.81 -3.81
N GLN A 390 -20.68 16.47 -2.80
CA GLN A 390 -21.95 16.02 -2.21
C GLN A 390 -23.12 16.09 -3.19
N GLN A 391 -23.07 17.05 -4.11
CA GLN A 391 -24.13 17.18 -5.10
C GLN A 391 -24.01 16.09 -6.15
N THR A 392 -22.84 15.46 -6.23
CA THR A 392 -22.63 14.41 -7.24
C THR A 392 -23.06 13.06 -6.73
N TRP A 393 -23.23 12.94 -5.42
CA TRP A 393 -23.65 11.66 -4.83
C TRP A 393 -25.14 11.44 -4.80
N ASN A 394 -25.53 10.24 -4.40
CA ASN A 394 -26.92 9.83 -4.32
C ASN A 394 -27.83 10.54 -5.30
N ARG A 395 -27.51 10.43 -6.59
CA ARG A 395 -28.32 11.06 -7.62
C ARG A 395 -28.24 10.27 -8.92
N THR A 396 -29.31 10.34 -9.72
CA THR A 396 -29.39 9.64 -10.98
C THR A 396 -29.43 10.64 -12.14
N PHE A 397 -28.70 10.37 -13.21
CA PHE A 397 -28.72 11.26 -14.37
C PHE A 397 -28.60 10.47 -15.66
N GLU A 398 -28.59 11.19 -16.79
CA GLU A 398 -28.50 10.59 -18.11
C GLU A 398 -27.11 10.70 -18.72
N GLY A 399 -26.39 9.60 -18.76
CA GLY A 399 -25.06 9.61 -19.33
C GLY A 399 -25.17 9.43 -20.83
N ILE A 400 -24.04 9.25 -21.49
CA ILE A 400 -24.01 9.07 -22.93
C ILE A 400 -24.59 7.73 -23.37
N ALA A 401 -24.47 6.71 -22.51
CA ALA A 401 -24.96 5.37 -22.86
C ALA A 401 -26.31 5.05 -22.24
N GLY A 402 -26.85 5.96 -21.45
CA GLY A 402 -28.12 5.69 -20.81
C GLY A 402 -28.05 6.21 -19.40
N GLN A 403 -29.00 5.81 -18.55
CA GLN A 403 -29.00 6.28 -17.18
C GLN A 403 -27.75 5.90 -16.42
N VAL A 404 -27.43 6.71 -15.42
CA VAL A 404 -26.29 6.48 -14.55
C VAL A 404 -26.74 6.85 -13.13
N SER A 405 -26.51 5.95 -12.19
CA SER A 405 -26.86 6.24 -10.81
C SER A 405 -25.62 6.10 -9.96
N ILE A 406 -25.50 6.96 -8.96
CA ILE A 406 -24.36 6.98 -8.06
C ILE A 406 -24.92 6.92 -6.65
N ASP A 407 -24.57 5.87 -5.92
CA ASP A 407 -25.11 5.67 -4.58
C ASP A 407 -24.83 6.77 -3.57
N ALA A 408 -25.29 6.55 -2.35
CA ALA A 408 -25.13 7.53 -1.28
C ALA A 408 -23.72 7.64 -0.74
N ASN A 409 -22.80 6.84 -1.28
CA ASN A 409 -21.41 6.88 -0.82
C ASN A 409 -20.51 7.45 -1.92
N GLY A 410 -21.12 7.91 -3.01
CA GLY A 410 -20.37 8.49 -4.10
C GLY A 410 -19.78 7.47 -5.03
N ASP A 411 -20.38 6.28 -5.08
CA ASP A 411 -19.89 5.22 -5.93
C ASP A 411 -20.97 4.75 -6.88
N ARG A 412 -20.65 4.77 -8.17
CA ARG A 412 -21.60 4.37 -9.20
C ARG A 412 -22.13 2.94 -9.12
N TYR A 413 -23.43 2.78 -9.39
CA TYR A 413 -24.06 1.47 -9.39
C TYR A 413 -23.70 0.85 -10.73
N GLY A 414 -23.26 -0.40 -10.73
CA GLY A 414 -22.89 -1.05 -11.99
C GLY A 414 -23.79 -2.21 -12.38
N ASP A 415 -23.97 -2.42 -13.68
CA ASP A 415 -24.77 -3.52 -14.20
C ASP A 415 -23.80 -4.50 -14.87
N PHE A 416 -24.00 -5.80 -14.64
CA PHE A 416 -23.11 -6.80 -15.22
C PHE A 416 -23.89 -7.84 -16.01
N SER A 417 -23.16 -8.53 -16.87
CA SER A 417 -23.70 -9.61 -17.69
C SER A 417 -22.81 -10.82 -17.45
N VAL A 418 -23.32 -12.02 -17.70
CA VAL A 418 -22.58 -13.26 -17.53
C VAL A 418 -22.64 -13.98 -18.87
N ILE A 419 -21.48 -14.22 -19.49
CA ILE A 419 -21.43 -14.91 -20.78
C ILE A 419 -21.10 -16.39 -20.62
N ALA A 420 -21.91 -17.25 -21.23
CA ALA A 420 -21.71 -18.69 -21.16
C ALA A 420 -21.82 -19.33 -22.55
N MET A 421 -21.20 -20.50 -22.70
CA MET A 421 -21.21 -21.26 -23.96
C MET A 421 -22.58 -21.96 -24.07
N THR A 422 -23.41 -21.47 -25.00
CA THR A 422 -24.76 -22.00 -25.23
C THR A 422 -24.84 -23.17 -26.20
N ASP A 423 -23.76 -23.42 -26.94
CA ASP A 423 -23.69 -24.52 -27.89
C ASP A 423 -22.24 -24.98 -27.97
N VAL A 424 -21.95 -26.08 -27.30
CA VAL A 424 -20.60 -26.64 -27.23
C VAL A 424 -19.98 -27.08 -28.54
N GLU A 425 -20.81 -27.47 -29.51
CA GLU A 425 -20.28 -27.92 -30.79
C GLU A 425 -19.68 -26.76 -31.57
N ALA A 426 -20.49 -25.74 -31.78
CA ALA A 426 -20.05 -24.56 -32.50
C ALA A 426 -19.01 -23.83 -31.67
N GLY A 427 -19.41 -23.49 -30.44
CA GLY A 427 -18.53 -22.76 -29.54
C GLY A 427 -19.17 -21.39 -29.31
N THR A 428 -20.47 -21.32 -29.50
CA THR A 428 -21.22 -20.09 -29.34
C THR A 428 -21.30 -19.66 -27.88
N GLN A 429 -20.95 -18.40 -27.64
CA GLN A 429 -21.00 -17.81 -26.30
C GLN A 429 -22.04 -16.70 -26.31
N GLU A 430 -22.79 -16.58 -25.23
CA GLU A 430 -23.82 -15.55 -25.16
C GLU A 430 -24.16 -15.12 -23.74
N VAL A 431 -24.63 -13.90 -23.59
CA VAL A 431 -25.01 -13.41 -22.29
C VAL A 431 -26.24 -14.19 -21.86
N ILE A 432 -26.07 -15.04 -20.85
CA ILE A 432 -27.18 -15.84 -20.35
C ILE A 432 -27.89 -15.14 -19.21
N GLY A 433 -27.24 -14.15 -18.60
CA GLY A 433 -27.86 -13.44 -17.49
C GLY A 433 -27.23 -12.07 -17.23
N ASP A 434 -27.96 -11.22 -16.53
CA ASP A 434 -27.48 -9.88 -16.21
C ASP A 434 -27.81 -9.58 -14.77
N TYR A 435 -27.14 -8.58 -14.21
CA TYR A 435 -27.39 -8.15 -12.84
C TYR A 435 -27.56 -6.65 -12.91
N PHE A 436 -28.40 -6.11 -12.04
CA PHE A 436 -28.61 -4.67 -12.01
C PHE A 436 -28.38 -4.20 -10.59
N GLY A 437 -27.17 -3.67 -10.39
CA GLY A 437 -26.76 -3.21 -9.07
C GLY A 437 -27.74 -2.36 -8.31
N LYS A 438 -28.36 -1.39 -8.97
CA LYS A 438 -29.30 -0.53 -8.27
C LYS A 438 -30.52 -1.32 -7.83
N GLU A 439 -31.15 -1.99 -8.78
CA GLU A 439 -32.32 -2.78 -8.46
C GLU A 439 -31.92 -3.89 -7.49
N GLY A 440 -30.67 -4.35 -7.64
CA GLY A 440 -30.17 -5.40 -6.77
C GLY A 440 -30.72 -6.77 -7.07
N ARG A 441 -31.04 -7.02 -8.33
CA ARG A 441 -31.56 -8.32 -8.69
C ARG A 441 -30.92 -8.84 -9.95
N PHE A 442 -30.52 -10.10 -9.90
CA PHE A 442 -29.88 -10.81 -11.02
C PHE A 442 -30.98 -11.57 -11.73
N GLU A 443 -30.91 -11.65 -13.05
CA GLU A 443 -31.92 -12.39 -13.80
C GLU A 443 -31.38 -12.93 -15.11
N MET A 444 -31.56 -14.23 -15.33
CA MET A 444 -31.11 -14.89 -16.57
C MET A 444 -31.94 -14.31 -17.71
N ARG A 445 -31.36 -14.26 -18.92
CA ARG A 445 -32.08 -13.72 -20.05
C ARG A 445 -33.16 -14.66 -20.57
N PRO A 446 -34.44 -14.22 -20.50
CA PRO A 446 -35.65 -14.93 -20.92
C PRO A 446 -35.46 -15.90 -22.09
N ALA B 47 36.82 31.46 3.37
CA ALA B 47 36.71 30.71 2.09
C ALA B 47 35.28 30.22 1.84
N LEU B 48 34.41 30.39 2.84
CA LEU B 48 33.00 29.98 2.73
C LEU B 48 32.12 30.82 3.64
N PRO B 49 30.96 31.26 3.12
CA PRO B 49 29.99 32.08 3.86
C PRO B 49 29.17 31.25 4.83
N PRO B 50 28.53 31.91 5.82
CA PRO B 50 27.71 31.18 6.79
C PRO B 50 26.59 30.43 6.06
N GLN B 51 26.76 29.12 5.91
CA GLN B 51 25.77 28.29 5.26
C GLN B 51 24.57 28.27 6.19
N LYS B 52 23.38 28.03 5.66
CA LYS B 52 22.17 28.00 6.49
C LYS B 52 21.25 26.88 6.05
N ILE B 53 21.13 25.85 6.89
CA ILE B 53 20.30 24.71 6.59
C ILE B 53 18.92 24.76 7.21
N GLU B 54 17.92 24.71 6.34
CA GLU B 54 16.51 24.73 6.72
C GLU B 54 16.16 23.24 6.82
N VAL B 55 15.78 22.80 8.02
CA VAL B 55 15.46 21.39 8.24
C VAL B 55 14.02 21.15 8.68
N LEU B 56 13.42 20.12 8.09
CA LEU B 56 12.04 19.73 8.38
C LEU B 56 12.06 18.37 9.07
N VAL B 57 11.56 18.33 10.29
CA VAL B 57 11.48 17.09 11.05
C VAL B 57 10.02 16.68 11.13
N LEU B 58 9.72 15.46 10.68
CA LEU B 58 8.35 14.95 10.67
C LEU B 58 8.23 13.66 11.50
N LEU B 59 7.74 13.80 12.72
CA LEU B 59 7.57 12.68 13.62
C LEU B 59 6.25 12.99 14.30
N PRO B 60 5.69 12.06 15.08
CA PRO B 60 4.40 12.30 15.76
C PRO B 60 4.43 13.23 16.97
N GLN B 61 3.42 14.09 17.07
CA GLN B 61 3.33 15.00 18.18
C GLN B 61 2.98 14.16 19.41
N ASP B 62 2.14 13.16 19.19
CA ASP B 62 1.71 12.25 20.24
C ASP B 62 2.91 11.52 20.83
N ASP B 63 3.03 11.56 22.15
CA ASP B 63 4.16 10.91 22.81
C ASP B 63 3.92 9.42 23.02
N SER B 64 2.82 8.92 22.47
CA SER B 64 2.52 7.50 22.56
C SER B 64 3.61 6.76 21.80
N TYR B 65 4.20 7.43 20.82
CA TYR B 65 5.26 6.84 20.01
C TYR B 65 6.63 7.04 20.64
N LEU B 66 7.51 6.07 20.50
CA LEU B 66 8.85 6.19 21.05
C LEU B 66 9.70 7.22 20.29
N PHE B 67 9.26 7.61 19.10
CA PHE B 67 9.99 8.57 18.29
C PHE B 67 9.25 9.90 18.14
N SER B 68 8.43 10.26 19.12
CA SER B 68 7.67 11.52 19.09
C SER B 68 8.59 12.73 19.05
N LEU B 69 8.05 13.84 18.57
CA LEU B 69 8.81 15.09 18.46
C LEU B 69 9.45 15.49 19.79
N THR B 70 8.74 15.28 20.89
CA THR B 70 9.26 15.64 22.20
C THR B 70 10.41 14.75 22.64
N ARG B 71 10.30 13.47 22.33
CA ARG B 71 11.34 12.51 22.69
C ARG B 71 12.59 12.66 21.82
N VAL B 72 12.38 13.00 20.54
CA VAL B 72 13.50 13.13 19.61
C VAL B 72 14.14 14.52 19.56
N ARG B 73 13.31 15.56 19.53
CA ARG B 73 13.84 16.92 19.45
C ARG B 73 15.11 17.19 20.27
N PRO B 74 15.16 16.71 21.52
CA PRO B 74 16.34 16.94 22.35
C PRO B 74 17.62 16.38 21.74
N ALA B 75 17.54 15.15 21.27
CA ALA B 75 18.67 14.47 20.63
C ALA B 75 19.14 15.22 19.38
N ILE B 76 18.18 15.81 18.66
CA ILE B 76 18.50 16.55 17.46
C ILE B 76 19.30 17.79 17.85
N GLU B 77 18.79 18.48 18.86
CA GLU B 77 19.41 19.68 19.38
C GLU B 77 20.80 19.41 19.92
N TYR B 78 20.97 18.27 20.57
CA TYR B 78 22.28 17.92 21.11
C TYR B 78 23.28 17.82 19.96
N ALA B 79 22.92 17.12 18.90
CA ALA B 79 23.83 16.96 17.77
C ALA B 79 24.11 18.29 17.10
N LEU B 80 23.15 19.20 17.19
CA LEU B 80 23.28 20.51 16.57
C LEU B 80 24.26 21.43 17.31
N ARG B 81 24.59 21.12 18.55
CA ARG B 81 25.54 21.92 19.30
C ARG B 81 26.95 21.48 18.91
N SER B 82 27.25 20.21 19.13
CA SER B 82 28.56 19.67 18.80
C SER B 82 28.90 19.84 17.32
N VAL B 83 27.98 20.39 16.55
CA VAL B 83 28.20 20.59 15.13
C VAL B 83 28.34 22.10 14.83
N GLU B 84 27.57 22.91 15.53
CA GLU B 84 27.63 24.36 15.37
C GLU B 84 28.69 24.88 16.33
N GLY B 85 29.54 23.97 16.81
CA GLY B 85 30.60 24.34 17.73
C GLY B 85 31.98 23.98 17.19
N LEU B 92 33.93 21.51 11.05
CA LEU B 92 33.30 20.75 9.98
C LEU B 92 32.61 21.63 8.97
N LEU B 93 31.88 22.64 9.45
CA LEU B 93 31.19 23.56 8.56
C LEU B 93 31.66 24.99 8.83
N PRO B 94 31.53 25.88 7.83
CA PRO B 94 31.94 27.28 8.00
C PRO B 94 31.30 27.93 9.22
N PRO B 95 32.01 28.85 9.88
CA PRO B 95 31.47 29.52 11.07
C PRO B 95 30.24 30.35 10.73
N GLY B 96 29.23 30.26 11.59
CA GLY B 96 27.99 30.99 11.35
C GLY B 96 26.95 30.03 10.82
N THR B 97 27.42 28.98 10.15
CA THR B 97 26.55 27.95 9.58
C THR B 97 25.46 27.61 10.59
N ARG B 98 24.20 27.86 10.24
CA ARG B 98 23.12 27.55 11.16
C ARG B 98 22.07 26.59 10.58
N PHE B 99 21.37 25.92 11.49
CA PHE B 99 20.34 24.98 11.13
C PHE B 99 19.01 25.49 11.63
N GLN B 100 18.09 25.75 10.70
CA GLN B 100 16.76 26.23 11.07
C GLN B 100 15.89 24.98 11.04
N VAL B 101 15.47 24.52 12.21
CA VAL B 101 14.67 23.29 12.28
C VAL B 101 13.18 23.48 12.54
N ALA B 102 12.36 22.97 11.63
CA ALA B 102 10.91 23.03 11.77
C ALA B 102 10.46 21.64 12.20
N TYR B 103 9.81 21.56 13.35
CA TYR B 103 9.31 20.31 13.91
C TYR B 103 7.84 20.17 13.63
N GLU B 104 7.50 19.38 12.63
CA GLU B 104 6.11 19.18 12.23
C GLU B 104 5.56 17.78 12.54
N ASP B 105 4.30 17.74 12.97
CA ASP B 105 3.59 16.51 13.32
C ASP B 105 3.30 15.66 12.10
N SER B 106 3.72 14.41 12.11
CA SER B 106 3.48 13.51 10.99
C SER B 106 2.16 12.79 11.21
N ASP B 107 1.77 12.65 12.48
CA ASP B 107 0.53 11.96 12.82
C ASP B 107 0.62 10.53 12.33
N CYS B 108 1.87 10.09 12.12
CA CYS B 108 2.15 8.74 11.63
C CYS B 108 1.23 8.42 10.45
N GLY B 109 0.98 9.41 9.60
CA GLY B 109 0.10 9.20 8.46
C GLY B 109 0.16 10.29 7.40
N ASN B 110 -0.97 10.56 6.76
CA ASN B 110 -1.09 11.55 5.70
C ASN B 110 -0.59 12.97 6.00
N ARG B 111 -0.60 13.33 7.28
CA ARG B 111 -0.17 14.63 7.73
C ARG B 111 1.24 14.96 7.27
N ALA B 112 2.11 13.94 7.29
CA ALA B 112 3.49 14.13 6.85
C ALA B 112 3.50 14.74 5.43
N LEU B 113 2.75 14.14 4.52
CA LEU B 113 2.68 14.63 3.15
C LEU B 113 1.98 15.99 3.06
N PHE B 114 0.85 16.16 3.76
CA PHE B 114 0.12 17.43 3.74
C PHE B 114 1.00 18.59 4.15
N SER B 115 1.67 18.44 5.29
CA SER B 115 2.54 19.49 5.78
C SER B 115 3.73 19.78 4.87
N LEU B 116 4.37 18.75 4.35
CA LEU B 116 5.51 18.96 3.47
C LEU B 116 5.01 19.73 2.26
N VAL B 117 3.90 19.27 1.69
CA VAL B 117 3.35 19.93 0.51
C VAL B 117 2.78 21.33 0.77
N ASP B 118 2.08 21.53 1.89
CA ASP B 118 1.57 22.87 2.16
C ASP B 118 2.71 23.87 2.43
N ARG B 119 3.79 23.37 3.00
CA ARG B 119 4.96 24.20 3.30
C ARG B 119 5.61 24.65 2.00
N VAL B 120 5.84 23.74 1.08
CA VAL B 120 6.46 24.12 -0.17
C VAL B 120 5.56 24.99 -1.06
N ALA B 121 4.26 24.80 -0.99
CA ALA B 121 3.36 25.59 -1.83
C ALA B 121 3.10 26.98 -1.25
N ALA B 122 2.97 27.07 0.08
CA ALA B 122 2.72 28.35 0.73
C ALA B 122 3.87 29.33 0.49
N ALA B 123 5.03 29.00 1.04
CA ALA B 123 6.21 29.84 0.88
C ALA B 123 6.84 29.55 -0.45
N ARG B 124 6.44 30.34 -1.46
CA ARG B 124 6.98 30.21 -2.80
C ARG B 124 6.89 28.74 -3.19
N GLY B 125 7.97 28.24 -3.79
CA GLY B 125 8.06 26.85 -4.18
C GLY B 125 9.36 26.34 -3.60
N ALA B 126 9.77 26.97 -2.49
CA ALA B 126 11.01 26.65 -1.79
C ALA B 126 10.92 25.42 -0.89
N LYS B 127 11.83 24.47 -1.13
CA LYS B 127 11.86 23.22 -0.37
C LYS B 127 12.85 23.29 0.79
N PRO B 128 12.57 22.60 1.91
CA PRO B 128 13.52 22.65 3.01
C PRO B 128 14.80 21.99 2.52
N ASP B 129 15.90 22.12 3.26
CA ASP B 129 17.18 21.53 2.85
C ASP B 129 17.33 20.07 3.24
N LEU B 130 16.83 19.74 4.42
CA LEU B 130 16.91 18.38 4.94
C LEU B 130 15.58 17.98 5.55
N ILE B 131 15.26 16.69 5.44
CA ILE B 131 14.04 16.19 6.02
C ILE B 131 14.43 15.01 6.90
N LEU B 132 13.95 15.07 8.14
CA LEU B 132 14.19 14.05 9.15
C LEU B 132 12.86 13.36 9.44
N GLY B 133 12.79 12.06 9.12
CA GLY B 133 11.56 11.31 9.31
C GLY B 133 10.74 11.41 8.02
N PRO B 134 9.50 10.90 7.98
CA PRO B 134 8.75 10.20 9.03
C PRO B 134 9.38 8.86 9.38
N VAL B 135 8.92 8.30 10.50
CA VAL B 135 9.38 7.03 10.96
C VAL B 135 8.42 5.97 10.45
N CYS B 136 7.12 6.24 10.66
CA CYS B 136 6.05 5.35 10.25
C CYS B 136 6.13 5.04 8.79
N GLU B 137 6.02 3.75 8.47
CA GLU B 137 6.13 3.22 7.12
C GLU B 137 5.20 3.85 6.10
N TYR B 138 3.91 3.84 6.38
CA TYR B 138 2.97 4.42 5.43
C TYR B 138 3.07 5.94 5.31
N ALA B 139 3.76 6.55 6.27
CA ALA B 139 3.93 8.00 6.28
C ALA B 139 5.20 8.41 5.55
N ALA B 140 6.23 7.58 5.64
CA ALA B 140 7.50 7.88 4.99
C ALA B 140 7.50 7.68 3.46
N ALA B 141 6.87 6.63 2.99
CA ALA B 141 6.83 6.36 1.54
C ALA B 141 6.49 7.58 0.69
N PRO B 142 5.42 8.30 1.04
CA PRO B 142 5.07 9.48 0.24
C PRO B 142 6.09 10.61 0.36
N VAL B 143 6.70 10.75 1.53
CA VAL B 143 7.67 11.81 1.68
C VAL B 143 8.98 11.45 0.94
N ALA B 144 9.39 10.18 1.04
CA ALA B 144 10.61 9.68 0.38
C ALA B 144 10.47 9.88 -1.12
N ARG B 145 9.32 9.53 -1.66
CA ARG B 145 9.07 9.69 -3.08
C ARG B 145 9.20 11.17 -3.45
N LEU B 146 8.56 12.05 -2.70
CA LEU B 146 8.66 13.47 -3.03
C LEU B 146 10.08 13.96 -2.89
N ALA B 147 10.77 13.51 -1.86
CA ALA B 147 12.15 13.93 -1.65
C ALA B 147 13.01 13.53 -2.85
N SER B 148 12.83 12.31 -3.36
CA SER B 148 13.59 11.85 -4.52
C SER B 148 13.28 12.66 -5.78
N HIS B 149 12.04 13.17 -5.87
CA HIS B 149 11.58 13.95 -7.02
C HIS B 149 12.19 15.35 -6.98
N TRP B 150 12.25 15.89 -5.77
CA TRP B 150 12.78 17.23 -5.55
C TRP B 150 14.27 17.21 -5.24
N ASP B 151 14.91 16.06 -5.41
CA ASP B 151 16.34 15.95 -5.15
C ASP B 151 16.71 16.48 -3.77
N LEU B 152 15.90 16.14 -2.77
CA LEU B 152 16.17 16.57 -1.40
C LEU B 152 16.58 15.34 -0.62
N PRO B 153 17.59 15.50 0.25
CA PRO B 153 18.07 14.36 1.05
C PRO B 153 17.12 14.07 2.21
N MET B 154 16.76 12.80 2.35
CA MET B 154 15.86 12.36 3.42
C MET B 154 16.52 11.30 4.30
N LEU B 155 16.60 11.57 5.59
CA LEU B 155 17.18 10.63 6.52
C LEU B 155 16.16 10.29 7.59
N SER B 156 16.04 9.00 7.86
CA SER B 156 15.10 8.56 8.88
C SER B 156 15.67 7.46 9.75
N ALA B 157 15.18 7.40 10.98
CA ALA B 157 15.60 6.37 11.92
C ALA B 157 14.56 5.28 11.79
N GLY B 158 13.70 5.44 10.78
CA GLY B 158 12.62 4.50 10.55
C GLY B 158 12.50 4.03 9.13
N ALA B 159 11.26 4.04 8.62
CA ALA B 159 11.02 3.57 7.27
C ALA B 159 11.74 2.23 7.15
N LEU B 160 11.47 1.35 8.10
CA LEU B 160 12.11 0.05 8.18
C LEU B 160 11.62 -1.08 7.28
N ALA B 161 10.46 -0.90 6.65
CA ALA B 161 9.91 -1.94 5.78
C ALA B 161 10.86 -2.40 4.67
N ALA B 162 10.56 -3.56 4.11
CA ALA B 162 11.33 -4.19 3.03
C ALA B 162 11.26 -3.46 1.67
N GLY B 163 10.20 -2.72 1.43
CA GLY B 163 10.06 -2.02 0.16
C GLY B 163 10.98 -0.84 -0.07
N PHE B 164 11.50 -0.25 1.00
CA PHE B 164 12.39 0.90 0.88
C PHE B 164 13.80 0.47 0.49
N GLN B 165 13.99 -0.84 0.35
CA GLN B 165 15.26 -1.44 -0.01
C GLN B 165 15.65 -1.06 -1.45
N HIS B 166 14.64 -0.99 -2.32
CA HIS B 166 14.86 -0.66 -3.72
C HIS B 166 14.90 0.85 -3.92
N LYS B 167 16.13 1.37 -4.04
CA LYS B 167 16.35 2.80 -4.19
C LYS B 167 16.83 3.25 -5.55
N ASP B 168 16.60 2.41 -6.56
CA ASP B 168 17.00 2.74 -7.92
C ASP B 168 16.23 3.93 -8.43
N SER B 169 14.98 4.08 -7.99
CA SER B 169 14.17 5.20 -8.44
C SER B 169 13.48 6.03 -7.36
N GLU B 170 12.26 5.64 -7.00
CA GLU B 170 11.50 6.40 -6.01
C GLU B 170 12.13 6.67 -4.66
N TYR B 171 12.81 5.67 -4.09
CA TYR B 171 13.44 5.85 -2.79
C TYR B 171 14.95 6.13 -2.87
N SER B 172 15.39 6.72 -3.97
CA SER B 172 16.80 7.03 -4.18
C SER B 172 17.41 8.01 -3.17
N HIS B 173 16.63 8.98 -2.70
CA HIS B 173 17.16 9.94 -1.74
C HIS B 173 16.86 9.62 -0.28
N LEU B 174 16.74 8.34 0.03
CA LEU B 174 16.46 7.93 1.40
C LEU B 174 17.61 7.15 2.01
N THR B 175 18.09 7.58 3.18
CA THR B 175 19.13 6.82 3.86
C THR B 175 18.58 6.54 5.25
N ARG B 176 18.53 5.25 5.58
CA ARG B 176 18.01 4.80 6.86
C ARG B 176 19.18 4.59 7.82
N VAL B 177 19.18 5.33 8.92
CA VAL B 177 20.24 5.24 9.91
C VAL B 177 20.01 4.18 11.00
N ALA B 178 18.84 3.55 11.00
CA ALA B 178 18.53 2.50 11.98
C ALA B 178 18.42 1.16 11.24
N PRO B 179 18.63 0.03 11.93
CA PRO B 179 18.54 -1.27 11.25
C PRO B 179 17.17 -1.59 10.65
N ALA B 180 17.14 -1.92 9.36
CA ALA B 180 15.88 -2.25 8.72
C ALA B 180 15.47 -3.67 9.11
N TYR B 181 14.19 -3.95 9.01
CA TYR B 181 13.67 -5.26 9.37
C TYR B 181 14.34 -6.38 8.57
N ALA B 182 14.93 -6.03 7.43
CA ALA B 182 15.61 -7.03 6.60
C ALA B 182 16.92 -7.42 7.28
N LYS B 183 17.58 -6.43 7.90
CA LYS B 183 18.81 -6.72 8.61
C LYS B 183 18.48 -7.70 9.72
N MET B 184 17.28 -7.56 10.27
CA MET B 184 16.85 -8.42 11.35
C MET B 184 16.63 -9.81 10.79
N GLY B 185 16.15 -9.87 9.54
CA GLY B 185 15.90 -11.14 8.89
C GLY B 185 17.17 -11.92 8.63
N GLU B 186 18.19 -11.25 8.16
CA GLU B 186 19.48 -11.87 7.88
C GLU B 186 20.04 -12.45 9.17
N MET B 187 19.62 -11.86 10.28
CA MET B 187 20.06 -12.29 11.60
C MET B 187 19.42 -13.64 11.93
N MET B 188 18.11 -13.75 11.73
CA MET B 188 17.41 -15.00 12.01
C MET B 188 18.00 -16.08 11.12
N LEU B 189 18.19 -15.76 9.84
CA LEU B 189 18.76 -16.71 8.91
C LEU B 189 20.01 -17.35 9.55
N ALA B 190 20.95 -16.54 10.03
CA ALA B 190 22.16 -17.09 10.65
C ALA B 190 21.81 -17.88 11.90
N LEU B 191 20.83 -17.38 12.65
CA LEU B 191 20.41 -18.06 13.85
C LEU B 191 19.92 -19.45 13.45
N PHE B 192 19.25 -19.52 12.30
CA PHE B 192 18.72 -20.77 11.80
C PHE B 192 19.76 -21.73 11.26
N ARG B 193 20.75 -21.22 10.53
CA ARG B 193 21.79 -22.09 10.00
C ARG B 193 22.52 -22.71 11.19
N HIS B 194 22.76 -21.89 12.20
CA HIS B 194 23.45 -22.35 13.39
C HIS B 194 22.80 -23.58 14.00
N HIS B 195 21.47 -23.55 14.11
CA HIS B 195 20.75 -24.69 14.67
C HIS B 195 20.30 -25.72 13.64
N HIS B 196 20.60 -25.47 12.38
CA HIS B 196 20.22 -26.36 11.29
C HIS B 196 18.71 -26.35 11.05
N TRP B 197 18.01 -25.32 11.53
CA TRP B 197 16.57 -25.24 11.31
C TRP B 197 16.37 -24.85 9.85
N SER B 198 15.22 -25.18 9.28
CA SER B 198 14.98 -24.85 7.89
C SER B 198 13.53 -24.49 7.59
N ARG B 199 12.68 -24.57 8.59
CA ARG B 199 11.27 -24.25 8.41
C ARG B 199 10.80 -23.49 9.64
N ALA B 200 9.92 -22.50 9.43
CA ALA B 200 9.43 -21.72 10.55
C ALA B 200 7.98 -21.31 10.38
N ALA B 201 7.41 -20.81 11.47
CA ALA B 201 6.03 -20.32 11.45
C ALA B 201 6.13 -18.85 11.78
N LEU B 202 5.52 -18.00 10.97
CA LEU B 202 5.56 -16.58 11.21
C LEU B 202 4.16 -16.21 11.72
N VAL B 203 4.09 -15.79 12.99
CA VAL B 203 2.83 -15.42 13.66
C VAL B 203 2.88 -13.96 14.04
N TYR B 204 2.01 -13.15 13.47
CA TYR B 204 2.05 -11.73 13.80
C TYR B 204 0.68 -11.10 13.82
N SER B 205 0.59 -9.97 14.50
CA SER B 205 -0.65 -9.23 14.55
C SER B 205 -0.61 -8.21 13.42
N ASP B 206 -1.71 -8.09 12.70
CA ASP B 206 -1.84 -7.17 11.60
C ASP B 206 -3.07 -6.30 11.86
N ASP B 207 -2.85 -5.08 12.30
CA ASP B 207 -3.95 -4.17 12.60
C ASP B 207 -4.51 -3.50 11.36
N LYS B 208 -3.86 -3.73 10.22
CA LYS B 208 -4.31 -3.14 8.96
C LYS B 208 -4.25 -1.63 9.02
N LEU B 209 -3.35 -1.11 9.85
CA LEU B 209 -3.17 0.33 10.00
C LEU B 209 -1.69 0.69 9.92
N GLU B 210 -1.00 0.68 11.06
CA GLU B 210 0.43 0.99 11.04
C GLU B 210 1.20 -0.26 10.62
N ARG B 211 0.63 -1.43 10.94
CA ARG B 211 1.20 -2.71 10.56
C ARG B 211 2.68 -2.95 10.91
N ASN B 212 3.10 -2.45 12.06
CA ASN B 212 4.48 -2.61 12.44
C ASN B 212 4.92 -4.07 12.46
N CYS B 213 4.13 -4.94 13.09
CA CYS B 213 4.52 -6.33 13.18
C CYS B 213 4.50 -7.06 11.86
N TYR B 214 3.56 -6.70 10.99
CA TYR B 214 3.51 -7.31 9.68
C TYR B 214 4.78 -6.92 8.90
N PHE B 215 5.11 -5.63 8.84
CA PHE B 215 6.34 -5.21 8.15
C PHE B 215 7.54 -5.89 8.79
N THR B 216 7.48 -6.09 10.10
CA THR B 216 8.58 -6.75 10.82
C THR B 216 8.81 -8.18 10.29
N LEU B 217 7.78 -9.01 10.30
CA LEU B 217 7.96 -10.36 9.84
C LEU B 217 8.10 -10.44 8.32
N GLU B 218 7.76 -9.35 7.63
CA GLU B 218 7.91 -9.35 6.19
C GLU B 218 9.43 -9.34 5.96
N GLY B 219 10.16 -8.78 6.91
CA GLY B 219 11.60 -8.73 6.79
C GLY B 219 12.20 -10.12 6.89
N VAL B 220 11.62 -10.95 7.74
CA VAL B 220 12.12 -12.30 7.91
C VAL B 220 11.71 -13.13 6.71
N HIS B 221 10.51 -12.90 6.23
CA HIS B 221 10.00 -13.64 5.09
C HIS B 221 10.89 -13.46 3.87
N GLU B 222 11.10 -12.20 3.48
CA GLU B 222 11.91 -11.89 2.31
C GLU B 222 13.23 -12.66 2.31
N VAL B 223 13.95 -12.61 3.43
CA VAL B 223 15.22 -13.32 3.51
C VAL B 223 15.04 -14.84 3.46
N PHE B 224 14.08 -15.36 4.20
CA PHE B 224 13.88 -16.79 4.21
C PHE B 224 13.49 -17.32 2.84
N GLN B 225 12.62 -16.60 2.14
CA GLN B 225 12.18 -17.02 0.82
C GLN B 225 13.31 -17.09 -0.21
N GLU B 226 14.19 -16.10 -0.20
CA GLU B 226 15.28 -16.05 -1.16
C GLU B 226 16.34 -17.10 -0.85
N GLU B 227 16.33 -17.60 0.38
CA GLU B 227 17.30 -18.59 0.81
C GLU B 227 16.84 -20.04 0.68
N GLY B 228 15.54 -20.26 0.74
CA GLY B 228 15.04 -21.62 0.59
C GLY B 228 14.23 -22.17 1.73
N LEU B 229 14.29 -21.53 2.89
CA LEU B 229 13.55 -22.01 4.06
C LEU B 229 12.04 -21.85 3.89
N HIS B 230 11.29 -22.91 4.16
CA HIS B 230 9.84 -22.83 4.05
C HIS B 230 9.30 -22.06 5.25
N THR B 231 8.12 -21.46 5.11
CA THR B 231 7.51 -20.72 6.22
C THR B 231 5.99 -20.72 6.20
N SER B 232 5.40 -21.14 7.31
CA SER B 232 3.94 -21.12 7.44
C SER B 232 3.63 -19.71 7.93
N ILE B 233 2.62 -19.09 7.35
CA ILE B 233 2.23 -17.75 7.75
C ILE B 233 0.90 -17.79 8.49
N TYR B 234 0.77 -16.98 9.53
CA TYR B 234 -0.48 -16.89 10.25
C TYR B 234 -0.61 -15.51 10.84
N SER B 235 -1.71 -14.84 10.56
CA SER B 235 -1.93 -13.51 11.10
C SER B 235 -3.34 -13.32 11.66
N PHE B 236 -3.44 -12.36 12.56
CA PHE B 236 -4.71 -12.04 13.21
C PHE B 236 -4.62 -10.57 13.62
N ASP B 237 -5.75 -9.99 14.01
CA ASP B 237 -5.77 -8.58 14.42
C ASP B 237 -5.87 -8.56 15.94
N GLU B 238 -4.75 -8.34 16.63
CA GLU B 238 -4.80 -8.32 18.08
C GLU B 238 -5.70 -7.19 18.59
N THR B 239 -6.33 -6.47 17.67
CA THR B 239 -7.23 -5.37 18.00
C THR B 239 -8.63 -5.91 18.22
N LYS B 240 -8.82 -7.18 17.87
CA LYS B 240 -10.12 -7.84 18.01
C LYS B 240 -10.03 -8.89 19.10
N ASP B 241 -11.09 -9.67 19.27
CA ASP B 241 -11.10 -10.72 20.28
C ASP B 241 -10.13 -11.81 19.85
N LEU B 242 -9.13 -12.04 20.69
CA LEU B 242 -8.11 -13.05 20.41
C LEU B 242 -8.57 -14.49 20.50
N ASP B 243 -8.66 -15.15 19.35
CA ASP B 243 -9.02 -16.55 19.35
C ASP B 243 -7.69 -17.27 19.56
N LEU B 244 -7.08 -16.98 20.70
CA LEU B 244 -5.79 -17.55 21.09
C LEU B 244 -5.80 -19.07 21.06
N GLU B 245 -6.87 -19.66 20.56
CA GLU B 245 -6.97 -21.11 20.50
C GLU B 245 -6.65 -21.63 19.11
N ASP B 246 -7.26 -21.02 18.09
CA ASP B 246 -7.03 -21.43 16.71
C ASP B 246 -5.54 -21.14 16.43
N ILE B 247 -5.04 -20.07 17.02
CA ILE B 247 -3.65 -19.69 16.85
C ILE B 247 -2.77 -20.83 17.35
N VAL B 248 -2.89 -21.10 18.64
CA VAL B 248 -2.10 -22.15 19.28
C VAL B 248 -2.28 -23.52 18.62
N ARG B 249 -3.44 -23.74 18.01
CA ARG B 249 -3.67 -25.01 17.34
C ARG B 249 -3.11 -24.99 15.91
N ASN B 250 -3.17 -23.84 15.25
CA ASN B 250 -2.61 -23.73 13.92
C ASN B 250 -1.09 -23.85 14.10
N ILE B 251 -0.59 -23.29 15.20
CA ILE B 251 0.83 -23.35 15.50
C ILE B 251 1.22 -24.81 15.59
N GLN B 252 0.56 -25.50 16.51
CA GLN B 252 0.80 -26.92 16.76
C GLN B 252 0.67 -27.77 15.50
N ALA B 253 0.15 -27.15 14.44
CA ALA B 253 -0.02 -27.84 13.17
C ALA B 253 1.18 -27.57 12.26
N SER B 254 1.50 -26.29 12.10
CA SER B 254 2.61 -25.85 11.24
C SER B 254 4.01 -26.35 11.64
N GLU B 255 4.87 -25.43 12.07
CA GLU B 255 6.24 -25.81 12.41
C GLU B 255 6.65 -25.80 13.88
N ARG B 256 7.82 -26.36 14.13
CA ARG B 256 8.40 -26.47 15.48
C ARG B 256 8.99 -25.18 16.00
N VAL B 257 9.45 -24.32 15.10
CA VAL B 257 10.01 -23.04 15.51
C VAL B 257 9.00 -21.96 15.11
N VAL B 258 8.70 -21.06 16.04
CA VAL B 258 7.74 -20.01 15.77
C VAL B 258 8.30 -18.60 15.98
N ILE B 259 8.25 -17.78 14.92
CA ILE B 259 8.72 -16.40 14.95
C ILE B 259 7.48 -15.54 15.15
N MET B 260 7.40 -14.80 16.25
CA MET B 260 6.22 -13.99 16.49
C MET B 260 6.49 -12.50 16.66
N CYS B 261 5.44 -11.71 16.51
CA CYS B 261 5.52 -10.27 16.72
C CYS B 261 4.10 -9.76 16.96
N ALA B 262 3.88 -9.24 18.15
CA ALA B 262 2.59 -8.70 18.56
C ALA B 262 2.86 -7.89 19.83
N SER B 263 1.83 -7.30 20.42
CA SER B 263 2.05 -6.52 21.63
C SER B 263 2.69 -7.42 22.69
N SER B 264 3.40 -6.82 23.63
CA SER B 264 4.05 -7.58 24.68
C SER B 264 3.04 -8.45 25.41
N ASP B 265 1.91 -7.87 25.81
CA ASP B 265 0.91 -8.63 26.52
C ASP B 265 0.35 -9.78 25.69
N THR B 266 0.20 -9.56 24.38
CA THR B 266 -0.32 -10.58 23.47
C THR B 266 0.60 -11.81 23.42
N ILE B 267 1.90 -11.59 23.26
CA ILE B 267 2.85 -12.71 23.23
C ILE B 267 2.77 -13.45 24.56
N ARG B 268 2.55 -12.71 25.64
CA ARG B 268 2.43 -13.30 26.96
C ARG B 268 1.23 -14.24 26.98
N SER B 269 0.10 -13.74 26.49
CA SER B 269 -1.11 -14.56 26.44
C SER B 269 -0.86 -15.79 25.56
N ILE B 270 -0.47 -15.58 24.31
CA ILE B 270 -0.21 -16.71 23.42
C ILE B 270 0.65 -17.75 24.14
N MET B 271 1.75 -17.28 24.72
CA MET B 271 2.68 -18.17 25.43
C MET B 271 2.01 -18.93 26.57
N LEU B 272 0.91 -18.41 27.07
CA LEU B 272 0.17 -19.06 28.16
C LEU B 272 -0.63 -20.22 27.59
N VAL B 273 -1.51 -19.90 26.63
CA VAL B 273 -2.33 -20.92 26.01
C VAL B 273 -1.43 -22.06 25.55
N ALA B 274 -0.30 -21.73 24.93
CA ALA B 274 0.63 -22.75 24.46
C ALA B 274 1.01 -23.61 25.66
N HIS B 275 1.27 -22.94 26.79
CA HIS B 275 1.63 -23.63 28.01
C HIS B 275 0.50 -24.60 28.36
N ARG B 276 -0.73 -24.11 28.33
CA ARG B 276 -1.89 -24.95 28.63
C ARG B 276 -1.98 -26.14 27.66
N HIS B 277 -1.18 -26.11 26.60
CA HIS B 277 -1.18 -27.19 25.62
C HIS B 277 0.13 -27.96 25.68
N GLY B 278 0.86 -27.77 26.77
CA GLY B 278 2.13 -28.46 26.95
C GLY B 278 3.08 -28.25 25.79
N MET B 279 2.89 -27.15 25.07
CA MET B 279 3.72 -26.83 23.90
C MET B 279 5.06 -26.23 24.25
N THR B 280 5.27 -25.89 25.52
CA THR B 280 6.56 -25.34 25.91
C THR B 280 7.43 -26.50 26.36
N SER B 281 8.60 -26.21 26.93
CA SER B 281 9.54 -27.22 27.40
C SER B 281 10.18 -28.12 26.34
N GLY B 282 10.93 -27.51 25.43
CA GLY B 282 11.64 -28.27 24.41
C GLY B 282 10.90 -28.67 23.13
N ASP B 283 9.58 -28.78 23.18
CA ASP B 283 8.82 -29.16 22.00
C ASP B 283 8.94 -28.12 20.87
N TYR B 284 8.62 -26.88 21.20
CA TYR B 284 8.69 -25.78 20.24
C TYR B 284 9.61 -24.66 20.71
N ALA B 285 10.19 -23.97 19.74
CA ALA B 285 11.07 -22.84 20.03
C ALA B 285 10.29 -21.59 19.63
N PHE B 286 9.95 -20.76 20.62
CA PHE B 286 9.20 -19.54 20.37
C PHE B 286 10.10 -18.31 20.39
N PHE B 287 9.95 -17.45 19.39
CA PHE B 287 10.73 -16.21 19.31
C PHE B 287 9.77 -15.03 19.20
N ASN B 288 10.11 -13.91 19.82
CA ASN B 288 9.28 -12.73 19.67
C ASN B 288 10.25 -11.57 19.48
N ILE B 289 9.86 -10.59 18.67
CA ILE B 289 10.73 -9.45 18.40
C ILE B 289 10.31 -8.19 19.16
N GLU B 290 11.29 -7.62 19.87
CA GLU B 290 11.12 -6.40 20.64
C GLU B 290 12.44 -5.66 20.45
N LEU B 291 12.50 -4.87 19.38
CA LEU B 291 13.70 -4.13 19.03
C LEU B 291 13.89 -2.78 19.72
N PHE B 292 12.78 -2.16 20.12
CA PHE B 292 12.84 -0.81 20.67
C PHE B 292 12.44 -0.48 22.09
N ASN B 293 11.31 -1.03 22.54
CA ASN B 293 10.80 -0.75 23.88
C ASN B 293 11.58 -1.51 24.95
N SER B 294 12.47 -0.79 25.65
CA SER B 294 13.30 -1.37 26.70
C SER B 294 12.44 -2.09 27.73
N SER B 295 11.24 -1.57 27.95
CA SER B 295 10.32 -2.16 28.90
C SER B 295 9.97 -3.60 28.53
N SER B 296 9.80 -3.86 27.23
CA SER B 296 9.44 -5.19 26.77
C SER B 296 10.58 -6.20 26.61
N TYR B 297 11.82 -5.76 26.54
CA TYR B 297 12.90 -6.72 26.40
C TYR B 297 13.82 -6.72 27.61
N GLY B 298 13.32 -6.20 28.73
CA GLY B 298 14.10 -6.16 29.96
C GLY B 298 13.84 -7.41 30.77
N ASP B 299 14.87 -7.87 31.49
CA ASP B 299 14.78 -9.06 32.32
C ASP B 299 13.44 -9.20 33.01
N GLY B 300 13.01 -10.45 33.19
CA GLY B 300 11.72 -10.70 33.81
C GLY B 300 10.58 -10.31 32.89
N SER B 301 10.75 -10.51 31.58
CA SER B 301 9.72 -10.14 30.62
C SER B 301 8.42 -10.87 30.86
N TRP B 302 8.51 -11.99 31.56
CA TRP B 302 7.34 -12.81 31.89
C TRP B 302 6.54 -12.20 33.04
N LYS B 303 7.25 -11.67 34.03
CA LYS B 303 6.65 -11.07 35.21
C LYS B 303 5.79 -9.85 34.94
N ARG B 304 4.57 -9.86 35.48
CA ARG B 304 3.63 -8.76 35.31
C ARG B 304 2.97 -8.41 36.64
N GLY B 305 3.59 -8.85 37.74
CA GLY B 305 3.01 -8.59 39.05
C GLY B 305 1.54 -8.97 39.01
N ASP B 306 1.27 -10.19 38.57
CA ASP B 306 -0.10 -10.68 38.45
C ASP B 306 -0.21 -12.14 38.87
N LYS B 307 -1.41 -12.70 38.71
CA LYS B 307 -1.69 -14.08 39.08
C LYS B 307 -1.00 -15.09 38.16
N HIS B 308 -0.88 -14.73 36.89
CA HIS B 308 -0.26 -15.61 35.89
C HIS B 308 1.26 -15.72 36.01
N ASP B 309 1.88 -14.71 36.63
CA ASP B 309 3.34 -14.70 36.77
C ASP B 309 3.98 -16.06 36.97
N PHE B 310 3.38 -16.91 37.79
CA PHE B 310 3.97 -18.22 38.02
C PHE B 310 3.87 -19.10 36.77
N GLU B 311 2.69 -19.10 36.15
CA GLU B 311 2.45 -19.87 34.94
C GLU B 311 3.24 -19.24 33.78
N ALA B 312 3.09 -17.92 33.61
CA ALA B 312 3.78 -17.16 32.57
C ALA B 312 5.28 -17.45 32.58
N LYS B 313 5.85 -17.40 33.77
CA LYS B 313 7.27 -17.63 34.00
C LYS B 313 7.73 -18.96 33.43
N GLN B 314 6.86 -19.96 33.52
CA GLN B 314 7.18 -21.30 33.04
C GLN B 314 7.12 -21.43 31.52
N ALA B 315 6.24 -20.66 30.88
CA ALA B 315 6.13 -20.70 29.43
C ALA B 315 7.38 -20.11 28.78
N TYR B 316 7.78 -18.93 29.26
CA TYR B 316 8.93 -18.23 28.69
C TYR B 316 10.24 -18.99 28.73
N SER B 317 10.25 -20.14 29.41
CA SER B 317 11.48 -20.93 29.45
C SER B 317 11.80 -21.41 28.03
N SER B 318 10.78 -21.44 27.18
CA SER B 318 10.95 -21.87 25.79
C SER B 318 11.03 -20.67 24.83
N LEU B 319 10.72 -19.48 25.36
CA LEU B 319 10.72 -18.24 24.60
C LEU B 319 12.10 -17.56 24.51
N GLN B 320 12.40 -17.00 23.35
CA GLN B 320 13.62 -16.26 23.13
C GLN B 320 13.17 -14.92 22.53
N THR B 321 13.76 -13.82 22.98
CA THR B 321 13.37 -12.52 22.49
C THR B 321 14.46 -11.87 21.67
N VAL B 322 14.11 -11.30 20.51
CA VAL B 322 15.14 -10.64 19.71
C VAL B 322 15.10 -9.13 19.85
N THR B 323 16.27 -8.52 20.00
CA THR B 323 16.37 -7.07 20.17
C THR B 323 17.71 -6.58 19.62
N LEU B 324 17.89 -5.26 19.66
CA LEU B 324 19.10 -4.61 19.16
C LEU B 324 20.28 -4.65 20.14
N LEU B 325 21.47 -4.82 19.59
CA LEU B 325 22.68 -4.84 20.41
C LEU B 325 23.14 -3.41 20.53
N ARG B 326 22.98 -2.85 21.72
CA ARG B 326 23.37 -1.47 21.95
C ARG B 326 24.73 -1.39 22.60
N THR B 327 25.49 -0.37 22.21
CA THR B 327 26.82 -0.18 22.77
C THR B 327 26.83 1.24 23.27
N VAL B 328 27.61 1.50 24.32
CA VAL B 328 27.68 2.85 24.84
C VAL B 328 29.13 3.26 25.05
N LYS B 329 29.34 4.54 25.30
CA LYS B 329 30.66 5.07 25.54
C LYS B 329 30.44 6.23 26.52
N PRO B 330 31.52 6.78 27.08
CA PRO B 330 31.38 7.88 28.03
C PRO B 330 30.53 9.04 27.49
N GLU B 331 30.85 9.48 26.28
CA GLU B 331 30.14 10.59 25.65
C GLU B 331 28.64 10.32 25.57
N PHE B 332 28.28 9.05 25.41
CA PHE B 332 26.87 8.65 25.33
C PHE B 332 26.16 8.94 26.64
N GLU B 333 26.92 8.98 27.73
CA GLU B 333 26.37 9.23 29.06
C GLU B 333 25.84 10.66 29.19
N LYS B 334 26.63 11.64 28.74
CA LYS B 334 26.19 13.03 28.81
C LYS B 334 24.89 13.14 28.02
N PHE B 335 24.92 12.63 26.80
CA PHE B 335 23.77 12.65 25.90
C PHE B 335 22.50 12.21 26.61
N SER B 336 22.53 11.03 27.21
CA SER B 336 21.37 10.48 27.90
C SER B 336 20.91 11.39 29.03
N MET B 337 21.85 12.05 29.70
CA MET B 337 21.55 12.95 30.79
C MET B 337 20.78 14.15 30.29
N GLU B 338 21.34 14.86 29.31
CA GLU B 338 20.71 16.04 28.75
C GLU B 338 19.35 15.74 28.13
N VAL B 339 19.25 14.63 27.41
CA VAL B 339 17.99 14.23 26.78
C VAL B 339 16.93 14.00 27.85
N LYS B 340 17.27 13.26 28.89
CA LYS B 340 16.34 12.97 29.97
C LYS B 340 15.89 14.27 30.61
N SER B 341 16.85 15.18 30.81
CA SER B 341 16.56 16.47 31.40
C SER B 341 15.50 17.23 30.61
N SER B 342 15.69 17.34 29.30
CA SER B 342 14.72 18.04 28.45
C SER B 342 13.37 17.36 28.52
N VAL B 343 13.36 16.05 28.27
CA VAL B 343 12.11 15.29 28.27
C VAL B 343 11.36 15.43 29.59
N GLU B 344 12.08 15.44 30.71
CA GLU B 344 11.46 15.57 32.02
C GLU B 344 10.97 17.00 32.21
N LYS B 345 11.81 17.96 31.82
CA LYS B 345 11.47 19.38 31.93
C LYS B 345 10.26 19.64 31.05
N GLN B 346 10.00 18.72 30.13
CA GLN B 346 8.88 18.83 29.20
C GLN B 346 7.66 18.12 29.80
N GLY B 347 7.71 17.89 31.11
CA GLY B 347 6.60 17.26 31.80
C GLY B 347 6.37 15.81 31.43
N LEU B 348 7.05 15.31 30.41
CA LEU B 348 6.87 13.92 30.01
C LEU B 348 7.52 13.00 31.04
N ASN B 349 6.72 12.14 31.65
CA ASN B 349 7.27 11.19 32.62
C ASN B 349 8.34 10.40 31.88
N MET B 350 9.59 10.80 32.06
CA MET B 350 10.73 10.16 31.41
C MET B 350 10.55 8.66 31.33
N GLU B 351 10.55 8.14 30.11
CA GLU B 351 10.40 6.70 29.86
C GLU B 351 11.39 5.96 30.76
N ASP B 352 12.63 5.84 30.29
CA ASP B 352 13.69 5.19 31.03
C ASP B 352 15.03 5.64 30.48
N TYR B 353 15.05 5.91 29.18
CA TYR B 353 16.26 6.40 28.52
C TYR B 353 16.10 6.63 27.01
N VAL B 354 17.22 6.60 26.30
CA VAL B 354 17.25 6.83 24.86
C VAL B 354 17.14 5.55 24.01
N ASN B 355 16.08 5.47 23.22
CA ASN B 355 15.87 4.31 22.37
C ASN B 355 16.62 4.47 21.03
N MET B 356 16.47 3.49 20.15
CA MET B 356 17.15 3.51 18.87
C MET B 356 16.74 4.70 18.00
N PHE B 357 15.52 5.20 18.18
CA PHE B 357 15.07 6.35 17.38
C PHE B 357 15.75 7.67 17.80
N VAL B 358 15.71 7.97 19.11
CA VAL B 358 16.33 9.17 19.65
C VAL B 358 17.80 9.16 19.27
N GLU B 359 18.46 8.02 19.46
CA GLU B 359 19.88 7.89 19.15
C GLU B 359 20.12 8.04 17.66
N GLY B 360 19.33 7.33 16.86
CA GLY B 360 19.48 7.39 15.41
C GLY B 360 19.32 8.76 14.79
N PHE B 361 18.41 9.58 15.30
CA PHE B 361 18.23 10.90 14.73
C PHE B 361 19.41 11.81 15.04
N HIS B 362 20.01 11.61 16.20
CA HIS B 362 21.18 12.38 16.61
C HIS B 362 22.30 12.06 15.64
N ASP B 363 22.50 10.79 15.32
CA ASP B 363 23.54 10.38 14.39
C ASP B 363 23.18 10.72 12.95
N ALA B 364 21.90 10.96 12.71
CA ALA B 364 21.45 11.31 11.37
C ALA B 364 22.04 12.69 11.03
N ILE B 365 22.00 13.58 12.02
CA ILE B 365 22.51 14.94 11.84
C ILE B 365 24.01 14.98 11.60
N LEU B 366 24.78 14.23 12.39
CA LEU B 366 26.23 14.21 12.19
C LEU B 366 26.52 13.56 10.84
N LEU B 367 25.63 12.65 10.44
CA LEU B 367 25.81 11.96 9.16
C LEU B 367 25.52 12.89 8.00
N TYR B 368 24.58 13.81 8.22
CA TYR B 368 24.23 14.77 7.18
C TYR B 368 25.35 15.79 7.00
N VAL B 369 25.93 16.23 8.11
CA VAL B 369 27.03 17.19 8.08
C VAL B 369 28.25 16.52 7.43
N LEU B 370 28.57 15.31 7.88
CA LEU B 370 29.72 14.61 7.32
C LEU B 370 29.61 14.49 5.81
N ALA B 371 28.39 14.56 5.28
CA ALA B 371 28.21 14.45 3.84
C ALA B 371 28.14 15.84 3.18
N LEU B 372 27.58 16.80 3.91
CA LEU B 372 27.47 18.15 3.39
C LEU B 372 28.90 18.63 3.16
N HIS B 373 29.73 18.45 4.20
CA HIS B 373 31.13 18.82 4.18
C HIS B 373 31.83 18.37 2.89
N GLU B 374 31.71 17.09 2.57
CA GLU B 374 32.35 16.52 1.39
C GLU B 374 31.70 16.93 0.08
N VAL B 375 30.44 17.37 0.15
CA VAL B 375 29.76 17.81 -1.07
C VAL B 375 30.15 19.27 -1.29
N LEU B 376 30.30 19.99 -0.17
CA LEU B 376 30.68 21.39 -0.19
C LEU B 376 32.14 21.55 -0.65
N ARG B 377 32.89 20.45 -0.65
CA ARG B 377 34.28 20.44 -1.08
C ARG B 377 34.37 20.30 -2.58
N ALA B 378 33.86 19.19 -3.09
CA ALA B 378 33.88 18.88 -4.52
C ALA B 378 33.19 19.92 -5.38
N GLY B 379 32.73 21.01 -4.77
CA GLY B 379 32.07 22.06 -5.54
C GLY B 379 30.60 21.82 -5.78
N TYR B 380 29.83 21.73 -4.70
CA TYR B 380 28.40 21.52 -4.80
C TYR B 380 27.71 22.31 -3.70
N SER B 381 26.39 22.38 -3.75
CA SER B 381 25.63 23.12 -2.75
C SER B 381 24.72 22.21 -1.93
N LYS B 382 24.06 22.82 -0.94
CA LYS B 382 23.14 22.08 -0.09
C LYS B 382 21.92 21.65 -0.88
N LYS B 383 21.87 22.00 -2.17
CA LYS B 383 20.74 21.64 -3.02
C LYS B 383 20.95 20.40 -3.89
N ASP B 384 22.13 19.79 -3.81
CA ASP B 384 22.40 18.58 -4.58
C ASP B 384 22.11 17.36 -3.72
N GLY B 385 20.88 17.30 -3.20
CA GLY B 385 20.46 16.19 -2.35
C GLY B 385 21.01 14.87 -2.79
N GLY B 386 20.81 14.54 -4.06
CA GLY B 386 21.29 13.28 -4.61
C GLY B 386 22.75 13.03 -4.26
N LYS B 387 23.56 14.07 -4.41
CA LYS B 387 24.97 13.96 -4.09
C LYS B 387 25.16 13.77 -2.60
N ILE B 388 24.50 14.60 -1.80
CA ILE B 388 24.61 14.47 -0.35
C ILE B 388 24.33 13.00 0.00
N ILE B 389 23.12 12.55 -0.30
CA ILE B 389 22.70 11.19 -0.01
C ILE B 389 23.71 10.11 -0.41
N GLN B 390 24.42 10.33 -1.51
CA GLN B 390 25.37 9.32 -1.92
C GLN B 390 26.59 9.32 -1.01
N GLN B 391 26.84 10.47 -0.37
CA GLN B 391 27.97 10.61 0.55
C GLN B 391 27.65 10.07 1.94
N THR B 392 26.41 9.62 2.12
CA THR B 392 26.01 9.05 3.41
C THR B 392 26.07 7.53 3.28
N TRP B 393 26.04 7.04 2.04
CA TRP B 393 26.09 5.60 1.82
C TRP B 393 27.52 5.05 1.92
N ASN B 394 27.61 3.73 2.02
CA ASN B 394 28.88 3.02 2.08
C ASN B 394 29.95 3.71 2.92
N ARG B 395 29.72 3.81 4.23
CA ARG B 395 30.69 4.43 5.12
C ARG B 395 30.41 4.22 6.60
N THR B 396 31.46 4.45 7.40
CA THR B 396 31.40 4.27 8.85
C THR B 396 31.78 5.58 9.55
N PHE B 397 31.08 5.92 10.61
CA PHE B 397 31.41 7.14 11.36
C PHE B 397 31.19 6.93 12.86
N GLU B 398 31.48 7.95 13.66
CA GLU B 398 31.32 7.83 15.10
C GLU B 398 30.03 8.49 15.62
N GLY B 399 29.07 7.67 16.05
CA GLY B 399 27.83 8.19 16.58
C GLY B 399 27.96 8.40 18.08
N ILE B 400 26.89 8.81 18.75
CA ILE B 400 26.97 9.05 20.19
C ILE B 400 27.20 7.78 20.97
N ALA B 401 26.87 6.63 20.36
CA ALA B 401 27.03 5.36 21.06
C ALA B 401 28.09 4.43 20.45
N GLY B 402 28.79 4.88 19.42
CA GLY B 402 29.81 4.02 18.84
C GLY B 402 29.77 3.97 17.34
N GLN B 403 30.69 3.20 16.75
CA GLN B 403 30.76 3.07 15.30
C GLN B 403 29.40 2.84 14.67
N VAL B 404 29.11 3.58 13.59
CA VAL B 404 27.86 3.44 12.87
C VAL B 404 28.23 3.20 11.42
N SER B 405 27.68 2.16 10.81
CA SER B 405 28.00 1.87 9.40
C SER B 405 26.76 1.75 8.50
N ILE B 406 26.72 2.57 7.46
CA ILE B 406 25.64 2.54 6.50
C ILE B 406 26.20 1.78 5.30
N ASP B 407 25.46 0.80 4.79
CA ASP B 407 25.94 0.01 3.66
C ASP B 407 25.84 0.68 2.29
N ALA B 408 26.28 -0.04 1.27
CA ALA B 408 26.28 0.47 -0.10
C ALA B 408 24.90 0.89 -0.60
N ASN B 409 23.85 0.31 -0.04
CA ASN B 409 22.50 0.65 -0.47
C ASN B 409 21.88 1.76 0.38
N GLY B 410 22.67 2.36 1.26
CA GLY B 410 22.16 3.43 2.08
C GLY B 410 21.42 3.00 3.32
N ASP B 411 21.61 1.75 3.71
CA ASP B 411 20.96 1.20 4.89
C ASP B 411 21.95 0.88 6.00
N ARG B 412 21.64 1.35 7.21
CA ARG B 412 22.47 1.12 8.38
C ARG B 412 22.58 -0.37 8.70
N TYR B 413 23.81 -0.85 8.89
CA TYR B 413 24.04 -2.24 9.25
C TYR B 413 23.52 -2.44 10.67
N GLY B 414 22.94 -3.61 10.96
CA GLY B 414 22.42 -3.82 12.29
C GLY B 414 23.03 -4.97 13.06
N ASP B 415 23.17 -4.78 14.38
CA ASP B 415 23.71 -5.83 15.24
C ASP B 415 22.62 -6.22 16.23
N PHE B 416 22.39 -7.51 16.36
CA PHE B 416 21.34 -7.99 17.25
C PHE B 416 21.80 -8.92 18.35
N SER B 417 20.91 -9.10 19.32
CA SER B 417 21.15 -9.97 20.46
C SER B 417 19.92 -10.85 20.63
N VAL B 418 20.11 -12.01 21.23
CA VAL B 418 19.01 -12.93 21.49
C VAL B 418 18.91 -13.06 23.02
N ILE B 419 17.73 -12.84 23.55
CA ILE B 419 17.49 -12.91 24.99
C ILE B 419 16.72 -14.18 25.37
N ALA B 420 17.33 -15.02 26.18
CA ALA B 420 16.70 -16.26 26.62
C ALA B 420 16.82 -16.43 28.13
N MET B 421 15.95 -17.27 28.69
CA MET B 421 15.94 -17.57 30.11
C MET B 421 17.00 -18.64 30.41
N THR B 422 18.05 -18.26 31.13
CA THR B 422 19.12 -19.20 31.44
C THR B 422 19.00 -19.81 32.84
N ASP B 423 17.82 -19.67 33.44
CA ASP B 423 17.57 -20.21 34.77
C ASP B 423 16.07 -20.25 35.02
N VAL B 424 15.46 -21.37 34.63
CA VAL B 424 14.02 -21.53 34.76
C VAL B 424 13.51 -21.34 36.16
N GLU B 425 14.27 -21.80 37.14
CA GLU B 425 13.86 -21.65 38.53
C GLU B 425 13.65 -20.18 38.85
N ALA B 426 14.72 -19.39 38.68
CA ALA B 426 14.71 -17.95 38.97
C ALA B 426 13.96 -17.09 37.95
N GLY B 427 14.32 -17.23 36.68
CA GLY B 427 13.70 -16.44 35.63
C GLY B 427 14.75 -15.53 35.02
N THR B 428 16.01 -15.86 35.26
CA THR B 428 17.14 -15.09 34.74
C THR B 428 17.25 -15.19 33.22
N GLN B 429 17.00 -14.06 32.55
CA GLN B 429 17.07 -13.95 31.11
C GLN B 429 18.33 -13.16 30.73
N GLU B 430 19.14 -13.71 29.84
CA GLU B 430 20.33 -13.00 29.44
C GLU B 430 20.68 -13.24 27.97
N VAL B 431 21.39 -12.28 27.40
CA VAL B 431 21.79 -12.38 26.02
C VAL B 431 22.59 -13.66 25.83
N ILE B 432 22.10 -14.52 24.93
CA ILE B 432 22.72 -15.80 24.64
C ILE B 432 23.68 -15.72 23.47
N GLY B 433 23.29 -14.95 22.46
CA GLY B 433 24.13 -14.79 21.29
C GLY B 433 24.00 -13.44 20.63
N ASP B 434 25.01 -13.06 19.86
CA ASP B 434 25.01 -11.78 19.19
C ASP B 434 25.29 -11.97 17.71
N TYR B 435 24.66 -11.14 16.89
CA TYR B 435 24.86 -11.18 15.45
C TYR B 435 25.36 -9.81 15.04
N PHE B 436 26.44 -9.76 14.28
CA PHE B 436 26.98 -8.48 13.83
C PHE B 436 26.75 -8.37 12.33
N GLY B 437 25.77 -7.56 11.96
CA GLY B 437 25.39 -7.39 10.57
C GLY B 437 26.48 -7.11 9.56
N LYS B 438 27.41 -6.22 9.90
CA LYS B 438 28.46 -5.91 8.95
C LYS B 438 29.28 -7.18 8.70
N GLU B 439 29.85 -7.75 9.76
CA GLU B 439 30.64 -8.99 9.62
C GLU B 439 29.77 -10.17 9.19
N GLY B 440 28.50 -10.14 9.59
CA GLY B 440 27.58 -11.22 9.24
C GLY B 440 27.84 -12.49 10.01
N ARG B 441 28.31 -12.37 11.25
CA ARG B 441 28.60 -13.53 12.07
C ARG B 441 27.71 -13.59 13.30
N PHE B 442 27.12 -14.75 13.54
CA PHE B 442 26.30 -14.94 14.72
C PHE B 442 27.14 -15.78 15.66
N GLU B 443 27.13 -15.44 16.95
CA GLU B 443 27.92 -16.20 17.90
C GLU B 443 27.33 -16.21 19.31
N MET B 444 27.13 -17.40 19.85
CA MET B 444 26.60 -17.56 21.20
C MET B 444 27.57 -16.93 22.19
N ARG B 445 27.17 -16.85 23.46
CA ARG B 445 28.02 -16.28 24.49
C ARG B 445 28.55 -17.34 25.46
N PRO B 446 29.73 -17.08 26.06
CA PRO B 446 30.36 -18.00 27.02
C PRO B 446 29.54 -18.19 28.31
N SER C 1 -7.16 -16.49 5.08
CA SER C 1 -7.23 -15.98 3.68
C SER C 1 -6.23 -14.83 3.44
N CYS C 2 -5.67 -14.77 2.23
CA CYS C 2 -4.71 -13.71 1.86
C CYS C 2 -5.41 -12.40 1.47
N PHE C 3 -6.00 -11.75 2.47
CA PHE C 3 -6.70 -10.47 2.29
C PHE C 3 -6.93 -9.90 3.68
N GLY C 4 -7.29 -10.79 4.61
CA GLY C 4 -7.56 -10.39 5.99
C GLY C 4 -8.86 -9.60 6.06
N GLY C 5 -9.25 -9.20 7.26
CA GLY C 5 -10.48 -8.44 7.42
C GLY C 5 -10.61 -7.27 6.46
N ARG C 6 -9.48 -6.62 6.17
CA ARG C 6 -9.46 -5.48 5.26
C ARG C 6 -8.14 -5.35 4.48
N MET C 7 -7.70 -4.11 4.29
CA MET C 7 -6.48 -3.77 3.56
C MET C 7 -6.38 -2.24 3.59
N ASP C 8 -7.35 -1.63 4.28
CA ASP C 8 -7.47 -0.18 4.48
C ASP C 8 -6.52 0.64 3.62
N ARG C 9 -5.22 0.45 3.89
CA ARG C 9 -4.11 1.12 3.24
C ARG C 9 -3.85 0.86 1.76
N ILE C 10 -4.89 0.49 1.02
CA ILE C 10 -4.73 0.26 -0.42
C ILE C 10 -4.13 1.55 -0.97
N GLY C 11 -3.25 1.45 -1.96
CA GLY C 11 -2.62 2.64 -2.51
C GLY C 11 -1.58 3.24 -1.57
N ALA C 12 -0.69 2.39 -1.07
CA ALA C 12 0.33 2.82 -0.13
C ALA C 12 1.76 2.37 -0.43
N GLN C 13 1.92 1.07 -0.70
CA GLN C 13 3.23 0.48 -0.97
C GLN C 13 3.05 -1.02 -0.75
N SER C 14 2.57 -1.34 0.44
CA SER C 14 2.30 -2.71 0.92
C SER C 14 1.84 -3.73 -0.12
N GLY C 15 2.79 -4.21 -0.92
CA GLY C 15 2.51 -5.21 -1.94
C GLY C 15 3.74 -6.08 -2.11
N LEU C 16 4.19 -6.70 -1.02
CA LEU C 16 5.38 -7.57 -1.00
C LEU C 16 5.16 -8.82 -0.13
N GLY C 17 3.94 -9.02 0.33
CA GLY C 17 3.65 -10.16 1.18
C GLY C 17 2.19 -10.29 1.56
N CYS C 18 1.70 -11.51 1.45
CA CYS C 18 0.31 -11.83 1.77
C CYS C 18 -0.04 -11.73 3.26
N ASN C 19 -1.02 -12.57 3.63
CA ASN C 19 -1.60 -12.76 4.99
C ASN C 19 -2.43 -14.07 4.87
N SER C 20 -3.11 -14.43 5.95
CA SER C 20 -3.96 -15.62 6.00
C SER C 20 -4.28 -16.10 7.43
N PHE C 21 -5.51 -16.59 7.59
CA PHE C 21 -6.01 -17.09 8.87
C PHE C 21 -6.19 -18.63 8.82
N ALA A 47 -29.02 34.43 -14.69
CA ALA A 47 -27.95 35.30 -15.27
C ALA A 47 -26.80 35.49 -14.28
N LEU A 48 -25.62 35.00 -14.64
CA LEU A 48 -24.44 35.11 -13.79
C LEU A 48 -23.19 35.38 -14.62
N PRO A 49 -22.10 35.84 -13.97
CA PRO A 49 -20.87 36.13 -14.70
C PRO A 49 -20.31 34.86 -15.33
N PRO A 50 -19.73 34.97 -16.53
CA PRO A 50 -19.17 33.77 -17.16
C PRO A 50 -18.22 33.09 -16.18
N GLN A 51 -18.05 31.78 -16.30
CA GLN A 51 -17.17 31.04 -15.42
C GLN A 51 -15.98 30.50 -16.21
N LYS A 52 -14.84 30.39 -15.53
CA LYS A 52 -13.63 29.84 -16.12
C LYS A 52 -13.26 28.68 -15.20
N ILE A 53 -13.49 27.46 -15.68
CA ILE A 53 -13.21 26.27 -14.88
C ILE A 53 -11.92 25.59 -15.25
N GLU A 54 -11.03 25.46 -14.28
CA GLU A 54 -9.75 24.79 -14.51
C GLU A 54 -9.83 23.35 -14.05
N VAL A 55 -9.62 22.41 -14.96
CA VAL A 55 -9.66 21.01 -14.60
C VAL A 55 -8.33 20.36 -14.92
N LEU A 56 -7.86 19.52 -14.01
CA LEU A 56 -6.59 18.81 -14.18
C LEU A 56 -6.92 17.36 -14.49
N VAL A 57 -6.56 16.91 -15.69
CA VAL A 57 -6.80 15.52 -16.09
C VAL A 57 -5.48 14.78 -15.90
N LEU A 58 -5.47 13.77 -15.04
CA LEU A 58 -4.28 12.95 -14.74
C LEU A 58 -4.47 11.52 -15.22
N LEU A 59 -3.89 11.19 -16.37
CA LEU A 59 -4.04 9.84 -16.91
C LEU A 59 -2.73 9.37 -17.53
N PRO A 60 -2.65 8.11 -17.98
CA PRO A 60 -1.37 7.71 -18.55
C PRO A 60 -1.20 8.17 -19.98
N GLN A 61 -0.03 8.70 -20.30
CA GLN A 61 0.21 9.14 -21.66
C GLN A 61 0.35 7.86 -22.49
N ASP A 62 1.01 6.85 -21.93
CA ASP A 62 1.19 5.58 -22.63
C ASP A 62 -0.17 5.07 -23.08
N ASP A 63 -0.30 4.87 -24.39
CA ASP A 63 -1.56 4.42 -24.98
C ASP A 63 -1.82 2.92 -24.95
N SER A 64 -1.08 2.18 -24.13
CA SER A 64 -1.32 0.75 -24.02
C SER A 64 -2.51 0.55 -23.06
N TYR A 65 -2.70 1.48 -22.13
CA TYR A 65 -3.82 1.39 -21.20
C TYR A 65 -5.05 1.86 -21.95
N LEU A 66 -6.21 1.33 -21.58
CA LEU A 66 -7.48 1.68 -22.19
C LEU A 66 -7.95 3.06 -21.82
N PHE A 67 -7.33 3.64 -20.80
CA PHE A 67 -7.76 4.95 -20.33
C PHE A 67 -6.72 6.06 -20.51
N SER A 68 -5.84 5.90 -21.49
CA SER A 68 -4.79 6.89 -21.75
C SER A 68 -5.38 8.24 -22.16
N LEU A 69 -4.61 9.29 -21.92
CA LEU A 69 -5.03 10.65 -22.27
C LEU A 69 -5.52 10.73 -23.70
N THR A 70 -4.76 10.16 -24.62
CA THR A 70 -5.14 10.17 -26.03
C THR A 70 -6.53 9.58 -26.25
N ARG A 71 -6.84 8.53 -25.50
CA ARG A 71 -8.14 7.85 -25.63
C ARG A 71 -9.32 8.52 -24.92
N VAL A 72 -9.05 9.16 -23.79
CA VAL A 72 -10.10 9.82 -23.00
C VAL A 72 -10.42 11.25 -23.42
N ARG A 73 -9.37 12.01 -23.71
CA ARG A 73 -9.52 13.40 -24.10
C ARG A 73 -10.67 13.65 -25.07
N PRO A 74 -10.78 12.85 -26.15
CA PRO A 74 -11.86 13.03 -27.11
C PRO A 74 -13.22 12.99 -26.40
N ALA A 75 -13.34 12.07 -25.44
CA ALA A 75 -14.57 11.92 -24.67
C ALA A 75 -14.86 13.14 -23.80
N ILE A 76 -13.81 13.74 -23.25
CA ILE A 76 -13.95 14.91 -22.41
C ILE A 76 -14.40 16.10 -23.25
N GLU A 77 -13.75 16.29 -24.40
CA GLU A 77 -14.10 17.40 -25.26
C GLU A 77 -15.51 17.28 -25.83
N TYR A 78 -15.98 16.04 -25.97
CA TYR A 78 -17.32 15.80 -26.50
C TYR A 78 -18.32 16.31 -25.45
N ALA A 79 -18.11 15.90 -24.20
CA ALA A 79 -18.99 16.30 -23.12
C ALA A 79 -18.97 17.81 -22.94
N LEU A 80 -17.76 18.38 -22.91
CA LEU A 80 -17.60 19.82 -22.74
C LEU A 80 -18.39 20.57 -23.81
N ARG A 81 -18.29 20.14 -25.05
CA ARG A 81 -19.04 20.79 -26.13
C ARG A 81 -20.54 20.67 -25.90
N SER A 82 -20.98 19.50 -25.47
CA SER A 82 -22.40 19.25 -25.25
C SER A 82 -23.03 19.90 -24.03
N VAL A 83 -22.22 20.51 -23.16
CA VAL A 83 -22.79 21.16 -21.99
C VAL A 83 -23.07 22.62 -22.30
N GLU A 84 -22.17 23.25 -23.05
CA GLU A 84 -22.33 24.65 -23.42
C GLU A 84 -23.47 24.80 -24.43
N GLY A 85 -24.67 25.03 -23.91
CA GLY A 85 -25.83 25.19 -24.76
C GLY A 85 -26.41 23.85 -25.15
N LEU A 92 -26.90 24.77 -18.17
CA LEU A 92 -26.63 24.60 -16.74
C LEU A 92 -25.60 25.60 -16.24
N LEU A 93 -24.71 26.02 -17.13
CA LEU A 93 -23.65 26.96 -16.77
C LEU A 93 -23.91 28.36 -17.32
N PRO A 94 -23.56 29.39 -16.53
CA PRO A 94 -23.77 30.77 -16.98
C PRO A 94 -23.24 30.93 -18.39
N PRO A 95 -23.97 31.65 -19.26
CA PRO A 95 -23.51 31.86 -20.64
C PRO A 95 -22.11 32.43 -20.68
N GLY A 96 -21.34 32.02 -21.70
CA GLY A 96 -19.97 32.48 -21.83
C GLY A 96 -18.95 31.67 -21.03
N THR A 97 -19.45 30.76 -20.20
CA THR A 97 -18.59 29.90 -19.39
C THR A 97 -17.58 29.16 -20.27
N ARG A 98 -16.42 28.84 -19.70
CA ARG A 98 -15.36 28.15 -20.43
C ARG A 98 -14.61 27.19 -19.52
N PHE A 99 -13.93 26.22 -20.11
CA PHE A 99 -13.16 25.26 -19.33
C PHE A 99 -11.71 25.21 -19.77
N GLN A 100 -10.82 25.38 -18.81
CA GLN A 100 -9.38 25.33 -19.05
C GLN A 100 -9.00 23.91 -18.67
N VAL A 101 -8.60 23.10 -19.63
CA VAL A 101 -8.23 21.72 -19.34
C VAL A 101 -6.76 21.42 -19.53
N ALA A 102 -6.12 20.93 -18.47
CA ALA A 102 -4.71 20.57 -18.52
C ALA A 102 -4.60 19.04 -18.51
N TYR A 103 -3.87 18.49 -19.50
CA TYR A 103 -3.68 17.05 -19.61
C TYR A 103 -2.29 16.70 -19.12
N GLU A 104 -2.21 15.98 -18.00
CA GLU A 104 -0.93 15.63 -17.44
C GLU A 104 -0.77 14.11 -17.29
N ASP A 105 0.40 13.60 -17.65
CA ASP A 105 0.69 12.17 -17.58
C ASP A 105 0.77 11.68 -16.14
N SER A 106 0.03 10.62 -15.85
CA SER A 106 0.00 10.04 -14.53
C SER A 106 1.04 8.95 -14.42
N ASP A 107 1.43 8.42 -15.57
CA ASP A 107 2.42 7.36 -15.61
C ASP A 107 1.88 6.17 -14.83
N CYS A 108 0.59 6.23 -14.49
CA CYS A 108 -0.06 5.16 -13.73
C CYS A 108 0.79 4.96 -12.48
N GLY A 109 1.39 6.05 -12.02
CA GLY A 109 2.24 5.95 -10.84
C GLY A 109 2.39 7.23 -10.05
N ASN A 110 3.56 7.39 -9.43
CA ASN A 110 3.85 8.57 -8.62
C ASN A 110 3.78 9.90 -9.34
N ARG A 111 3.87 9.87 -10.66
CA ARG A 111 3.85 11.11 -11.42
C ARG A 111 2.55 11.90 -11.22
N ALA A 112 1.45 11.20 -10.98
CA ALA A 112 0.17 11.86 -10.77
C ALA A 112 0.36 12.87 -9.64
N LEU A 113 0.83 12.38 -8.50
CA LEU A 113 1.09 13.25 -7.34
C LEU A 113 2.18 14.28 -7.66
N PHE A 114 3.25 13.85 -8.34
CA PHE A 114 4.37 14.75 -8.68
C PHE A 114 3.98 16.01 -9.46
N SER A 115 3.20 15.85 -10.52
CA SER A 115 2.83 17.04 -11.27
C SER A 115 1.73 17.88 -10.63
N LEU A 116 0.85 17.24 -9.86
CA LEU A 116 -0.22 17.97 -9.19
C LEU A 116 0.42 18.91 -8.19
N VAL A 117 1.28 18.37 -7.33
CA VAL A 117 1.96 19.19 -6.33
C VAL A 117 2.84 20.28 -6.95
N ASP A 118 3.61 19.93 -7.99
CA ASP A 118 4.47 20.92 -8.63
C ASP A 118 3.65 22.03 -9.28
N ARG A 119 2.53 21.68 -9.88
CA ARG A 119 1.71 22.71 -10.53
C ARG A 119 1.16 23.66 -9.48
N VAL A 120 0.69 23.12 -8.35
CA VAL A 120 0.14 23.98 -7.32
C VAL A 120 1.25 24.80 -6.65
N ALA A 121 2.45 24.23 -6.50
CA ALA A 121 3.56 24.95 -5.89
C ALA A 121 3.98 26.11 -6.80
N ALA A 122 4.02 25.85 -8.10
CA ALA A 122 4.39 26.89 -9.06
C ALA A 122 3.36 28.03 -8.97
N ALA A 123 2.08 27.68 -9.06
CA ALA A 123 1.00 28.67 -8.98
C ALA A 123 0.93 29.33 -7.60
N ARG A 124 1.92 29.05 -6.76
CA ARG A 124 1.98 29.65 -5.44
C ARG A 124 0.76 29.33 -4.59
N GLY A 125 0.20 28.13 -4.74
CA GLY A 125 -0.96 27.77 -3.94
C GLY A 125 -2.26 27.66 -4.70
N ALA A 126 -2.30 28.18 -5.92
CA ALA A 126 -3.51 28.13 -6.74
C ALA A 126 -3.84 26.68 -7.12
N LYS A 127 -5.10 26.31 -6.94
CA LYS A 127 -5.51 24.95 -7.25
C LYS A 127 -6.55 24.81 -8.37
N PRO A 128 -6.58 23.63 -9.01
CA PRO A 128 -7.55 23.41 -10.08
C PRO A 128 -8.94 23.30 -9.44
N ASP A 129 -10.00 23.56 -10.20
CA ASP A 129 -11.34 23.47 -9.64
C ASP A 129 -11.87 22.05 -9.75
N LEU A 130 -11.23 21.24 -10.58
CA LEU A 130 -11.66 19.87 -10.78
C LEU A 130 -10.51 18.97 -11.24
N ILE A 131 -10.41 17.80 -10.63
CA ILE A 131 -9.39 16.84 -11.02
C ILE A 131 -10.06 15.59 -11.56
N LEU A 132 -9.61 15.16 -12.74
CA LEU A 132 -10.15 13.96 -13.37
C LEU A 132 -9.07 12.88 -13.38
N GLY A 133 -9.33 11.74 -12.74
CA GLY A 133 -8.36 10.67 -12.68
C GLY A 133 -7.48 10.96 -11.49
N PRO A 134 -6.42 10.15 -11.23
CA PRO A 134 -5.99 8.95 -11.98
C PRO A 134 -6.97 7.79 -11.95
N VAL A 135 -6.68 6.80 -12.80
CA VAL A 135 -7.47 5.59 -12.90
C VAL A 135 -6.74 4.53 -12.08
N CYS A 136 -5.47 4.31 -12.40
CA CYS A 136 -4.66 3.32 -11.71
C CYS A 136 -4.79 3.53 -10.20
N GLU A 137 -4.97 2.42 -9.47
CA GLU A 137 -5.19 2.38 -8.03
C GLU A 137 -4.15 3.08 -7.15
N TYR A 138 -2.89 2.71 -7.31
CA TYR A 138 -1.82 3.31 -6.50
C TYR A 138 -1.53 4.76 -6.84
N ALA A 139 -2.01 5.21 -8.00
CA ALA A 139 -1.78 6.58 -8.39
C ALA A 139 -2.88 7.50 -7.85
N ALA A 140 -4.10 6.98 -7.74
CA ALA A 140 -5.22 7.77 -7.27
C ALA A 140 -5.27 8.02 -5.76
N ALA A 141 -4.78 7.06 -4.98
CA ALA A 141 -4.82 7.20 -3.54
C ALA A 141 -4.20 8.51 -3.04
N PRO A 142 -2.92 8.79 -3.37
CA PRO A 142 -2.33 10.05 -2.89
C PRO A 142 -3.02 11.28 -3.45
N VAL A 143 -3.39 11.25 -4.73
CA VAL A 143 -4.09 12.39 -5.34
C VAL A 143 -5.44 12.62 -4.62
N ALA A 144 -6.13 11.52 -4.31
CA ALA A 144 -7.42 11.60 -3.65
C ALA A 144 -7.28 12.18 -2.27
N ARG A 145 -6.20 11.81 -1.60
CA ARG A 145 -5.93 12.30 -0.27
C ARG A 145 -5.61 13.80 -0.25
N LEU A 146 -4.92 14.28 -1.28
CA LEU A 146 -4.61 15.71 -1.34
C LEU A 146 -5.84 16.50 -1.73
N ALA A 147 -6.60 15.98 -2.67
CA ALA A 147 -7.79 16.66 -3.14
C ALA A 147 -8.70 16.89 -1.94
N SER A 148 -8.78 15.91 -1.05
CA SER A 148 -9.62 16.03 0.12
C SER A 148 -9.05 17.08 1.05
N HIS A 149 -7.75 16.96 1.35
CA HIS A 149 -7.09 17.93 2.21
C HIS A 149 -7.27 19.35 1.70
N TRP A 150 -7.35 19.49 0.39
CA TRP A 150 -7.51 20.80 -0.23
C TRP A 150 -8.94 21.16 -0.60
N ASP A 151 -9.89 20.27 -0.31
CA ASP A 151 -11.28 20.54 -0.63
C ASP A 151 -11.50 20.66 -2.13
N LEU A 152 -10.71 19.93 -2.92
CA LEU A 152 -10.85 19.95 -4.39
C LEU A 152 -11.65 18.73 -4.77
N PRO A 153 -12.68 18.90 -5.61
CA PRO A 153 -13.49 17.75 -6.03
C PRO A 153 -12.73 16.86 -7.03
N MET A 154 -12.79 15.54 -6.84
CA MET A 154 -12.09 14.58 -7.71
C MET A 154 -12.99 13.46 -8.18
N LEU A 155 -13.16 13.35 -9.50
CA LEU A 155 -13.96 12.30 -10.11
C LEU A 155 -13.06 11.39 -10.93
N SER A 156 -13.34 10.08 -10.96
CA SER A 156 -12.52 9.15 -11.74
C SER A 156 -13.31 7.94 -12.20
N ALA A 157 -12.93 7.40 -13.36
CA ALA A 157 -13.60 6.23 -13.89
C ALA A 157 -12.80 5.01 -13.50
N GLY A 158 -11.91 5.21 -12.52
CA GLY A 158 -11.06 4.15 -12.00
C GLY A 158 -11.07 4.16 -10.48
N ALA A 159 -9.91 3.94 -9.86
CA ALA A 159 -9.80 3.90 -8.41
C ALA A 159 -10.88 2.95 -7.92
N LEU A 160 -10.93 1.80 -8.58
CA LEU A 160 -11.90 0.75 -8.31
C LEU A 160 -11.79 -0.05 -7.03
N ALA A 161 -10.61 -0.04 -6.40
CA ALA A 161 -10.36 -0.80 -5.18
C ALA A 161 -11.29 -0.52 -4.01
N ALA A 162 -11.38 -1.52 -3.13
CA ALA A 162 -12.17 -1.50 -1.92
C ALA A 162 -11.87 -0.33 -0.98
N GLY A 163 -10.60 -0.11 -0.72
CA GLY A 163 -10.20 0.95 0.18
C GLY A 163 -10.81 2.32 -0.04
N PHE A 164 -11.15 2.63 -1.28
CA PHE A 164 -11.73 3.92 -1.59
C PHE A 164 -13.17 4.00 -1.15
N GLN A 165 -13.68 2.89 -0.63
CA GLN A 165 -15.07 2.82 -0.16
C GLN A 165 -15.25 3.76 1.02
N HIS A 166 -14.25 3.80 1.88
CA HIS A 166 -14.25 4.63 3.08
C HIS A 166 -13.94 6.11 2.79
N LYS A 167 -15.02 6.91 2.71
CA LYS A 167 -14.88 8.32 2.40
C LYS A 167 -15.18 9.26 3.55
N ASP A 168 -15.21 8.75 4.78
CA ASP A 168 -15.48 9.60 5.93
C ASP A 168 -14.39 10.61 6.18
N SER A 169 -13.15 10.28 5.82
CA SER A 169 -12.04 11.19 6.05
C SER A 169 -11.11 11.29 4.86
N GLU A 170 -10.12 10.41 4.83
CA GLU A 170 -9.10 10.32 3.80
C GLU A 170 -9.56 10.53 2.35
N TYR A 171 -10.67 9.90 1.95
CA TYR A 171 -11.19 9.98 0.57
C TYR A 171 -12.57 10.62 0.42
N SER A 172 -12.83 11.70 1.16
CA SER A 172 -14.14 12.34 1.10
C SER A 172 -14.44 13.05 -0.21
N HIS A 173 -13.42 13.58 -0.88
CA HIS A 173 -13.69 14.30 -2.12
C HIS A 173 -13.59 13.49 -3.40
N LEU A 174 -13.75 12.17 -3.25
CA LEU A 174 -13.68 11.26 -4.38
C LEU A 174 -15.03 10.66 -4.80
N THR A 175 -15.37 10.82 -6.08
CA THR A 175 -16.59 10.28 -6.66
C THR A 175 -16.16 9.35 -7.78
N ARG A 176 -16.50 8.07 -7.66
CA ARG A 176 -16.17 7.05 -8.64
C ARG A 176 -17.32 6.87 -9.62
N VAL A 177 -17.08 7.25 -10.87
CA VAL A 177 -18.10 7.19 -11.90
C VAL A 177 -18.17 5.89 -12.68
N ALA A 178 -17.26 4.97 -12.37
CA ALA A 178 -17.25 3.65 -13.03
C ALA A 178 -17.56 2.69 -11.90
N PRO A 179 -18.16 1.53 -12.20
CA PRO A 179 -18.49 0.57 -11.14
C PRO A 179 -17.30 -0.06 -10.43
N ALA A 180 -17.25 0.12 -9.11
CA ALA A 180 -16.20 -0.43 -8.26
C ALA A 180 -16.26 -1.96 -8.18
N TYR A 181 -15.12 -2.57 -7.86
CA TYR A 181 -15.00 -4.02 -7.73
C TYR A 181 -16.01 -4.58 -6.74
N ALA A 182 -16.14 -3.92 -5.59
CA ALA A 182 -17.08 -4.34 -4.55
C ALA A 182 -18.48 -4.48 -5.13
N LYS A 183 -18.82 -3.67 -6.12
CA LYS A 183 -20.13 -3.75 -6.75
C LYS A 183 -20.17 -5.05 -7.55
N MET A 184 -19.08 -5.32 -8.26
CA MET A 184 -18.94 -6.55 -9.06
C MET A 184 -18.97 -7.71 -8.07
N GLY A 185 -18.54 -7.45 -6.84
CA GLY A 185 -18.56 -8.50 -5.84
C GLY A 185 -19.98 -8.80 -5.35
N GLU A 186 -20.87 -7.81 -5.47
CA GLU A 186 -22.25 -7.98 -5.04
C GLU A 186 -22.99 -8.79 -6.08
N MET A 187 -22.61 -8.59 -7.33
CA MET A 187 -23.21 -9.31 -8.44
C MET A 187 -22.92 -10.79 -8.23
N MET A 188 -21.64 -11.13 -8.04
CA MET A 188 -21.24 -12.52 -7.82
C MET A 188 -22.00 -13.13 -6.64
N LEU A 189 -22.25 -12.33 -5.62
CA LEU A 189 -22.98 -12.82 -4.45
C LEU A 189 -24.38 -13.20 -4.89
N ALA A 190 -24.97 -12.39 -5.77
CA ALA A 190 -26.31 -12.67 -6.28
C ALA A 190 -26.26 -13.91 -7.16
N LEU A 191 -25.25 -13.98 -8.01
CA LEU A 191 -25.14 -15.14 -8.90
C LEU A 191 -25.10 -16.37 -8.00
N PHE A 192 -24.27 -16.32 -6.97
CA PHE A 192 -24.11 -17.43 -6.04
C PHE A 192 -25.36 -17.81 -5.27
N ARG A 193 -26.08 -16.84 -4.74
CA ARG A 193 -27.27 -17.18 -4.00
C ARG A 193 -28.29 -17.80 -4.94
N HIS A 194 -28.24 -17.39 -6.21
CA HIS A 194 -29.15 -17.89 -7.23
C HIS A 194 -28.85 -19.36 -7.54
N HIS A 195 -27.57 -19.75 -7.49
CA HIS A 195 -27.20 -21.14 -7.73
C HIS A 195 -27.10 -21.88 -6.39
N HIS A 196 -27.35 -21.15 -5.31
CA HIS A 196 -27.31 -21.69 -3.94
C HIS A 196 -25.93 -22.21 -3.55
N TRP A 197 -24.89 -21.64 -4.15
CA TRP A 197 -23.51 -22.02 -3.84
C TRP A 197 -23.09 -21.22 -2.62
N SER A 198 -22.23 -21.79 -1.78
CA SER A 198 -21.80 -21.05 -0.60
C SER A 198 -20.30 -21.11 -0.37
N ARG A 199 -19.56 -21.67 -1.32
CA ARG A 199 -18.11 -21.76 -1.19
C ARG A 199 -17.45 -21.42 -2.53
N ALA A 200 -16.24 -20.89 -2.50
CA ALA A 200 -15.58 -20.53 -3.74
C ALA A 200 -14.07 -20.44 -3.64
N ALA A 201 -13.40 -20.75 -4.74
CA ALA A 201 -11.95 -20.67 -4.79
C ALA A 201 -11.64 -19.37 -5.52
N LEU A 202 -10.75 -18.56 -4.98
CA LEU A 202 -10.38 -17.31 -5.63
C LEU A 202 -8.96 -17.50 -6.17
N VAL A 203 -8.83 -17.55 -7.50
CA VAL A 203 -7.53 -17.73 -8.17
C VAL A 203 -7.25 -16.50 -9.01
N TYR A 204 -6.16 -15.80 -8.69
CA TYR A 204 -5.81 -14.58 -9.41
C TYR A 204 -4.32 -14.29 -9.53
N SER A 205 -3.98 -13.51 -10.55
CA SER A 205 -2.60 -13.12 -10.79
C SER A 205 -2.32 -11.84 -10.01
N ASP A 206 -1.17 -11.79 -9.33
CA ASP A 206 -0.79 -10.62 -8.55
C ASP A 206 0.56 -10.04 -9.01
N ASP A 207 0.48 -8.90 -9.69
CA ASP A 207 1.62 -8.16 -10.22
C ASP A 207 2.62 -7.69 -9.18
N LYS A 208 2.09 -7.21 -8.05
CA LYS A 208 2.87 -6.63 -6.97
C LYS A 208 3.27 -5.26 -7.52
N LEU A 209 2.59 -4.87 -8.58
CA LEU A 209 2.80 -3.59 -9.24
C LEU A 209 1.44 -2.86 -9.33
N GLU A 210 0.75 -2.99 -10.47
CA GLU A 210 -0.56 -2.38 -10.65
C GLU A 210 -1.60 -3.19 -9.87
N ARG A 211 -1.47 -4.51 -9.92
CA ARG A 211 -2.33 -5.43 -9.17
C ARG A 211 -3.82 -5.30 -9.43
N ASN A 212 -4.21 -5.25 -10.70
CA ASN A 212 -5.62 -5.09 -11.03
C ASN A 212 -6.48 -6.27 -10.61
N CYS A 213 -6.00 -7.47 -10.87
CA CYS A 213 -6.76 -8.65 -10.53
C CYS A 213 -6.78 -8.91 -9.03
N TYR A 214 -5.74 -8.46 -8.35
CA TYR A 214 -5.71 -8.63 -6.91
C TYR A 214 -6.86 -7.77 -6.36
N PHE A 215 -6.93 -6.52 -6.79
CA PHE A 215 -7.97 -5.62 -6.35
C PHE A 215 -9.34 -6.08 -6.82
N THR A 216 -9.39 -6.73 -7.98
CA THR A 216 -10.66 -7.21 -8.53
C THR A 216 -11.26 -8.28 -7.62
N LEU A 217 -10.48 -9.32 -7.34
CA LEU A 217 -10.94 -10.38 -6.48
C LEU A 217 -11.03 -9.95 -5.01
N GLU A 218 -10.40 -8.84 -4.64
CA GLU A 218 -10.50 -8.40 -3.25
C GLU A 218 -11.95 -7.92 -3.12
N GLY A 219 -12.48 -7.37 -4.20
CA GLY A 219 -13.86 -6.90 -4.20
C GLY A 219 -14.85 -8.03 -3.94
N VAL A 220 -14.55 -9.23 -4.45
CA VAL A 220 -15.40 -10.39 -4.24
C VAL A 220 -15.19 -10.91 -2.83
N HIS A 221 -13.93 -10.95 -2.42
CA HIS A 221 -13.57 -11.44 -1.11
C HIS A 221 -14.21 -10.61 0.00
N GLU A 222 -14.24 -9.31 -0.19
CA GLU A 222 -14.83 -8.43 0.81
C GLU A 222 -16.32 -8.70 0.94
N VAL A 223 -16.99 -8.94 -0.18
CA VAL A 223 -18.42 -9.20 -0.11
C VAL A 223 -18.72 -10.58 0.45
N PHE A 224 -18.09 -11.60 -0.10
CA PHE A 224 -18.33 -12.93 0.41
C PHE A 224 -18.08 -12.99 1.93
N GLN A 225 -17.04 -12.31 2.41
CA GLN A 225 -16.72 -12.28 3.85
C GLN A 225 -17.85 -11.80 4.74
N GLU A 226 -18.31 -10.57 4.50
CA GLU A 226 -19.41 -10.01 5.27
C GLU A 226 -20.60 -10.98 5.27
N GLU A 227 -20.89 -11.55 4.11
CA GLU A 227 -22.00 -12.47 3.95
C GLU A 227 -21.85 -13.86 4.55
N GLY A 228 -20.62 -14.33 4.73
CA GLY A 228 -20.44 -15.65 5.29
C GLY A 228 -19.93 -16.72 4.35
N LEU A 229 -19.99 -16.48 3.05
CA LEU A 229 -19.51 -17.46 2.07
C LEU A 229 -18.06 -17.81 2.36
N HIS A 230 -17.72 -19.09 2.30
CA HIS A 230 -16.35 -19.50 2.55
C HIS A 230 -15.51 -19.23 1.30
N THR A 231 -14.23 -18.93 1.47
CA THR A 231 -13.38 -18.71 0.31
C THR A 231 -11.96 -19.17 0.50
N SER A 232 -11.46 -19.85 -0.53
CA SER A 232 -10.08 -20.31 -0.54
C SER A 232 -9.38 -19.28 -1.41
N ILE A 233 -8.16 -18.89 -1.08
CA ILE A 233 -7.45 -17.89 -1.88
C ILE A 233 -6.13 -18.46 -2.43
N TYR A 234 -5.86 -18.19 -3.69
CA TYR A 234 -4.64 -18.67 -4.34
C TYR A 234 -4.16 -17.68 -5.37
N SER A 235 -2.96 -17.15 -5.19
CA SER A 235 -2.44 -16.17 -6.14
C SER A 235 -1.08 -16.57 -6.74
N PHE A 236 -0.81 -16.00 -7.91
CA PHE A 236 0.44 -16.22 -8.64
C PHE A 236 0.77 -14.98 -9.45
N ASP A 237 2.02 -14.83 -9.85
CA ASP A 237 2.40 -13.70 -10.68
C ASP A 237 2.39 -14.27 -12.08
N GLU A 238 1.45 -13.81 -12.90
CA GLU A 238 1.33 -14.32 -14.26
C GLU A 238 2.42 -13.80 -15.15
N THR A 239 3.11 -12.75 -14.70
CA THR A 239 4.21 -12.19 -15.49
C THR A 239 5.40 -13.10 -15.34
N LYS A 240 5.72 -13.45 -14.10
CA LYS A 240 6.85 -14.32 -13.83
C LYS A 240 6.61 -15.68 -14.48
N ASP A 241 7.59 -16.56 -14.36
CA ASP A 241 7.52 -17.91 -14.94
C ASP A 241 6.25 -18.63 -14.48
N LEU A 242 5.35 -18.87 -15.43
CA LEU A 242 4.09 -19.55 -15.12
C LEU A 242 4.23 -21.03 -14.80
N ASP A 243 3.39 -21.50 -13.88
CA ASP A 243 3.37 -22.90 -13.48
C ASP A 243 1.91 -23.34 -13.36
N LEU A 244 1.31 -23.60 -14.51
CA LEU A 244 -0.09 -24.02 -14.59
C LEU A 244 -0.40 -25.36 -13.92
N GLU A 245 0.65 -26.08 -13.52
CA GLU A 245 0.43 -27.38 -12.87
C GLU A 245 0.01 -27.24 -11.42
N ASP A 246 0.63 -26.29 -10.73
CA ASP A 246 0.34 -26.05 -9.32
C ASP A 246 -1.02 -25.36 -9.20
N ILE A 247 -1.34 -24.50 -10.17
CA ILE A 247 -2.59 -23.77 -10.17
C ILE A 247 -3.74 -24.77 -10.08
N VAL A 248 -3.86 -25.58 -11.12
CA VAL A 248 -4.91 -26.58 -11.23
C VAL A 248 -5.01 -27.55 -10.05
N ARG A 249 -3.86 -27.89 -9.45
CA ARG A 249 -3.82 -28.79 -8.31
C ARG A 249 -4.46 -28.15 -7.08
N ASN A 250 -4.16 -26.89 -6.85
CA ASN A 250 -4.76 -26.17 -5.74
C ASN A 250 -6.26 -26.11 -5.99
N ILE A 251 -6.63 -25.82 -7.22
CA ILE A 251 -8.04 -25.73 -7.60
C ILE A 251 -8.79 -26.96 -7.12
N GLN A 252 -8.48 -28.10 -7.73
CA GLN A 252 -9.15 -29.35 -7.41
C GLN A 252 -9.04 -29.74 -5.93
N ALA A 253 -8.07 -29.18 -5.23
CA ALA A 253 -7.89 -29.50 -3.83
C ALA A 253 -8.84 -28.71 -2.92
N SER A 254 -9.27 -27.53 -3.34
CA SER A 254 -10.14 -26.71 -2.50
C SER A 254 -11.65 -26.69 -2.80
N GLU A 255 -12.09 -25.85 -3.74
CA GLU A 255 -13.52 -25.77 -4.04
C GLU A 255 -13.90 -26.12 -5.49
N ARG A 256 -15.13 -26.61 -5.68
CA ARG A 256 -15.63 -26.98 -6.99
C ARG A 256 -16.03 -25.79 -7.86
N VAL A 257 -16.23 -24.63 -7.23
CA VAL A 257 -16.57 -23.42 -7.97
C VAL A 257 -15.38 -22.46 -7.91
N VAL A 258 -14.88 -22.07 -9.08
CA VAL A 258 -13.70 -21.22 -9.15
C VAL A 258 -13.93 -19.87 -9.79
N ILE A 259 -13.48 -18.81 -9.10
CA ILE A 259 -13.58 -17.43 -9.61
C ILE A 259 -12.14 -16.99 -9.89
N MET A 260 -11.84 -16.71 -11.15
CA MET A 260 -10.48 -16.32 -11.53
C MET A 260 -10.39 -14.93 -12.14
N CYS A 261 -9.18 -14.38 -12.16
CA CYS A 261 -8.94 -13.09 -12.78
C CYS A 261 -7.47 -13.03 -13.16
N ALA A 262 -7.22 -12.90 -14.45
CA ALA A 262 -5.88 -12.80 -15.01
C ALA A 262 -6.08 -12.44 -16.48
N SER A 263 -5.00 -12.29 -17.23
CA SER A 263 -5.09 -11.95 -18.65
C SER A 263 -5.97 -12.99 -19.35
N SER A 264 -6.59 -12.60 -20.44
CA SER A 264 -7.45 -13.52 -21.18
C SER A 264 -6.66 -14.74 -21.62
N ASP A 265 -5.40 -14.51 -21.99
CA ASP A 265 -4.51 -15.59 -22.42
C ASP A 265 -4.18 -16.50 -21.26
N THR A 266 -3.75 -15.93 -20.14
CA THR A 266 -3.42 -16.72 -18.97
C THR A 266 -4.61 -17.61 -18.56
N ILE A 267 -5.82 -17.05 -18.55
CA ILE A 267 -6.99 -17.87 -18.18
C ILE A 267 -7.11 -19.03 -19.14
N ARG A 268 -6.88 -18.77 -20.42
CA ARG A 268 -6.98 -19.79 -21.46
C ARG A 268 -6.07 -20.97 -21.11
N SER A 269 -4.84 -20.67 -20.73
CA SER A 269 -3.90 -21.71 -20.37
C SER A 269 -4.42 -22.49 -19.17
N ILE A 270 -4.88 -21.77 -18.15
CA ILE A 270 -5.39 -22.48 -16.98
C ILE A 270 -6.51 -23.43 -17.38
N MET A 271 -7.38 -23.00 -18.31
CA MET A 271 -8.48 -23.85 -18.75
C MET A 271 -8.03 -25.06 -19.55
N LEU A 272 -6.90 -24.95 -20.24
CA LEU A 272 -6.37 -26.07 -21.01
C LEU A 272 -5.88 -27.15 -20.05
N VAL A 273 -5.04 -26.75 -19.09
CA VAL A 273 -4.52 -27.69 -18.11
C VAL A 273 -5.66 -28.31 -17.31
N ALA A 274 -6.71 -27.53 -17.06
CA ALA A 274 -7.86 -28.03 -16.31
C ALA A 274 -8.58 -29.10 -17.14
N HIS A 275 -8.74 -28.81 -18.42
CA HIS A 275 -9.37 -29.71 -19.38
C HIS A 275 -8.55 -31.00 -19.51
N ARG A 276 -7.25 -30.82 -19.67
CA ARG A 276 -6.32 -31.93 -19.80
C ARG A 276 -6.33 -32.76 -18.52
N HIS A 277 -6.99 -32.26 -17.48
CA HIS A 277 -7.07 -32.96 -16.20
C HIS A 277 -8.48 -33.46 -15.96
N GLY A 278 -9.36 -33.23 -16.93
CA GLY A 278 -10.74 -33.69 -16.82
C GLY A 278 -11.65 -32.86 -15.94
N MET A 279 -11.20 -31.67 -15.54
CA MET A 279 -12.00 -30.80 -14.67
C MET A 279 -13.05 -29.96 -15.41
N THR A 280 -13.17 -30.14 -16.73
CA THR A 280 -14.14 -29.36 -17.51
C THR A 280 -15.40 -30.10 -17.94
N SER A 281 -15.43 -31.42 -17.72
CA SER A 281 -16.59 -32.22 -18.11
C SER A 281 -17.85 -31.77 -17.40
N GLY A 282 -17.70 -31.02 -16.31
CA GLY A 282 -18.86 -30.56 -15.58
C GLY A 282 -18.74 -30.75 -14.08
N ASP A 283 -17.53 -31.06 -13.63
CA ASP A 283 -17.26 -31.25 -12.20
C ASP A 283 -16.91 -29.93 -11.53
N TYR A 284 -16.50 -28.96 -12.34
CA TYR A 284 -16.16 -27.62 -11.85
C TYR A 284 -16.92 -26.55 -12.61
N ALA A 285 -17.18 -25.43 -11.95
CA ALA A 285 -17.87 -24.31 -12.57
C ALA A 285 -16.90 -23.15 -12.48
N PHE A 286 -16.18 -22.88 -13.57
CA PHE A 286 -15.21 -21.79 -13.60
C PHE A 286 -15.78 -20.44 -14.00
N PHE A 287 -15.24 -19.39 -13.40
CA PHE A 287 -15.62 -18.02 -13.72
C PHE A 287 -14.38 -17.16 -13.87
N ASN A 288 -14.47 -16.15 -14.72
CA ASN A 288 -13.36 -15.22 -14.87
C ASN A 288 -13.95 -13.80 -15.03
N ILE A 289 -13.20 -12.79 -14.64
CA ILE A 289 -13.69 -11.43 -14.75
C ILE A 289 -12.95 -10.62 -15.80
N GLU A 290 -13.69 -10.16 -16.80
CA GLU A 290 -13.15 -9.32 -17.86
C GLU A 290 -14.15 -8.19 -18.01
N LEU A 291 -14.08 -7.24 -17.09
CA LEU A 291 -14.99 -6.11 -17.08
C LEU A 291 -14.80 -5.08 -18.17
N PHE A 292 -13.59 -4.97 -18.73
CA PHE A 292 -13.37 -3.92 -19.72
C PHE A 292 -13.08 -4.26 -21.17
N ASN A 293 -12.75 -5.51 -21.48
CA ASN A 293 -12.49 -5.86 -22.87
C ASN A 293 -13.10 -7.23 -23.18
N SER A 294 -14.35 -7.42 -22.77
CA SER A 294 -15.08 -8.65 -22.98
C SER A 294 -15.88 -8.59 -24.27
N SER A 295 -15.18 -8.65 -25.40
CA SER A 295 -15.83 -8.58 -26.70
C SER A 295 -15.43 -9.76 -27.56
N SER A 296 -14.65 -10.67 -26.99
CA SER A 296 -14.19 -11.86 -27.70
C SER A 296 -15.34 -12.82 -28.00
N TYR A 297 -16.33 -12.85 -27.11
CA TYR A 297 -17.47 -13.71 -27.34
C TYR A 297 -18.19 -13.09 -28.54
N GLY A 298 -18.79 -13.92 -29.37
CA GLY A 298 -19.45 -13.42 -30.56
C GLY A 298 -18.73 -14.11 -31.69
N ASP A 299 -17.48 -14.46 -31.40
CA ASP A 299 -16.61 -15.18 -32.32
C ASP A 299 -16.01 -16.34 -31.55
N GLY A 300 -15.87 -16.16 -30.23
CA GLY A 300 -15.31 -17.19 -29.37
C GLY A 300 -14.08 -16.73 -28.60
N SER A 301 -14.24 -16.42 -27.32
CA SER A 301 -13.12 -15.96 -26.51
C SER A 301 -12.03 -17.02 -26.36
N TRP A 302 -12.32 -18.25 -26.80
CA TRP A 302 -11.36 -19.33 -26.73
C TRP A 302 -10.49 -19.34 -27.99
N LYS A 303 -11.07 -18.84 -29.07
CA LYS A 303 -10.40 -18.79 -30.37
C LYS A 303 -9.19 -17.88 -30.44
N ARG A 304 -8.06 -18.46 -30.81
CA ARG A 304 -6.82 -17.71 -30.94
C ARG A 304 -6.19 -18.00 -32.30
N GLY A 305 -6.91 -18.74 -33.14
CA GLY A 305 -6.36 -19.09 -34.44
C GLY A 305 -5.14 -19.95 -34.12
N ASP A 306 -5.14 -20.43 -32.89
CA ASP A 306 -4.08 -21.26 -32.33
C ASP A 306 -4.40 -22.72 -32.65
N LYS A 307 -3.40 -23.58 -32.51
CA LYS A 307 -3.60 -24.99 -32.77
C LYS A 307 -4.29 -25.69 -31.60
N HIS A 308 -4.61 -24.91 -30.57
CA HIS A 308 -5.27 -25.44 -29.38
C HIS A 308 -6.73 -25.01 -29.36
N ASP A 309 -7.13 -24.28 -30.39
CA ASP A 309 -8.49 -23.78 -30.49
C ASP A 309 -9.56 -24.84 -30.23
N PHE A 310 -9.30 -26.08 -30.60
CA PHE A 310 -10.29 -27.14 -30.36
C PHE A 310 -10.37 -27.40 -28.86
N GLU A 311 -9.23 -27.69 -28.25
CA GLU A 311 -9.20 -27.94 -26.81
C GLU A 311 -9.95 -26.80 -26.14
N ALA A 312 -9.43 -25.59 -26.33
CA ALA A 312 -10.02 -24.39 -25.75
C ALA A 312 -11.54 -24.41 -25.82
N LYS A 313 -12.08 -24.48 -27.04
CA LYS A 313 -13.53 -24.47 -27.23
C LYS A 313 -14.25 -25.43 -26.27
N GLN A 314 -13.71 -26.62 -26.11
CA GLN A 314 -14.30 -27.60 -25.22
C GLN A 314 -14.09 -27.19 -23.77
N ALA A 315 -12.88 -26.74 -23.46
CA ALA A 315 -12.55 -26.31 -22.10
C ALA A 315 -13.47 -25.20 -21.65
N TYR A 316 -13.66 -24.20 -22.51
CA TYR A 316 -14.51 -23.06 -22.17
C TYR A 316 -15.98 -23.41 -21.97
N SER A 317 -16.34 -24.67 -22.14
CA SER A 317 -17.74 -25.05 -21.97
C SER A 317 -18.13 -25.01 -20.49
N SER A 318 -17.13 -25.07 -19.62
CA SER A 318 -17.39 -25.02 -18.18
C SER A 318 -16.94 -23.69 -17.61
N LEU A 319 -16.73 -22.73 -18.49
CA LEU A 319 -16.26 -21.42 -18.10
C LEU A 319 -17.28 -20.33 -18.34
N GLN A 320 -17.41 -19.41 -17.40
CA GLN A 320 -18.34 -18.32 -17.57
C GLN A 320 -17.55 -17.04 -17.33
N THR A 321 -17.83 -16.01 -18.12
CA THR A 321 -17.14 -14.74 -18.00
C THR A 321 -18.06 -13.61 -17.57
N VAL A 322 -17.68 -12.94 -16.50
CA VAL A 322 -18.46 -11.82 -16.01
C VAL A 322 -17.91 -10.53 -16.58
N THR A 323 -18.78 -9.71 -17.15
CA THR A 323 -18.36 -8.44 -17.71
C THR A 323 -19.42 -7.40 -17.44
N LEU A 324 -19.13 -6.17 -17.86
CA LEU A 324 -20.07 -5.07 -17.66
C LEU A 324 -21.21 -5.14 -18.65
N LEU A 325 -22.41 -4.81 -18.20
CA LEU A 325 -23.56 -4.78 -19.10
C LEU A 325 -23.49 -3.46 -19.86
N ARG A 326 -23.32 -3.53 -21.16
CA ARG A 326 -23.24 -2.30 -21.91
C ARG A 326 -24.48 -2.08 -22.75
N THR A 327 -25.18 -0.99 -22.44
CA THR A 327 -26.41 -0.60 -23.11
C THR A 327 -26.14 0.47 -24.16
N VAL A 328 -26.95 0.48 -25.20
CA VAL A 328 -26.77 1.46 -26.27
C VAL A 328 -27.89 2.49 -26.36
N LYS A 329 -27.67 3.48 -27.23
CA LYS A 329 -28.60 4.58 -27.46
C LYS A 329 -28.07 5.26 -28.73
N PRO A 330 -28.93 5.98 -29.47
CA PRO A 330 -28.45 6.63 -30.68
C PRO A 330 -27.24 7.55 -30.38
N GLU A 331 -27.36 8.34 -29.33
CA GLU A 331 -26.29 9.24 -28.94
C GLU A 331 -24.99 8.48 -28.79
N PHE A 332 -25.03 7.37 -28.06
CA PHE A 332 -23.85 6.56 -27.82
C PHE A 332 -23.18 6.21 -29.14
N GLU A 333 -23.99 5.87 -30.14
CA GLU A 333 -23.51 5.52 -31.46
C GLU A 333 -22.64 6.61 -32.08
N LYS A 334 -23.20 7.81 -32.19
CA LYS A 334 -22.50 8.95 -32.76
C LYS A 334 -21.27 9.32 -31.93
N PHE A 335 -21.41 9.25 -30.62
CA PHE A 335 -20.32 9.55 -29.69
C PHE A 335 -19.18 8.54 -29.89
N SER A 336 -19.55 7.27 -30.02
CA SER A 336 -18.58 6.21 -30.23
C SER A 336 -17.75 6.47 -31.48
N MET A 337 -18.44 6.75 -32.59
CA MET A 337 -17.78 7.00 -33.86
C MET A 337 -16.76 8.13 -33.80
N GLU A 338 -17.22 9.34 -33.48
CA GLU A 338 -16.32 10.48 -33.39
C GLU A 338 -15.10 10.18 -32.53
N VAL A 339 -15.34 9.69 -31.31
CA VAL A 339 -14.24 9.34 -30.42
C VAL A 339 -13.34 8.36 -31.16
N LYS A 340 -13.95 7.41 -31.85
CA LYS A 340 -13.21 6.40 -32.61
C LYS A 340 -12.33 7.03 -33.68
N SER A 341 -12.90 7.93 -34.47
CA SER A 341 -12.14 8.57 -35.54
C SER A 341 -11.05 9.48 -34.99
N SER A 342 -11.37 10.28 -33.99
CA SER A 342 -10.39 11.18 -33.37
C SER A 342 -9.18 10.35 -32.97
N VAL A 343 -9.44 9.22 -32.33
CA VAL A 343 -8.40 8.30 -31.89
C VAL A 343 -7.68 7.72 -33.11
N GLU A 344 -8.45 7.29 -34.11
CA GLU A 344 -7.90 6.71 -35.33
C GLU A 344 -6.91 7.60 -36.04
N LYS A 345 -7.30 8.85 -36.31
CA LYS A 345 -6.40 9.78 -36.97
C LYS A 345 -5.41 10.33 -35.96
N GLN A 346 -5.09 9.50 -34.97
CA GLN A 346 -4.15 9.84 -33.92
C GLN A 346 -3.08 8.75 -33.85
N GLY A 347 -3.41 7.59 -34.40
CA GLY A 347 -2.47 6.49 -34.42
C GLY A 347 -2.88 5.23 -33.67
N LEU A 348 -4.06 5.25 -33.05
CA LEU A 348 -4.53 4.10 -32.27
C LEU A 348 -5.82 3.49 -32.78
N ASN A 349 -5.88 2.17 -32.81
CA ASN A 349 -7.10 1.48 -33.24
C ASN A 349 -7.97 1.34 -31.99
N MET A 350 -9.28 1.54 -32.14
CA MET A 350 -10.16 1.46 -31.00
C MET A 350 -11.29 0.44 -31.16
N GLU A 351 -11.56 -0.31 -30.09
CA GLU A 351 -12.63 -1.29 -30.10
C GLU A 351 -13.93 -0.57 -30.45
N ASP A 352 -14.60 -1.06 -31.49
CA ASP A 352 -15.87 -0.49 -31.96
C ASP A 352 -16.54 0.40 -30.91
N TYR A 353 -17.00 -0.21 -29.83
CA TYR A 353 -17.65 0.55 -28.77
C TYR A 353 -16.60 1.01 -27.76
N VAL A 354 -16.57 2.32 -27.49
CA VAL A 354 -15.61 2.88 -26.55
C VAL A 354 -15.73 2.14 -25.22
N ASN A 355 -14.63 2.06 -24.48
CA ASN A 355 -14.61 1.35 -23.20
C ASN A 355 -15.30 2.10 -22.07
N MET A 356 -15.43 1.44 -20.92
CA MET A 356 -16.07 2.02 -19.75
C MET A 356 -15.39 3.31 -19.26
N PHE A 357 -14.06 3.35 -19.30
CA PHE A 357 -13.34 4.54 -18.84
C PHE A 357 -13.62 5.77 -19.69
N VAL A 358 -13.61 5.60 -21.01
CA VAL A 358 -13.86 6.68 -21.94
C VAL A 358 -15.28 7.22 -21.77
N GLU A 359 -16.23 6.30 -21.63
CA GLU A 359 -17.62 6.64 -21.45
C GLU A 359 -17.77 7.28 -20.08
N GLY A 360 -17.13 6.65 -19.10
CA GLY A 360 -17.19 7.16 -17.74
C GLY A 360 -16.69 8.59 -17.62
N PHE A 361 -15.61 8.92 -18.33
CA PHE A 361 -15.10 10.28 -18.23
C PHE A 361 -16.01 11.30 -18.90
N HIS A 362 -16.79 10.86 -19.88
CA HIS A 362 -17.74 11.76 -20.51
C HIS A 362 -18.79 12.08 -19.45
N ASP A 363 -19.31 11.05 -18.79
CA ASP A 363 -20.32 11.26 -17.76
C ASP A 363 -19.78 12.00 -16.54
N ALA A 364 -18.45 11.96 -16.34
CA ALA A 364 -17.87 12.67 -15.20
C ALA A 364 -18.02 14.17 -15.46
N ILE A 365 -17.77 14.57 -16.70
CA ILE A 365 -17.89 15.96 -17.06
C ILE A 365 -19.31 16.43 -16.78
N LEU A 366 -20.28 15.71 -17.35
CA LEU A 366 -21.69 16.03 -17.17
C LEU A 366 -22.01 16.09 -15.69
N LEU A 367 -21.61 15.06 -14.98
CA LEU A 367 -21.87 15.00 -13.56
C LEU A 367 -21.34 16.23 -12.85
N TYR A 368 -20.05 16.54 -13.05
CA TYR A 368 -19.48 17.71 -12.41
C TYR A 368 -20.32 18.95 -12.72
N VAL A 369 -20.64 19.16 -14.00
CA VAL A 369 -21.43 20.30 -14.41
C VAL A 369 -22.81 20.36 -13.73
N LEU A 370 -23.41 19.19 -13.53
CA LEU A 370 -24.72 19.07 -12.91
C LEU A 370 -24.65 19.44 -11.43
N ALA A 371 -23.48 19.24 -10.83
CA ALA A 371 -23.30 19.56 -9.41
C ALA A 371 -22.94 21.04 -9.24
N LEU A 372 -21.99 21.52 -10.05
CA LEU A 372 -21.57 22.92 -10.00
C LEU A 372 -22.75 23.84 -10.16
N HIS A 373 -23.66 23.44 -11.05
CA HIS A 373 -24.87 24.22 -11.31
C HIS A 373 -25.66 24.36 -10.02
N GLU A 374 -26.10 23.25 -9.45
CA GLU A 374 -26.89 23.28 -8.22
C GLU A 374 -26.18 23.97 -7.08
N VAL A 375 -24.84 23.97 -7.13
CA VAL A 375 -24.04 24.61 -6.09
C VAL A 375 -24.14 26.12 -6.29
N LEU A 376 -23.98 26.56 -7.54
CA LEU A 376 -24.07 27.97 -7.90
C LEU A 376 -25.44 28.53 -7.51
N ARG A 377 -26.49 27.89 -8.01
CA ARG A 377 -27.86 28.29 -7.74
C ARG A 377 -28.17 28.40 -6.26
N ALA A 378 -27.25 27.96 -5.41
CA ALA A 378 -27.46 28.05 -3.97
C ALA A 378 -26.52 29.04 -3.30
N GLY A 379 -25.86 29.87 -4.10
CA GLY A 379 -24.97 30.88 -3.54
C GLY A 379 -23.51 30.52 -3.33
N TYR A 380 -23.20 29.22 -3.36
CA TYR A 380 -21.83 28.76 -3.17
C TYR A 380 -21.03 28.86 -4.45
N SER A 381 -19.72 28.66 -4.36
CA SER A 381 -18.86 28.76 -5.53
C SER A 381 -18.20 27.44 -5.89
N LYS A 382 -17.53 27.43 -7.03
CA LYS A 382 -16.82 26.24 -7.50
C LYS A 382 -15.73 25.87 -6.48
N LYS A 383 -15.37 26.81 -5.62
CA LYS A 383 -14.34 26.54 -4.62
C LYS A 383 -14.84 25.80 -3.40
N ASP A 384 -16.14 25.51 -3.35
CA ASP A 384 -16.70 24.74 -2.23
C ASP A 384 -16.65 23.29 -2.68
N GLY A 385 -15.43 22.76 -2.82
CA GLY A 385 -15.24 21.39 -3.29
C GLY A 385 -16.08 20.29 -2.65
N GLY A 386 -16.12 20.26 -1.32
CA GLY A 386 -16.89 19.26 -0.62
C GLY A 386 -18.35 19.37 -1.01
N LYS A 387 -18.86 20.61 -1.03
CA LYS A 387 -20.24 20.86 -1.39
C LYS A 387 -20.54 20.39 -2.82
N ILE A 388 -19.55 20.41 -3.70
CA ILE A 388 -19.76 19.96 -5.07
C ILE A 388 -19.76 18.45 -5.13
N ILE A 389 -18.88 17.83 -4.35
CA ILE A 389 -18.79 16.38 -4.32
C ILE A 389 -20.12 15.81 -3.81
N GLN A 390 -20.68 16.47 -2.80
CA GLN A 390 -21.95 16.02 -2.21
C GLN A 390 -23.12 16.09 -3.19
N GLN A 391 -23.07 17.05 -4.11
CA GLN A 391 -24.13 17.18 -5.10
C GLN A 391 -24.01 16.09 -6.15
N THR A 392 -22.84 15.46 -6.23
CA THR A 392 -22.63 14.41 -7.24
C THR A 392 -23.06 13.06 -6.73
N TRP A 393 -23.23 12.94 -5.42
CA TRP A 393 -23.65 11.66 -4.83
C TRP A 393 -25.14 11.44 -4.80
N ASN A 394 -25.53 10.24 -4.40
CA ASN A 394 -26.92 9.83 -4.32
C ASN A 394 -27.83 10.54 -5.30
N ARG A 395 -27.51 10.43 -6.59
CA ARG A 395 -28.32 11.06 -7.62
C ARG A 395 -28.24 10.27 -8.92
N THR A 396 -29.31 10.34 -9.72
CA THR A 396 -29.39 9.64 -10.98
C THR A 396 -29.43 10.64 -12.14
N PHE A 397 -28.70 10.37 -13.21
CA PHE A 397 -28.72 11.26 -14.37
C PHE A 397 -28.60 10.47 -15.66
N GLU A 398 -28.59 11.19 -16.79
CA GLU A 398 -28.50 10.59 -18.11
C GLU A 398 -27.11 10.70 -18.72
N GLY A 399 -26.39 9.60 -18.76
CA GLY A 399 -25.06 9.61 -19.33
C GLY A 399 -25.17 9.43 -20.83
N ILE A 400 -24.04 9.25 -21.49
CA ILE A 400 -24.01 9.07 -22.93
C ILE A 400 -24.59 7.73 -23.37
N ALA A 401 -24.47 6.71 -22.51
CA ALA A 401 -24.96 5.37 -22.86
C ALA A 401 -26.31 5.05 -22.24
N GLY A 402 -26.85 5.96 -21.45
CA GLY A 402 -28.12 5.69 -20.81
C GLY A 402 -28.05 6.21 -19.40
N GLN A 403 -29.00 5.81 -18.55
CA GLN A 403 -29.00 6.28 -17.18
C GLN A 403 -27.75 5.90 -16.42
N VAL A 404 -27.43 6.71 -15.42
CA VAL A 404 -26.29 6.48 -14.55
C VAL A 404 -26.74 6.85 -13.13
N SER A 405 -26.51 5.95 -12.19
CA SER A 405 -26.86 6.24 -10.81
C SER A 405 -25.62 6.10 -9.96
N ILE A 406 -25.50 6.96 -8.96
CA ILE A 406 -24.36 6.98 -8.06
C ILE A 406 -24.92 6.92 -6.65
N ASP A 407 -24.57 5.87 -5.92
CA ASP A 407 -25.11 5.67 -4.58
C ASP A 407 -24.83 6.77 -3.57
N ALA A 408 -25.29 6.55 -2.35
CA ALA A 408 -25.13 7.53 -1.28
C ALA A 408 -23.72 7.64 -0.74
N ASN A 409 -22.80 6.84 -1.28
CA ASN A 409 -21.41 6.88 -0.82
C ASN A 409 -20.51 7.45 -1.92
N GLY A 410 -21.12 7.91 -3.01
CA GLY A 410 -20.37 8.49 -4.10
C GLY A 410 -19.78 7.47 -5.03
N ASP A 411 -20.38 6.28 -5.08
CA ASP A 411 -19.89 5.22 -5.93
C ASP A 411 -20.97 4.75 -6.88
N ARG A 412 -20.65 4.77 -8.17
CA ARG A 412 -21.60 4.37 -9.20
C ARG A 412 -22.13 2.94 -9.12
N TYR A 413 -23.43 2.78 -9.39
CA TYR A 413 -24.06 1.47 -9.39
C TYR A 413 -23.70 0.85 -10.73
N GLY A 414 -23.26 -0.40 -10.73
CA GLY A 414 -22.89 -1.05 -11.99
C GLY A 414 -23.79 -2.21 -12.38
N ASP A 415 -23.97 -2.42 -13.68
CA ASP A 415 -24.77 -3.52 -14.20
C ASP A 415 -23.80 -4.50 -14.87
N PHE A 416 -24.00 -5.80 -14.64
CA PHE A 416 -23.11 -6.80 -15.22
C PHE A 416 -23.89 -7.84 -16.01
N SER A 417 -23.16 -8.53 -16.87
CA SER A 417 -23.70 -9.61 -17.69
C SER A 417 -22.81 -10.82 -17.45
N VAL A 418 -23.32 -12.02 -17.70
CA VAL A 418 -22.58 -13.26 -17.53
C VAL A 418 -22.64 -13.98 -18.87
N ILE A 419 -21.48 -14.22 -19.49
CA ILE A 419 -21.43 -14.91 -20.78
C ILE A 419 -21.10 -16.39 -20.62
N ALA A 420 -21.91 -17.25 -21.23
CA ALA A 420 -21.71 -18.69 -21.16
C ALA A 420 -21.82 -19.33 -22.55
N MET A 421 -21.20 -20.50 -22.70
CA MET A 421 -21.21 -21.26 -23.96
C MET A 421 -22.58 -21.96 -24.07
N THR A 422 -23.41 -21.47 -25.00
CA THR A 422 -24.76 -22.00 -25.23
C THR A 422 -24.84 -23.17 -26.20
N ASP A 423 -23.76 -23.42 -26.94
CA ASP A 423 -23.69 -24.52 -27.89
C ASP A 423 -22.24 -24.98 -27.97
N VAL A 424 -21.95 -26.08 -27.30
CA VAL A 424 -20.60 -26.64 -27.23
C VAL A 424 -19.98 -27.08 -28.54
N GLU A 425 -20.81 -27.47 -29.51
CA GLU A 425 -20.28 -27.92 -30.79
C GLU A 425 -19.68 -26.76 -31.57
N ALA A 426 -20.49 -25.74 -31.78
CA ALA A 426 -20.05 -24.56 -32.50
C ALA A 426 -19.01 -23.83 -31.67
N GLY A 427 -19.41 -23.49 -30.44
CA GLY A 427 -18.53 -22.76 -29.54
C GLY A 427 -19.17 -21.39 -29.31
N THR A 428 -20.47 -21.32 -29.50
CA THR A 428 -21.22 -20.09 -29.34
C THR A 428 -21.30 -19.66 -27.88
N GLN A 429 -20.95 -18.40 -27.64
CA GLN A 429 -21.00 -17.81 -26.30
C GLN A 429 -22.04 -16.70 -26.31
N GLU A 430 -22.79 -16.58 -25.23
CA GLU A 430 -23.82 -15.55 -25.16
C GLU A 430 -24.16 -15.12 -23.74
N VAL A 431 -24.63 -13.90 -23.59
CA VAL A 431 -25.01 -13.41 -22.29
C VAL A 431 -26.24 -14.19 -21.86
N ILE A 432 -26.07 -15.04 -20.85
CA ILE A 432 -27.18 -15.84 -20.35
C ILE A 432 -27.89 -15.14 -19.21
N GLY A 433 -27.24 -14.15 -18.60
CA GLY A 433 -27.86 -13.44 -17.49
C GLY A 433 -27.23 -12.07 -17.23
N ASP A 434 -27.96 -11.22 -16.53
CA ASP A 434 -27.48 -9.88 -16.21
C ASP A 434 -27.81 -9.58 -14.77
N TYR A 435 -27.14 -8.58 -14.21
CA TYR A 435 -27.39 -8.15 -12.84
C TYR A 435 -27.56 -6.65 -12.91
N PHE A 436 -28.40 -6.11 -12.04
CA PHE A 436 -28.61 -4.67 -12.01
C PHE A 436 -28.38 -4.20 -10.59
N GLY A 437 -27.17 -3.67 -10.39
CA GLY A 437 -26.76 -3.21 -9.07
C GLY A 437 -27.74 -2.36 -8.31
N LYS A 438 -28.36 -1.39 -8.97
CA LYS A 438 -29.30 -0.53 -8.27
C LYS A 438 -30.52 -1.32 -7.83
N GLU A 439 -31.15 -1.99 -8.78
CA GLU A 439 -32.32 -2.78 -8.46
C GLU A 439 -31.92 -3.89 -7.49
N GLY A 440 -30.67 -4.35 -7.64
CA GLY A 440 -30.17 -5.40 -6.77
C GLY A 440 -30.72 -6.77 -7.07
N ARG A 441 -31.04 -7.02 -8.33
CA ARG A 441 -31.56 -8.32 -8.69
C ARG A 441 -30.92 -8.84 -9.95
N PHE A 442 -30.52 -10.10 -9.90
CA PHE A 442 -29.88 -10.81 -11.02
C PHE A 442 -30.98 -11.57 -11.73
N GLU A 443 -30.91 -11.65 -13.05
CA GLU A 443 -31.92 -12.39 -13.80
C GLU A 443 -31.38 -12.93 -15.11
N MET A 444 -31.56 -14.23 -15.33
CA MET A 444 -31.11 -14.89 -16.57
C MET A 444 -31.94 -14.31 -17.71
N ARG A 445 -31.36 -14.26 -18.92
CA ARG A 445 -32.08 -13.72 -20.05
C ARG A 445 -33.16 -14.66 -20.57
N PRO A 446 -34.44 -14.22 -20.50
CA PRO A 446 -35.65 -14.93 -20.92
C PRO A 446 -35.46 -15.90 -22.09
N ALA B 47 36.82 31.46 3.37
CA ALA B 47 36.71 30.71 2.09
C ALA B 47 35.28 30.22 1.84
N LEU B 48 34.41 30.39 2.84
CA LEU B 48 33.00 29.98 2.73
C LEU B 48 32.12 30.82 3.64
N PRO B 49 30.96 31.26 3.12
CA PRO B 49 29.99 32.08 3.86
C PRO B 49 29.17 31.25 4.83
N PRO B 50 28.53 31.91 5.82
CA PRO B 50 27.71 31.18 6.79
C PRO B 50 26.59 30.43 6.06
N GLN B 51 26.76 29.12 5.91
CA GLN B 51 25.77 28.29 5.26
C GLN B 51 24.57 28.27 6.19
N LYS B 52 23.38 28.03 5.66
CA LYS B 52 22.17 28.00 6.49
C LYS B 52 21.25 26.88 6.05
N ILE B 53 21.13 25.85 6.89
CA ILE B 53 20.30 24.71 6.59
C ILE B 53 18.92 24.76 7.21
N GLU B 54 17.92 24.71 6.34
CA GLU B 54 16.51 24.73 6.72
C GLU B 54 16.16 23.24 6.82
N VAL B 55 15.78 22.80 8.02
CA VAL B 55 15.46 21.39 8.24
C VAL B 55 14.02 21.15 8.68
N LEU B 56 13.42 20.12 8.09
CA LEU B 56 12.04 19.73 8.38
C LEU B 56 12.06 18.37 9.07
N VAL B 57 11.56 18.33 10.29
CA VAL B 57 11.48 17.09 11.05
C VAL B 57 10.02 16.68 11.13
N LEU B 58 9.72 15.46 10.68
CA LEU B 58 8.35 14.95 10.67
C LEU B 58 8.23 13.66 11.50
N LEU B 59 7.74 13.80 12.72
CA LEU B 59 7.57 12.68 13.62
C LEU B 59 6.25 12.99 14.30
N PRO B 60 5.69 12.06 15.08
CA PRO B 60 4.40 12.30 15.76
C PRO B 60 4.43 13.23 16.97
N GLN B 61 3.42 14.09 17.07
CA GLN B 61 3.33 15.00 18.18
C GLN B 61 2.98 14.16 19.41
N ASP B 62 2.14 13.16 19.19
CA ASP B 62 1.71 12.25 20.24
C ASP B 62 2.91 11.52 20.83
N ASP B 63 3.03 11.56 22.15
CA ASP B 63 4.16 10.91 22.81
C ASP B 63 3.92 9.42 23.02
N SER B 64 2.82 8.92 22.47
CA SER B 64 2.52 7.50 22.56
C SER B 64 3.61 6.76 21.80
N TYR B 65 4.20 7.43 20.82
CA TYR B 65 5.26 6.84 20.01
C TYR B 65 6.63 7.04 20.64
N LEU B 66 7.51 6.07 20.50
CA LEU B 66 8.85 6.19 21.05
C LEU B 66 9.70 7.22 20.29
N PHE B 67 9.26 7.61 19.10
CA PHE B 67 9.99 8.57 18.29
C PHE B 67 9.25 9.90 18.14
N SER B 68 8.43 10.26 19.12
CA SER B 68 7.67 11.52 19.09
C SER B 68 8.59 12.73 19.05
N LEU B 69 8.05 13.84 18.57
CA LEU B 69 8.81 15.09 18.46
C LEU B 69 9.45 15.49 19.79
N THR B 70 8.74 15.28 20.89
CA THR B 70 9.26 15.64 22.20
C THR B 70 10.41 14.75 22.64
N ARG B 71 10.30 13.47 22.33
CA ARG B 71 11.34 12.51 22.69
C ARG B 71 12.59 12.66 21.82
N VAL B 72 12.38 13.00 20.54
CA VAL B 72 13.50 13.13 19.61
C VAL B 72 14.14 14.52 19.56
N ARG B 73 13.31 15.56 19.53
CA ARG B 73 13.84 16.92 19.45
C ARG B 73 15.11 17.19 20.27
N PRO B 74 15.16 16.71 21.52
CA PRO B 74 16.34 16.94 22.35
C PRO B 74 17.62 16.38 21.74
N ALA B 75 17.54 15.15 21.27
CA ALA B 75 18.67 14.47 20.63
C ALA B 75 19.14 15.22 19.38
N ILE B 76 18.18 15.81 18.66
CA ILE B 76 18.50 16.55 17.46
C ILE B 76 19.30 17.79 17.85
N GLU B 77 18.79 18.48 18.86
CA GLU B 77 19.41 19.68 19.38
C GLU B 77 20.80 19.41 19.92
N TYR B 78 20.97 18.27 20.57
CA TYR B 78 22.28 17.92 21.11
C TYR B 78 23.28 17.82 19.96
N ALA B 79 22.92 17.12 18.90
CA ALA B 79 23.83 16.96 17.77
C ALA B 79 24.11 18.29 17.10
N LEU B 80 23.15 19.20 17.19
CA LEU B 80 23.28 20.51 16.57
C LEU B 80 24.26 21.43 17.31
N ARG B 81 24.59 21.12 18.55
CA ARG B 81 25.54 21.92 19.30
C ARG B 81 26.95 21.48 18.91
N SER B 82 27.25 20.21 19.13
CA SER B 82 28.56 19.67 18.80
C SER B 82 28.90 19.84 17.32
N VAL B 83 27.98 20.39 16.55
CA VAL B 83 28.20 20.59 15.13
C VAL B 83 28.34 22.10 14.83
N GLU B 84 27.57 22.91 15.53
CA GLU B 84 27.63 24.36 15.37
C GLU B 84 28.69 24.88 16.33
N GLY B 85 29.54 23.97 16.81
CA GLY B 85 30.60 24.34 17.73
C GLY B 85 31.98 23.98 17.19
N LEU B 92 33.93 21.51 11.05
CA LEU B 92 33.30 20.75 9.98
C LEU B 92 32.61 21.63 8.97
N LEU B 93 31.88 22.64 9.45
CA LEU B 93 31.19 23.56 8.56
C LEU B 93 31.66 24.99 8.83
N PRO B 94 31.53 25.88 7.83
CA PRO B 94 31.94 27.28 8.00
C PRO B 94 31.30 27.93 9.22
N PRO B 95 32.01 28.85 9.88
CA PRO B 95 31.47 29.52 11.07
C PRO B 95 30.24 30.35 10.73
N GLY B 96 29.23 30.26 11.59
CA GLY B 96 27.99 30.99 11.35
C GLY B 96 26.95 30.03 10.82
N THR B 97 27.42 28.98 10.15
CA THR B 97 26.55 27.95 9.58
C THR B 97 25.46 27.61 10.59
N ARG B 98 24.20 27.86 10.24
CA ARG B 98 23.12 27.55 11.16
C ARG B 98 22.07 26.59 10.58
N PHE B 99 21.37 25.92 11.49
CA PHE B 99 20.34 24.98 11.13
C PHE B 99 19.01 25.49 11.63
N GLN B 100 18.09 25.75 10.70
CA GLN B 100 16.76 26.23 11.07
C GLN B 100 15.89 24.98 11.04
N VAL B 101 15.47 24.52 12.21
CA VAL B 101 14.67 23.29 12.28
C VAL B 101 13.18 23.48 12.54
N ALA B 102 12.36 22.97 11.63
CA ALA B 102 10.91 23.03 11.77
C ALA B 102 10.46 21.64 12.20
N TYR B 103 9.81 21.56 13.35
CA TYR B 103 9.31 20.31 13.91
C TYR B 103 7.84 20.17 13.63
N GLU B 104 7.50 19.38 12.63
CA GLU B 104 6.11 19.18 12.23
C GLU B 104 5.56 17.78 12.54
N ASP B 105 4.30 17.74 12.97
CA ASP B 105 3.59 16.51 13.32
C ASP B 105 3.30 15.66 12.10
N SER B 106 3.72 14.41 12.11
CA SER B 106 3.48 13.51 10.99
C SER B 106 2.16 12.79 11.21
N ASP B 107 1.77 12.65 12.48
CA ASP B 107 0.53 11.96 12.82
C ASP B 107 0.62 10.53 12.33
N CYS B 108 1.87 10.09 12.12
CA CYS B 108 2.15 8.74 11.63
C CYS B 108 1.23 8.42 10.45
N GLY B 109 0.98 9.41 9.60
CA GLY B 109 0.10 9.20 8.46
C GLY B 109 0.16 10.29 7.40
N ASN B 110 -0.97 10.56 6.76
CA ASN B 110 -1.09 11.55 5.70
C ASN B 110 -0.59 12.97 6.00
N ARG B 111 -0.60 13.33 7.28
CA ARG B 111 -0.17 14.63 7.73
C ARG B 111 1.24 14.96 7.27
N ALA B 112 2.11 13.94 7.29
CA ALA B 112 3.49 14.13 6.85
C ALA B 112 3.50 14.74 5.43
N LEU B 113 2.75 14.14 4.52
CA LEU B 113 2.68 14.63 3.15
C LEU B 113 1.98 15.99 3.06
N PHE B 114 0.85 16.16 3.76
CA PHE B 114 0.12 17.43 3.74
C PHE B 114 1.00 18.59 4.15
N SER B 115 1.67 18.44 5.29
CA SER B 115 2.54 19.49 5.78
C SER B 115 3.73 19.78 4.87
N LEU B 116 4.37 18.75 4.35
CA LEU B 116 5.51 18.96 3.47
C LEU B 116 5.01 19.73 2.26
N VAL B 117 3.90 19.27 1.69
CA VAL B 117 3.35 19.93 0.51
C VAL B 117 2.78 21.33 0.77
N ASP B 118 2.08 21.53 1.89
CA ASP B 118 1.57 22.87 2.16
C ASP B 118 2.71 23.87 2.43
N ARG B 119 3.79 23.37 3.00
CA ARG B 119 4.96 24.20 3.30
C ARG B 119 5.61 24.65 2.00
N VAL B 120 5.84 23.74 1.08
CA VAL B 120 6.46 24.12 -0.17
C VAL B 120 5.56 24.99 -1.06
N ALA B 121 4.26 24.80 -0.99
CA ALA B 121 3.36 25.59 -1.83
C ALA B 121 3.10 26.98 -1.25
N ALA B 122 2.97 27.07 0.08
CA ALA B 122 2.72 28.35 0.73
C ALA B 122 3.87 29.33 0.49
N ALA B 123 5.03 29.00 1.04
CA ALA B 123 6.21 29.84 0.88
C ALA B 123 6.84 29.55 -0.45
N ARG B 124 6.44 30.34 -1.46
CA ARG B 124 6.98 30.21 -2.80
C ARG B 124 6.89 28.74 -3.19
N GLY B 125 7.97 28.24 -3.79
CA GLY B 125 8.06 26.85 -4.18
C GLY B 125 9.36 26.34 -3.60
N ALA B 126 9.77 26.97 -2.49
CA ALA B 126 11.01 26.65 -1.79
C ALA B 126 10.92 25.42 -0.89
N LYS B 127 11.83 24.47 -1.13
CA LYS B 127 11.86 23.22 -0.37
C LYS B 127 12.85 23.29 0.79
N PRO B 128 12.57 22.60 1.91
CA PRO B 128 13.52 22.65 3.01
C PRO B 128 14.80 21.99 2.52
N ASP B 129 15.90 22.12 3.26
CA ASP B 129 17.18 21.53 2.85
C ASP B 129 17.33 20.07 3.24
N LEU B 130 16.83 19.74 4.42
CA LEU B 130 16.91 18.38 4.94
C LEU B 130 15.58 17.98 5.55
N ILE B 131 15.26 16.69 5.44
CA ILE B 131 14.04 16.19 6.02
C ILE B 131 14.43 15.01 6.90
N LEU B 132 13.95 15.07 8.14
CA LEU B 132 14.19 14.05 9.15
C LEU B 132 12.86 13.36 9.44
N GLY B 133 12.79 12.06 9.12
CA GLY B 133 11.56 11.31 9.31
C GLY B 133 10.74 11.41 8.02
N PRO B 134 9.50 10.90 7.98
CA PRO B 134 8.75 10.20 9.03
C PRO B 134 9.38 8.86 9.38
N VAL B 135 8.92 8.30 10.50
CA VAL B 135 9.38 7.03 10.96
C VAL B 135 8.42 5.97 10.45
N CYS B 136 7.12 6.24 10.66
CA CYS B 136 6.05 5.35 10.25
C CYS B 136 6.13 5.04 8.79
N GLU B 137 6.02 3.75 8.47
CA GLU B 137 6.13 3.22 7.12
C GLU B 137 5.20 3.85 6.10
N TYR B 138 3.91 3.84 6.38
CA TYR B 138 2.97 4.42 5.43
C TYR B 138 3.07 5.94 5.31
N ALA B 139 3.76 6.55 6.27
CA ALA B 139 3.93 8.00 6.28
C ALA B 139 5.20 8.41 5.55
N ALA B 140 6.23 7.58 5.64
CA ALA B 140 7.50 7.88 4.99
C ALA B 140 7.50 7.68 3.46
N ALA B 141 6.87 6.63 2.99
CA ALA B 141 6.83 6.36 1.54
C ALA B 141 6.49 7.58 0.69
N PRO B 142 5.42 8.30 1.04
CA PRO B 142 5.07 9.48 0.24
C PRO B 142 6.09 10.61 0.36
N VAL B 143 6.70 10.75 1.53
CA VAL B 143 7.67 11.81 1.68
C VAL B 143 8.98 11.45 0.94
N ALA B 144 9.39 10.18 1.04
CA ALA B 144 10.61 9.68 0.38
C ALA B 144 10.47 9.88 -1.12
N ARG B 145 9.32 9.53 -1.66
CA ARG B 145 9.07 9.69 -3.08
C ARG B 145 9.20 11.17 -3.45
N LEU B 146 8.56 12.05 -2.70
CA LEU B 146 8.66 13.47 -3.03
C LEU B 146 10.08 13.96 -2.89
N ALA B 147 10.77 13.51 -1.86
CA ALA B 147 12.15 13.93 -1.65
C ALA B 147 13.01 13.53 -2.85
N SER B 148 12.83 12.31 -3.36
CA SER B 148 13.59 11.85 -4.52
C SER B 148 13.28 12.66 -5.78
N HIS B 149 12.04 13.17 -5.87
CA HIS B 149 11.58 13.95 -7.02
C HIS B 149 12.19 15.35 -6.98
N TRP B 150 12.25 15.89 -5.77
CA TRP B 150 12.78 17.23 -5.55
C TRP B 150 14.27 17.21 -5.24
N ASP B 151 14.91 16.06 -5.41
CA ASP B 151 16.34 15.95 -5.15
C ASP B 151 16.71 16.48 -3.77
N LEU B 152 15.90 16.14 -2.77
CA LEU B 152 16.17 16.57 -1.40
C LEU B 152 16.58 15.34 -0.62
N PRO B 153 17.59 15.50 0.25
CA PRO B 153 18.07 14.36 1.05
C PRO B 153 17.12 14.07 2.21
N MET B 154 16.76 12.80 2.35
CA MET B 154 15.86 12.36 3.42
C MET B 154 16.52 11.30 4.30
N LEU B 155 16.60 11.57 5.59
CA LEU B 155 17.18 10.63 6.52
C LEU B 155 16.16 10.29 7.59
N SER B 156 16.04 9.00 7.86
CA SER B 156 15.10 8.56 8.88
C SER B 156 15.67 7.46 9.75
N ALA B 157 15.18 7.40 10.98
CA ALA B 157 15.60 6.37 11.92
C ALA B 157 14.56 5.28 11.79
N GLY B 158 13.70 5.44 10.78
CA GLY B 158 12.62 4.50 10.55
C GLY B 158 12.50 4.03 9.13
N ALA B 159 11.26 4.04 8.62
CA ALA B 159 11.02 3.57 7.27
C ALA B 159 11.74 2.23 7.15
N LEU B 160 11.47 1.35 8.10
CA LEU B 160 12.11 0.05 8.18
C LEU B 160 11.62 -1.08 7.28
N ALA B 161 10.46 -0.90 6.65
CA ALA B 161 9.91 -1.94 5.78
C ALA B 161 10.86 -2.40 4.67
N ALA B 162 10.56 -3.56 4.11
CA ALA B 162 11.33 -4.19 3.03
C ALA B 162 11.26 -3.46 1.67
N GLY B 163 10.20 -2.72 1.43
CA GLY B 163 10.06 -2.02 0.16
C GLY B 163 10.98 -0.84 -0.07
N PHE B 164 11.50 -0.25 1.00
CA PHE B 164 12.39 0.90 0.88
C PHE B 164 13.80 0.47 0.49
N GLN B 165 13.99 -0.84 0.35
CA GLN B 165 15.26 -1.44 -0.01
C GLN B 165 15.65 -1.06 -1.45
N HIS B 166 14.64 -0.99 -2.32
CA HIS B 166 14.86 -0.66 -3.72
C HIS B 166 14.90 0.85 -3.92
N LYS B 167 16.13 1.37 -4.04
CA LYS B 167 16.35 2.80 -4.19
C LYS B 167 16.83 3.25 -5.55
N ASP B 168 16.60 2.41 -6.56
CA ASP B 168 17.00 2.74 -7.92
C ASP B 168 16.23 3.93 -8.43
N SER B 169 14.98 4.08 -7.99
CA SER B 169 14.17 5.20 -8.44
C SER B 169 13.48 6.03 -7.36
N GLU B 170 12.26 5.64 -7.00
CA GLU B 170 11.50 6.40 -6.01
C GLU B 170 12.13 6.67 -4.66
N TYR B 171 12.81 5.67 -4.09
CA TYR B 171 13.44 5.85 -2.79
C TYR B 171 14.95 6.13 -2.87
N SER B 172 15.39 6.72 -3.97
CA SER B 172 16.80 7.03 -4.18
C SER B 172 17.41 8.01 -3.17
N HIS B 173 16.63 8.98 -2.70
CA HIS B 173 17.16 9.94 -1.74
C HIS B 173 16.86 9.62 -0.28
N LEU B 174 16.74 8.34 0.03
CA LEU B 174 16.46 7.93 1.40
C LEU B 174 17.61 7.15 2.01
N THR B 175 18.09 7.58 3.18
CA THR B 175 19.13 6.82 3.86
C THR B 175 18.58 6.54 5.25
N ARG B 176 18.53 5.25 5.58
CA ARG B 176 18.01 4.80 6.86
C ARG B 176 19.18 4.59 7.82
N VAL B 177 19.18 5.33 8.92
CA VAL B 177 20.24 5.24 9.91
C VAL B 177 20.01 4.18 11.00
N ALA B 178 18.84 3.55 11.00
CA ALA B 178 18.53 2.50 11.98
C ALA B 178 18.42 1.16 11.24
N PRO B 179 18.63 0.03 11.93
CA PRO B 179 18.54 -1.27 11.25
C PRO B 179 17.17 -1.59 10.65
N ALA B 180 17.14 -1.92 9.36
CA ALA B 180 15.88 -2.25 8.72
C ALA B 180 15.47 -3.67 9.11
N TYR B 181 14.19 -3.95 9.01
CA TYR B 181 13.67 -5.26 9.37
C TYR B 181 14.34 -6.38 8.57
N ALA B 182 14.93 -6.03 7.43
CA ALA B 182 15.61 -7.03 6.60
C ALA B 182 16.92 -7.42 7.28
N LYS B 183 17.58 -6.43 7.90
CA LYS B 183 18.81 -6.72 8.61
C LYS B 183 18.48 -7.70 9.72
N MET B 184 17.28 -7.56 10.27
CA MET B 184 16.85 -8.42 11.35
C MET B 184 16.63 -9.81 10.79
N GLY B 185 16.15 -9.87 9.54
CA GLY B 185 15.90 -11.14 8.89
C GLY B 185 17.17 -11.92 8.63
N GLU B 186 18.19 -11.25 8.16
CA GLU B 186 19.48 -11.87 7.88
C GLU B 186 20.04 -12.45 9.17
N MET B 187 19.62 -11.86 10.28
CA MET B 187 20.06 -12.29 11.60
C MET B 187 19.42 -13.64 11.93
N MET B 188 18.11 -13.75 11.73
CA MET B 188 17.41 -15.00 12.01
C MET B 188 18.00 -16.08 11.12
N LEU B 189 18.19 -15.76 9.84
CA LEU B 189 18.76 -16.71 8.91
C LEU B 189 20.01 -17.35 9.55
N ALA B 190 20.95 -16.54 10.03
CA ALA B 190 22.16 -17.09 10.65
C ALA B 190 21.81 -17.88 11.90
N LEU B 191 20.83 -17.38 12.65
CA LEU B 191 20.41 -18.06 13.85
C LEU B 191 19.92 -19.45 13.45
N PHE B 192 19.25 -19.52 12.30
CA PHE B 192 18.72 -20.77 11.80
C PHE B 192 19.76 -21.73 11.26
N ARG B 193 20.75 -21.22 10.53
CA ARG B 193 21.79 -22.09 10.00
C ARG B 193 22.52 -22.71 11.19
N HIS B 194 22.76 -21.89 12.20
CA HIS B 194 23.45 -22.35 13.39
C HIS B 194 22.80 -23.58 14.00
N HIS B 195 21.47 -23.55 14.11
CA HIS B 195 20.75 -24.69 14.67
C HIS B 195 20.30 -25.72 13.64
N HIS B 196 20.60 -25.47 12.38
CA HIS B 196 20.22 -26.36 11.29
C HIS B 196 18.71 -26.35 11.05
N TRP B 197 18.01 -25.32 11.53
CA TRP B 197 16.57 -25.24 11.31
C TRP B 197 16.37 -24.85 9.85
N SER B 198 15.22 -25.18 9.28
CA SER B 198 14.98 -24.85 7.89
C SER B 198 13.53 -24.49 7.59
N ARG B 199 12.68 -24.57 8.59
CA ARG B 199 11.27 -24.25 8.41
C ARG B 199 10.80 -23.49 9.64
N ALA B 200 9.92 -22.50 9.43
CA ALA B 200 9.43 -21.72 10.55
C ALA B 200 7.98 -21.31 10.38
N ALA B 201 7.41 -20.81 11.47
CA ALA B 201 6.03 -20.32 11.45
C ALA B 201 6.13 -18.85 11.78
N LEU B 202 5.52 -18.00 10.97
CA LEU B 202 5.56 -16.58 11.21
C LEU B 202 4.16 -16.21 11.72
N VAL B 203 4.09 -15.79 12.99
CA VAL B 203 2.83 -15.42 13.66
C VAL B 203 2.88 -13.96 14.04
N TYR B 204 2.01 -13.15 13.47
CA TYR B 204 2.05 -11.73 13.80
C TYR B 204 0.68 -11.10 13.82
N SER B 205 0.59 -9.97 14.50
CA SER B 205 -0.65 -9.23 14.55
C SER B 205 -0.61 -8.21 13.42
N ASP B 206 -1.71 -8.09 12.70
CA ASP B 206 -1.84 -7.17 11.60
C ASP B 206 -3.07 -6.30 11.86
N ASP B 207 -2.85 -5.08 12.30
CA ASP B 207 -3.95 -4.17 12.60
C ASP B 207 -4.51 -3.50 11.36
N LYS B 208 -3.86 -3.73 10.22
CA LYS B 208 -4.31 -3.14 8.96
C LYS B 208 -4.25 -1.63 9.02
N LEU B 209 -3.35 -1.11 9.85
CA LEU B 209 -3.17 0.33 10.00
C LEU B 209 -1.69 0.69 9.92
N GLU B 210 -1.00 0.68 11.06
CA GLU B 210 0.43 0.99 11.04
C GLU B 210 1.20 -0.26 10.62
N ARG B 211 0.63 -1.43 10.94
CA ARG B 211 1.20 -2.71 10.56
C ARG B 211 2.68 -2.95 10.91
N ASN B 212 3.10 -2.45 12.06
CA ASN B 212 4.48 -2.61 12.44
C ASN B 212 4.92 -4.07 12.46
N CYS B 213 4.13 -4.94 13.09
CA CYS B 213 4.52 -6.33 13.18
C CYS B 213 4.50 -7.06 11.86
N TYR B 214 3.56 -6.70 10.99
CA TYR B 214 3.51 -7.31 9.68
C TYR B 214 4.78 -6.92 8.90
N PHE B 215 5.11 -5.63 8.84
CA PHE B 215 6.34 -5.21 8.15
C PHE B 215 7.54 -5.89 8.79
N THR B 216 7.48 -6.09 10.10
CA THR B 216 8.58 -6.75 10.82
C THR B 216 8.81 -8.18 10.29
N LEU B 217 7.78 -9.01 10.30
CA LEU B 217 7.96 -10.36 9.84
C LEU B 217 8.10 -10.44 8.32
N GLU B 218 7.76 -9.35 7.63
CA GLU B 218 7.91 -9.35 6.19
C GLU B 218 9.43 -9.34 5.96
N GLY B 219 10.16 -8.78 6.91
CA GLY B 219 11.60 -8.73 6.79
C GLY B 219 12.20 -10.12 6.89
N VAL B 220 11.62 -10.95 7.74
CA VAL B 220 12.12 -12.30 7.91
C VAL B 220 11.71 -13.13 6.71
N HIS B 221 10.51 -12.90 6.23
CA HIS B 221 10.00 -13.64 5.09
C HIS B 221 10.89 -13.46 3.87
N GLU B 222 11.10 -12.20 3.48
CA GLU B 222 11.91 -11.89 2.31
C GLU B 222 13.23 -12.66 2.31
N VAL B 223 13.95 -12.61 3.43
CA VAL B 223 15.22 -13.32 3.51
C VAL B 223 15.04 -14.84 3.46
N PHE B 224 14.08 -15.36 4.20
CA PHE B 224 13.88 -16.79 4.21
C PHE B 224 13.49 -17.32 2.84
N GLN B 225 12.62 -16.60 2.14
CA GLN B 225 12.18 -17.02 0.82
C GLN B 225 13.31 -17.09 -0.21
N GLU B 226 14.19 -16.10 -0.20
CA GLU B 226 15.28 -16.05 -1.16
C GLU B 226 16.34 -17.10 -0.85
N GLU B 227 16.33 -17.60 0.38
CA GLU B 227 17.30 -18.59 0.81
C GLU B 227 16.84 -20.04 0.68
N GLY B 228 15.54 -20.26 0.74
CA GLY B 228 15.04 -21.62 0.59
C GLY B 228 14.23 -22.17 1.73
N LEU B 229 14.29 -21.53 2.89
CA LEU B 229 13.55 -22.01 4.06
C LEU B 229 12.04 -21.85 3.89
N HIS B 230 11.29 -22.91 4.16
CA HIS B 230 9.84 -22.83 4.05
C HIS B 230 9.30 -22.06 5.25
N THR B 231 8.12 -21.46 5.11
CA THR B 231 7.51 -20.72 6.22
C THR B 231 5.99 -20.72 6.20
N SER B 232 5.40 -21.14 7.31
CA SER B 232 3.94 -21.12 7.44
C SER B 232 3.63 -19.71 7.93
N ILE B 233 2.62 -19.09 7.35
CA ILE B 233 2.23 -17.75 7.75
C ILE B 233 0.90 -17.79 8.49
N TYR B 234 0.77 -16.98 9.53
CA TYR B 234 -0.48 -16.89 10.25
C TYR B 234 -0.61 -15.51 10.84
N SER B 235 -1.71 -14.84 10.56
CA SER B 235 -1.93 -13.51 11.10
C SER B 235 -3.34 -13.32 11.66
N PHE B 236 -3.44 -12.36 12.56
CA PHE B 236 -4.71 -12.04 13.21
C PHE B 236 -4.62 -10.57 13.62
N ASP B 237 -5.75 -9.99 14.01
CA ASP B 237 -5.77 -8.58 14.42
C ASP B 237 -5.87 -8.56 15.94
N GLU B 238 -4.75 -8.34 16.63
CA GLU B 238 -4.80 -8.32 18.08
C GLU B 238 -5.70 -7.19 18.59
N THR B 239 -6.33 -6.47 17.67
CA THR B 239 -7.23 -5.37 18.00
C THR B 239 -8.63 -5.91 18.22
N LYS B 240 -8.82 -7.18 17.87
CA LYS B 240 -10.12 -7.84 18.01
C LYS B 240 -10.03 -8.89 19.10
N ASP B 241 -11.09 -9.67 19.27
CA ASP B 241 -11.10 -10.72 20.28
C ASP B 241 -10.13 -11.81 19.85
N LEU B 242 -9.13 -12.04 20.69
CA LEU B 242 -8.11 -13.05 20.41
C LEU B 242 -8.57 -14.49 20.50
N ASP B 243 -8.66 -15.15 19.35
CA ASP B 243 -9.02 -16.55 19.35
C ASP B 243 -7.69 -17.27 19.56
N LEU B 244 -7.08 -16.98 20.70
CA LEU B 244 -5.79 -17.55 21.09
C LEU B 244 -5.80 -19.07 21.06
N GLU B 245 -6.87 -19.66 20.56
CA GLU B 245 -6.97 -21.11 20.50
C GLU B 245 -6.65 -21.63 19.11
N ASP B 246 -7.26 -21.02 18.09
CA ASP B 246 -7.03 -21.43 16.71
C ASP B 246 -5.54 -21.14 16.43
N ILE B 247 -5.04 -20.07 17.02
CA ILE B 247 -3.65 -19.69 16.85
C ILE B 247 -2.77 -20.83 17.35
N VAL B 248 -2.89 -21.10 18.64
CA VAL B 248 -2.10 -22.15 19.28
C VAL B 248 -2.28 -23.52 18.62
N ARG B 249 -3.44 -23.74 18.01
CA ARG B 249 -3.67 -25.01 17.34
C ARG B 249 -3.11 -24.99 15.91
N ASN B 250 -3.17 -23.84 15.25
CA ASN B 250 -2.61 -23.73 13.92
C ASN B 250 -1.09 -23.85 14.10
N ILE B 251 -0.59 -23.29 15.20
CA ILE B 251 0.83 -23.35 15.50
C ILE B 251 1.22 -24.81 15.59
N GLN B 252 0.56 -25.50 16.51
CA GLN B 252 0.80 -26.92 16.76
C GLN B 252 0.67 -27.77 15.50
N ALA B 253 0.15 -27.15 14.44
CA ALA B 253 -0.02 -27.84 13.17
C ALA B 253 1.18 -27.57 12.26
N SER B 254 1.50 -26.29 12.10
CA SER B 254 2.61 -25.85 11.24
C SER B 254 4.01 -26.35 11.64
N GLU B 255 4.87 -25.43 12.07
CA GLU B 255 6.24 -25.81 12.41
C GLU B 255 6.65 -25.80 13.88
N ARG B 256 7.82 -26.36 14.13
CA ARG B 256 8.40 -26.47 15.48
C ARG B 256 8.99 -25.18 16.00
N VAL B 257 9.45 -24.32 15.10
CA VAL B 257 10.01 -23.04 15.51
C VAL B 257 9.00 -21.96 15.11
N VAL B 258 8.70 -21.06 16.04
CA VAL B 258 7.74 -20.01 15.77
C VAL B 258 8.30 -18.60 15.98
N ILE B 259 8.25 -17.78 14.92
CA ILE B 259 8.72 -16.40 14.95
C ILE B 259 7.48 -15.54 15.15
N MET B 260 7.40 -14.80 16.25
CA MET B 260 6.22 -13.99 16.49
C MET B 260 6.49 -12.50 16.66
N CYS B 261 5.44 -11.71 16.51
CA CYS B 261 5.52 -10.27 16.72
C CYS B 261 4.10 -9.76 16.96
N ALA B 262 3.88 -9.24 18.15
CA ALA B 262 2.59 -8.70 18.56
C ALA B 262 2.86 -7.89 19.83
N SER B 263 1.83 -7.30 20.42
CA SER B 263 2.05 -6.52 21.63
C SER B 263 2.69 -7.42 22.69
N SER B 264 3.40 -6.82 23.63
CA SER B 264 4.05 -7.58 24.68
C SER B 264 3.04 -8.45 25.41
N ASP B 265 1.91 -7.87 25.81
CA ASP B 265 0.91 -8.63 26.52
C ASP B 265 0.35 -9.78 25.69
N THR B 266 0.20 -9.56 24.38
CA THR B 266 -0.32 -10.58 23.47
C THR B 266 0.60 -11.81 23.42
N ILE B 267 1.90 -11.59 23.26
CA ILE B 267 2.85 -12.71 23.23
C ILE B 267 2.77 -13.45 24.56
N ARG B 268 2.55 -12.71 25.64
CA ARG B 268 2.43 -13.30 26.96
C ARG B 268 1.23 -14.24 26.98
N SER B 269 0.10 -13.74 26.49
CA SER B 269 -1.11 -14.56 26.44
C SER B 269 -0.86 -15.79 25.56
N ILE B 270 -0.47 -15.58 24.31
CA ILE B 270 -0.21 -16.71 23.42
C ILE B 270 0.65 -17.75 24.14
N MET B 271 1.75 -17.28 24.72
CA MET B 271 2.68 -18.17 25.43
C MET B 271 2.01 -18.93 26.57
N LEU B 272 0.91 -18.41 27.07
CA LEU B 272 0.17 -19.06 28.16
C LEU B 272 -0.63 -20.22 27.59
N VAL B 273 -1.51 -19.90 26.63
CA VAL B 273 -2.33 -20.92 26.01
C VAL B 273 -1.43 -22.06 25.55
N ALA B 274 -0.30 -21.73 24.93
CA ALA B 274 0.63 -22.75 24.46
C ALA B 274 1.01 -23.61 25.66
N HIS B 275 1.27 -22.94 26.79
CA HIS B 275 1.63 -23.63 28.01
C HIS B 275 0.50 -24.60 28.36
N ARG B 276 -0.73 -24.11 28.33
CA ARG B 276 -1.89 -24.95 28.63
C ARG B 276 -1.98 -26.14 27.66
N HIS B 277 -1.18 -26.11 26.60
CA HIS B 277 -1.18 -27.19 25.62
C HIS B 277 0.13 -27.96 25.68
N GLY B 278 0.86 -27.77 26.77
CA GLY B 278 2.13 -28.46 26.95
C GLY B 278 3.08 -28.25 25.79
N MET B 279 2.89 -27.15 25.07
CA MET B 279 3.72 -26.83 23.90
C MET B 279 5.06 -26.23 24.25
N THR B 280 5.27 -25.89 25.52
CA THR B 280 6.56 -25.34 25.91
C THR B 280 7.43 -26.50 26.36
N SER B 281 8.60 -26.21 26.93
CA SER B 281 9.54 -27.22 27.40
C SER B 281 10.18 -28.12 26.34
N GLY B 282 10.93 -27.51 25.43
CA GLY B 282 11.64 -28.27 24.41
C GLY B 282 10.90 -28.67 23.13
N ASP B 283 9.58 -28.78 23.18
CA ASP B 283 8.82 -29.16 22.00
C ASP B 283 8.94 -28.12 20.87
N TYR B 284 8.62 -26.88 21.20
CA TYR B 284 8.69 -25.78 20.24
C TYR B 284 9.61 -24.66 20.71
N ALA B 285 10.19 -23.97 19.74
CA ALA B 285 11.07 -22.84 20.03
C ALA B 285 10.29 -21.59 19.63
N PHE B 286 9.95 -20.76 20.62
CA PHE B 286 9.20 -19.54 20.37
C PHE B 286 10.10 -18.31 20.39
N PHE B 287 9.95 -17.45 19.39
CA PHE B 287 10.73 -16.21 19.31
C PHE B 287 9.77 -15.03 19.20
N ASN B 288 10.11 -13.91 19.82
CA ASN B 288 9.28 -12.73 19.67
C ASN B 288 10.25 -11.57 19.48
N ILE B 289 9.86 -10.59 18.67
CA ILE B 289 10.73 -9.45 18.40
C ILE B 289 10.31 -8.19 19.16
N GLU B 290 11.29 -7.62 19.87
CA GLU B 290 11.12 -6.40 20.64
C GLU B 290 12.44 -5.66 20.45
N LEU B 291 12.50 -4.87 19.38
CA LEU B 291 13.70 -4.13 19.03
C LEU B 291 13.89 -2.78 19.72
N PHE B 292 12.78 -2.16 20.12
CA PHE B 292 12.84 -0.81 20.67
C PHE B 292 12.44 -0.48 22.09
N ASN B 293 11.31 -1.03 22.54
CA ASN B 293 10.80 -0.75 23.88
C ASN B 293 11.58 -1.51 24.95
N SER B 294 12.47 -0.79 25.65
CA SER B 294 13.30 -1.37 26.70
C SER B 294 12.44 -2.09 27.73
N SER B 295 11.24 -1.57 27.95
CA SER B 295 10.32 -2.16 28.90
C SER B 295 9.97 -3.60 28.53
N SER B 296 9.80 -3.86 27.23
CA SER B 296 9.44 -5.19 26.77
C SER B 296 10.58 -6.20 26.61
N TYR B 297 11.82 -5.76 26.54
CA TYR B 297 12.90 -6.72 26.40
C TYR B 297 13.82 -6.72 27.61
N GLY B 298 13.32 -6.20 28.73
CA GLY B 298 14.10 -6.16 29.96
C GLY B 298 13.84 -7.41 30.77
N ASP B 299 14.87 -7.87 31.49
CA ASP B 299 14.78 -9.06 32.32
C ASP B 299 13.44 -9.20 33.01
N GLY B 300 13.01 -10.45 33.19
CA GLY B 300 11.72 -10.70 33.81
C GLY B 300 10.58 -10.31 32.89
N SER B 301 10.75 -10.51 31.58
CA SER B 301 9.72 -10.14 30.62
C SER B 301 8.42 -10.87 30.86
N TRP B 302 8.51 -11.99 31.56
CA TRP B 302 7.34 -12.81 31.89
C TRP B 302 6.54 -12.20 33.04
N LYS B 303 7.25 -11.67 34.03
CA LYS B 303 6.65 -11.07 35.21
C LYS B 303 5.79 -9.85 34.94
N ARG B 304 4.57 -9.86 35.48
CA ARG B 304 3.63 -8.76 35.31
C ARG B 304 2.97 -8.41 36.64
N GLY B 305 3.59 -8.85 37.74
CA GLY B 305 3.01 -8.59 39.05
C GLY B 305 1.54 -8.97 39.01
N ASP B 306 1.27 -10.19 38.57
CA ASP B 306 -0.10 -10.68 38.45
C ASP B 306 -0.21 -12.14 38.87
N LYS B 307 -1.41 -12.70 38.71
CA LYS B 307 -1.69 -14.08 39.08
C LYS B 307 -1.00 -15.09 38.16
N HIS B 308 -0.88 -14.73 36.89
CA HIS B 308 -0.26 -15.61 35.89
C HIS B 308 1.26 -15.72 36.01
N ASP B 309 1.88 -14.71 36.63
CA ASP B 309 3.34 -14.70 36.77
C ASP B 309 3.98 -16.06 36.97
N PHE B 310 3.38 -16.91 37.79
CA PHE B 310 3.97 -18.22 38.02
C PHE B 310 3.87 -19.10 36.77
N GLU B 311 2.69 -19.10 36.15
CA GLU B 311 2.45 -19.87 34.94
C GLU B 311 3.24 -19.24 33.78
N ALA B 312 3.09 -17.92 33.61
CA ALA B 312 3.78 -17.16 32.57
C ALA B 312 5.28 -17.45 32.58
N LYS B 313 5.85 -17.40 33.77
CA LYS B 313 7.27 -17.63 34.00
C LYS B 313 7.73 -18.96 33.43
N GLN B 314 6.86 -19.96 33.52
CA GLN B 314 7.18 -21.30 33.04
C GLN B 314 7.12 -21.43 31.52
N ALA B 315 6.24 -20.66 30.88
CA ALA B 315 6.13 -20.70 29.43
C ALA B 315 7.38 -20.11 28.78
N TYR B 316 7.78 -18.93 29.26
CA TYR B 316 8.93 -18.23 28.69
C TYR B 316 10.24 -18.99 28.73
N SER B 317 10.25 -20.14 29.41
CA SER B 317 11.48 -20.93 29.45
C SER B 317 11.80 -21.41 28.03
N SER B 318 10.78 -21.44 27.18
CA SER B 318 10.95 -21.87 25.79
C SER B 318 11.03 -20.67 24.83
N LEU B 319 10.72 -19.48 25.36
CA LEU B 319 10.72 -18.24 24.60
C LEU B 319 12.10 -17.56 24.51
N GLN B 320 12.40 -17.00 23.35
CA GLN B 320 13.62 -16.26 23.13
C GLN B 320 13.17 -14.92 22.53
N THR B 321 13.76 -13.82 22.98
CA THR B 321 13.37 -12.52 22.49
C THR B 321 14.46 -11.87 21.67
N VAL B 322 14.11 -11.30 20.51
CA VAL B 322 15.14 -10.64 19.71
C VAL B 322 15.10 -9.13 19.85
N THR B 323 16.27 -8.52 20.00
CA THR B 323 16.37 -7.07 20.17
C THR B 323 17.71 -6.58 19.62
N LEU B 324 17.89 -5.26 19.66
CA LEU B 324 19.10 -4.61 19.16
C LEU B 324 20.28 -4.65 20.14
N LEU B 325 21.47 -4.82 19.59
CA LEU B 325 22.68 -4.84 20.41
C LEU B 325 23.14 -3.41 20.53
N ARG B 326 22.98 -2.85 21.72
CA ARG B 326 23.37 -1.47 21.95
C ARG B 326 24.73 -1.39 22.60
N THR B 327 25.49 -0.37 22.21
CA THR B 327 26.82 -0.18 22.77
C THR B 327 26.83 1.24 23.27
N VAL B 328 27.61 1.50 24.32
CA VAL B 328 27.68 2.85 24.84
C VAL B 328 29.13 3.26 25.05
N LYS B 329 29.34 4.54 25.30
CA LYS B 329 30.66 5.07 25.54
C LYS B 329 30.44 6.23 26.52
N PRO B 330 31.52 6.78 27.08
CA PRO B 330 31.38 7.88 28.03
C PRO B 330 30.53 9.04 27.49
N GLU B 331 30.85 9.48 26.28
CA GLU B 331 30.14 10.59 25.65
C GLU B 331 28.64 10.32 25.57
N PHE B 332 28.28 9.05 25.41
CA PHE B 332 26.87 8.65 25.33
C PHE B 332 26.16 8.94 26.64
N GLU B 333 26.92 8.98 27.73
CA GLU B 333 26.37 9.23 29.06
C GLU B 333 25.84 10.66 29.19
N LYS B 334 26.63 11.64 28.74
CA LYS B 334 26.19 13.03 28.81
C LYS B 334 24.89 13.14 28.02
N PHE B 335 24.92 12.63 26.80
CA PHE B 335 23.77 12.65 25.90
C PHE B 335 22.50 12.21 26.61
N SER B 336 22.53 11.03 27.21
CA SER B 336 21.37 10.48 27.90
C SER B 336 20.91 11.39 29.03
N MET B 337 21.85 12.05 29.70
CA MET B 337 21.55 12.95 30.79
C MET B 337 20.78 14.15 30.29
N GLU B 338 21.34 14.86 29.31
CA GLU B 338 20.71 16.04 28.75
C GLU B 338 19.35 15.74 28.13
N VAL B 339 19.25 14.63 27.41
CA VAL B 339 17.99 14.23 26.78
C VAL B 339 16.93 14.00 27.85
N LYS B 340 17.27 13.26 28.89
CA LYS B 340 16.34 12.97 29.97
C LYS B 340 15.89 14.27 30.61
N SER B 341 16.85 15.18 30.81
CA SER B 341 16.56 16.47 31.40
C SER B 341 15.50 17.23 30.61
N SER B 342 15.69 17.34 29.30
CA SER B 342 14.72 18.04 28.45
C SER B 342 13.37 17.36 28.52
N VAL B 343 13.36 16.05 28.27
CA VAL B 343 12.11 15.29 28.27
C VAL B 343 11.36 15.43 29.59
N GLU B 344 12.08 15.44 30.71
CA GLU B 344 11.46 15.57 32.02
C GLU B 344 10.97 17.00 32.21
N LYS B 345 11.81 17.96 31.82
CA LYS B 345 11.47 19.38 31.93
C LYS B 345 10.26 19.64 31.05
N GLN B 346 10.00 18.72 30.13
CA GLN B 346 8.88 18.83 29.20
C GLN B 346 7.66 18.12 29.80
N GLY B 347 7.71 17.89 31.11
CA GLY B 347 6.60 17.26 31.80
C GLY B 347 6.37 15.81 31.43
N LEU B 348 7.05 15.31 30.41
CA LEU B 348 6.87 13.92 30.01
C LEU B 348 7.52 13.00 31.04
N ASN B 349 6.72 12.14 31.65
CA ASN B 349 7.27 11.19 32.62
C ASN B 349 8.34 10.40 31.88
N MET B 350 9.59 10.80 32.06
CA MET B 350 10.73 10.16 31.41
C MET B 350 10.55 8.66 31.33
N GLU B 351 10.55 8.14 30.11
CA GLU B 351 10.40 6.70 29.86
C GLU B 351 11.39 5.96 30.76
N ASP B 352 12.63 5.84 30.29
CA ASP B 352 13.69 5.19 31.03
C ASP B 352 15.03 5.64 30.48
N TYR B 353 15.05 5.91 29.18
CA TYR B 353 16.26 6.40 28.52
C TYR B 353 16.10 6.63 27.01
N VAL B 354 17.22 6.60 26.30
CA VAL B 354 17.25 6.83 24.86
C VAL B 354 17.14 5.55 24.01
N ASN B 355 16.08 5.47 23.22
CA ASN B 355 15.87 4.31 22.37
C ASN B 355 16.62 4.47 21.03
N MET B 356 16.47 3.49 20.15
CA MET B 356 17.15 3.51 18.87
C MET B 356 16.74 4.70 18.00
N PHE B 357 15.52 5.20 18.18
CA PHE B 357 15.07 6.35 17.38
C PHE B 357 15.75 7.67 17.80
N VAL B 358 15.71 7.97 19.11
CA VAL B 358 16.33 9.17 19.65
C VAL B 358 17.80 9.16 19.27
N GLU B 359 18.46 8.02 19.46
CA GLU B 359 19.88 7.89 19.15
C GLU B 359 20.12 8.04 17.66
N GLY B 360 19.33 7.33 16.86
CA GLY B 360 19.48 7.39 15.41
C GLY B 360 19.32 8.76 14.79
N PHE B 361 18.41 9.58 15.30
CA PHE B 361 18.23 10.90 14.73
C PHE B 361 19.41 11.81 15.04
N HIS B 362 20.01 11.61 16.20
CA HIS B 362 21.18 12.38 16.61
C HIS B 362 22.30 12.06 15.64
N ASP B 363 22.50 10.79 15.32
CA ASP B 363 23.54 10.38 14.39
C ASP B 363 23.18 10.72 12.95
N ALA B 364 21.90 10.96 12.71
CA ALA B 364 21.45 11.31 11.37
C ALA B 364 22.04 12.69 11.03
N ILE B 365 22.00 13.58 12.02
CA ILE B 365 22.51 14.94 11.84
C ILE B 365 24.01 14.98 11.60
N LEU B 366 24.78 14.23 12.39
CA LEU B 366 26.23 14.21 12.19
C LEU B 366 26.52 13.56 10.84
N LEU B 367 25.63 12.65 10.44
CA LEU B 367 25.81 11.96 9.16
C LEU B 367 25.52 12.89 8.00
N TYR B 368 24.58 13.81 8.22
CA TYR B 368 24.23 14.77 7.18
C TYR B 368 25.35 15.79 7.00
N VAL B 369 25.93 16.23 8.11
CA VAL B 369 27.03 17.19 8.08
C VAL B 369 28.25 16.52 7.43
N LEU B 370 28.57 15.31 7.88
CA LEU B 370 29.72 14.61 7.32
C LEU B 370 29.61 14.49 5.81
N ALA B 371 28.39 14.56 5.28
CA ALA B 371 28.21 14.45 3.84
C ALA B 371 28.14 15.84 3.18
N LEU B 372 27.58 16.80 3.91
CA LEU B 372 27.47 18.15 3.39
C LEU B 372 28.90 18.63 3.16
N HIS B 373 29.73 18.45 4.20
CA HIS B 373 31.13 18.82 4.18
C HIS B 373 31.83 18.37 2.89
N GLU B 374 31.71 17.09 2.57
CA GLU B 374 32.35 16.52 1.39
C GLU B 374 31.70 16.93 0.08
N VAL B 375 30.44 17.37 0.15
CA VAL B 375 29.76 17.81 -1.07
C VAL B 375 30.15 19.27 -1.29
N LEU B 376 30.30 19.99 -0.17
CA LEU B 376 30.68 21.39 -0.19
C LEU B 376 32.14 21.55 -0.65
N ARG B 377 32.89 20.45 -0.65
CA ARG B 377 34.28 20.44 -1.08
C ARG B 377 34.37 20.30 -2.58
N ALA B 378 33.86 19.19 -3.09
CA ALA B 378 33.88 18.88 -4.52
C ALA B 378 33.19 19.92 -5.38
N GLY B 379 32.73 21.01 -4.77
CA GLY B 379 32.07 22.06 -5.54
C GLY B 379 30.60 21.82 -5.78
N TYR B 380 29.83 21.73 -4.70
CA TYR B 380 28.40 21.52 -4.80
C TYR B 380 27.71 22.31 -3.70
N SER B 381 26.39 22.38 -3.75
CA SER B 381 25.63 23.12 -2.75
C SER B 381 24.72 22.21 -1.93
N LYS B 382 24.06 22.82 -0.94
CA LYS B 382 23.14 22.08 -0.09
C LYS B 382 21.92 21.65 -0.88
N LYS B 383 21.87 22.00 -2.17
CA LYS B 383 20.74 21.64 -3.02
C LYS B 383 20.95 20.40 -3.89
N ASP B 384 22.13 19.79 -3.81
CA ASP B 384 22.40 18.58 -4.58
C ASP B 384 22.11 17.36 -3.72
N GLY B 385 20.88 17.30 -3.20
CA GLY B 385 20.46 16.19 -2.35
C GLY B 385 21.01 14.87 -2.79
N GLY B 386 20.81 14.54 -4.06
CA GLY B 386 21.29 13.28 -4.61
C GLY B 386 22.75 13.03 -4.26
N LYS B 387 23.56 14.07 -4.41
CA LYS B 387 24.97 13.96 -4.09
C LYS B 387 25.16 13.77 -2.60
N ILE B 388 24.50 14.60 -1.80
CA ILE B 388 24.61 14.47 -0.35
C ILE B 388 24.33 13.00 0.00
N ILE B 389 23.12 12.55 -0.30
CA ILE B 389 22.70 11.19 -0.01
C ILE B 389 23.71 10.11 -0.41
N GLN B 390 24.42 10.33 -1.51
CA GLN B 390 25.37 9.32 -1.92
C GLN B 390 26.59 9.32 -1.01
N GLN B 391 26.84 10.47 -0.37
CA GLN B 391 27.97 10.61 0.55
C GLN B 391 27.65 10.07 1.94
N THR B 392 26.41 9.62 2.12
CA THR B 392 26.01 9.05 3.41
C THR B 392 26.07 7.53 3.28
N TRP B 393 26.04 7.04 2.04
CA TRP B 393 26.09 5.60 1.82
C TRP B 393 27.52 5.05 1.92
N ASN B 394 27.61 3.73 2.02
CA ASN B 394 28.88 3.02 2.08
C ASN B 394 29.95 3.71 2.92
N ARG B 395 29.72 3.81 4.23
CA ARG B 395 30.69 4.43 5.12
C ARG B 395 30.41 4.22 6.60
N THR B 396 31.46 4.45 7.40
CA THR B 396 31.40 4.27 8.85
C THR B 396 31.78 5.58 9.55
N PHE B 397 31.08 5.92 10.61
CA PHE B 397 31.41 7.14 11.36
C PHE B 397 31.19 6.93 12.86
N GLU B 398 31.48 7.95 13.66
CA GLU B 398 31.32 7.83 15.10
C GLU B 398 30.03 8.49 15.62
N GLY B 399 29.07 7.67 16.05
CA GLY B 399 27.83 8.19 16.58
C GLY B 399 27.96 8.40 18.08
N ILE B 400 26.89 8.81 18.75
CA ILE B 400 26.97 9.05 20.19
C ILE B 400 27.20 7.78 20.97
N ALA B 401 26.87 6.63 20.36
CA ALA B 401 27.03 5.36 21.06
C ALA B 401 28.09 4.43 20.45
N GLY B 402 28.79 4.88 19.42
CA GLY B 402 29.81 4.02 18.84
C GLY B 402 29.77 3.97 17.34
N GLN B 403 30.69 3.20 16.75
CA GLN B 403 30.76 3.07 15.30
C GLN B 403 29.40 2.84 14.67
N VAL B 404 29.11 3.58 13.59
CA VAL B 404 27.86 3.44 12.87
C VAL B 404 28.23 3.20 11.42
N SER B 405 27.68 2.16 10.81
CA SER B 405 28.00 1.87 9.40
C SER B 405 26.76 1.75 8.50
N ILE B 406 26.72 2.57 7.46
CA ILE B 406 25.64 2.54 6.50
C ILE B 406 26.20 1.78 5.30
N ASP B 407 25.46 0.80 4.79
CA ASP B 407 25.94 0.01 3.66
C ASP B 407 25.84 0.68 2.29
N ALA B 408 26.28 -0.04 1.27
CA ALA B 408 26.28 0.47 -0.10
C ALA B 408 24.90 0.89 -0.60
N ASN B 409 23.85 0.31 -0.04
CA ASN B 409 22.50 0.65 -0.47
C ASN B 409 21.88 1.76 0.38
N GLY B 410 22.67 2.36 1.26
CA GLY B 410 22.16 3.43 2.08
C GLY B 410 21.42 3.00 3.32
N ASP B 411 21.61 1.75 3.71
CA ASP B 411 20.96 1.20 4.89
C ASP B 411 21.95 0.88 6.00
N ARG B 412 21.64 1.35 7.21
CA ARG B 412 22.47 1.12 8.38
C ARG B 412 22.58 -0.37 8.70
N TYR B 413 23.81 -0.85 8.89
CA TYR B 413 24.04 -2.24 9.25
C TYR B 413 23.52 -2.44 10.67
N GLY B 414 22.94 -3.61 10.96
CA GLY B 414 22.42 -3.82 12.29
C GLY B 414 23.03 -4.97 13.06
N ASP B 415 23.17 -4.78 14.38
CA ASP B 415 23.71 -5.83 15.24
C ASP B 415 22.62 -6.22 16.23
N PHE B 416 22.39 -7.51 16.36
CA PHE B 416 21.34 -7.99 17.25
C PHE B 416 21.80 -8.92 18.35
N SER B 417 20.91 -9.10 19.32
CA SER B 417 21.15 -9.97 20.46
C SER B 417 19.92 -10.85 20.63
N VAL B 418 20.11 -12.01 21.23
CA VAL B 418 19.01 -12.93 21.49
C VAL B 418 18.91 -13.06 23.02
N ILE B 419 17.73 -12.84 23.55
CA ILE B 419 17.49 -12.91 24.99
C ILE B 419 16.72 -14.18 25.37
N ALA B 420 17.33 -15.02 26.18
CA ALA B 420 16.70 -16.26 26.62
C ALA B 420 16.82 -16.43 28.13
N MET B 421 15.95 -17.27 28.69
CA MET B 421 15.94 -17.57 30.11
C MET B 421 17.00 -18.64 30.41
N THR B 422 18.05 -18.26 31.13
CA THR B 422 19.12 -19.20 31.44
C THR B 422 19.00 -19.81 32.84
N ASP B 423 17.82 -19.67 33.44
CA ASP B 423 17.57 -20.21 34.77
C ASP B 423 16.07 -20.25 35.02
N VAL B 424 15.46 -21.37 34.63
CA VAL B 424 14.02 -21.53 34.76
C VAL B 424 13.51 -21.34 36.16
N GLU B 425 14.27 -21.80 37.14
CA GLU B 425 13.86 -21.65 38.53
C GLU B 425 13.65 -20.18 38.85
N ALA B 426 14.72 -19.39 38.68
CA ALA B 426 14.71 -17.95 38.97
C ALA B 426 13.96 -17.09 37.95
N GLY B 427 14.32 -17.23 36.68
CA GLY B 427 13.70 -16.44 35.63
C GLY B 427 14.75 -15.53 35.02
N THR B 428 16.01 -15.86 35.26
CA THR B 428 17.14 -15.09 34.74
C THR B 428 17.25 -15.19 33.22
N GLN B 429 17.00 -14.06 32.55
CA GLN B 429 17.07 -13.95 31.11
C GLN B 429 18.33 -13.16 30.73
N GLU B 430 19.14 -13.71 29.84
CA GLU B 430 20.33 -13.00 29.44
C GLU B 430 20.68 -13.24 27.97
N VAL B 431 21.39 -12.28 27.40
CA VAL B 431 21.79 -12.38 26.02
C VAL B 431 22.59 -13.66 25.83
N ILE B 432 22.10 -14.52 24.93
CA ILE B 432 22.72 -15.80 24.64
C ILE B 432 23.68 -15.72 23.47
N GLY B 433 23.29 -14.95 22.46
CA GLY B 433 24.13 -14.79 21.29
C GLY B 433 24.00 -13.44 20.63
N ASP B 434 25.01 -13.06 19.86
CA ASP B 434 25.01 -11.78 19.19
C ASP B 434 25.29 -11.97 17.71
N TYR B 435 24.66 -11.14 16.89
CA TYR B 435 24.86 -11.18 15.45
C TYR B 435 25.36 -9.81 15.04
N PHE B 436 26.44 -9.76 14.28
CA PHE B 436 26.98 -8.48 13.83
C PHE B 436 26.75 -8.37 12.33
N GLY B 437 25.77 -7.56 11.96
CA GLY B 437 25.39 -7.39 10.57
C GLY B 437 26.48 -7.11 9.56
N LYS B 438 27.41 -6.22 9.90
CA LYS B 438 28.46 -5.91 8.95
C LYS B 438 29.28 -7.18 8.70
N GLU B 439 29.85 -7.75 9.76
CA GLU B 439 30.64 -8.99 9.62
C GLU B 439 29.77 -10.17 9.19
N GLY B 440 28.50 -10.14 9.59
CA GLY B 440 27.58 -11.22 9.24
C GLY B 440 27.84 -12.49 10.01
N ARG B 441 28.31 -12.37 11.25
CA ARG B 441 28.60 -13.53 12.07
C ARG B 441 27.71 -13.59 13.30
N PHE B 442 27.12 -14.75 13.54
CA PHE B 442 26.30 -14.94 14.72
C PHE B 442 27.14 -15.78 15.66
N GLU B 443 27.13 -15.44 16.95
CA GLU B 443 27.92 -16.20 17.90
C GLU B 443 27.33 -16.21 19.31
N MET B 444 27.13 -17.40 19.85
CA MET B 444 26.60 -17.56 21.20
C MET B 444 27.57 -16.93 22.19
N ARG B 445 27.17 -16.85 23.46
CA ARG B 445 28.02 -16.28 24.49
C ARG B 445 28.55 -17.34 25.46
N PRO B 446 29.73 -17.08 26.06
CA PRO B 446 30.36 -18.00 27.02
C PRO B 446 29.54 -18.19 28.31
N SER C 1 2.10 -18.52 0.51
CA SER C 1 2.37 -17.65 1.69
C SER C 1 1.73 -16.25 1.53
N CYS C 2 1.29 -15.67 2.64
CA CYS C 2 0.67 -14.34 2.64
C CYS C 2 1.72 -13.21 2.64
N PHE C 3 2.42 -13.09 1.51
CA PHE C 3 3.43 -12.06 1.31
C PHE C 3 3.74 -12.01 -0.17
N GLY C 4 3.80 -13.21 -0.78
CA GLY C 4 4.09 -13.31 -2.20
C GLY C 4 5.54 -12.97 -2.47
N GLY C 5 5.97 -13.08 -3.72
CA GLY C 5 7.35 -12.76 -4.08
C GLY C 5 7.83 -11.44 -3.51
N ARG C 6 6.94 -10.46 -3.46
CA ARG C 6 7.28 -9.13 -2.94
C ARG C 6 6.09 -8.42 -2.26
N MET C 7 6.02 -7.10 -2.48
CA MET C 7 4.96 -6.25 -1.93
C MET C 7 5.27 -4.83 -2.43
N ASP C 8 6.33 -4.74 -3.25
CA ASP C 8 6.83 -3.51 -3.87
C ASP C 8 6.18 -2.24 -3.33
N ARG C 9 4.87 -2.16 -3.58
CA ARG C 9 4.02 -1.04 -3.19
C ARG C 9 3.79 -0.77 -1.72
N ILE C 10 4.73 -1.15 -0.87
CA ILE C 10 4.60 -0.89 0.57
C ILE C 10 4.39 0.62 0.68
N GLY C 11 3.57 1.07 1.63
CA GLY C 11 3.32 2.50 1.77
C GLY C 11 2.42 3.05 0.66
N ALA C 12 1.31 2.35 0.43
CA ALA C 12 0.39 2.76 -0.63
C ALA C 12 -1.08 2.82 -0.25
N GLN C 13 -1.57 1.76 0.38
CA GLN C 13 -2.99 1.65 0.78
C GLN C 13 -3.23 0.17 1.03
N SER C 14 -2.91 -0.62 0.00
CA SER C 14 -3.05 -2.08 -0.03
C SER C 14 -2.83 -2.83 1.28
N GLY C 15 -3.83 -2.78 2.16
CA GLY C 15 -3.78 -3.46 3.43
C GLY C 15 -5.18 -3.86 3.83
N LEU C 16 -5.84 -4.63 2.96
CA LEU C 16 -7.22 -5.12 3.17
C LEU C 16 -7.39 -6.57 2.72
N GLY C 17 -6.29 -7.23 2.39
CA GLY C 17 -6.38 -8.60 1.94
C GLY C 17 -5.03 -9.24 1.67
N CYS C 18 -4.88 -10.46 2.17
CA CYS C 18 -3.65 -11.22 2.01
C CYS C 18 -3.36 -11.68 0.56
N ASN C 19 -2.68 -12.82 0.49
CA ASN C 19 -2.24 -13.55 -0.73
C ASN C 19 -1.80 -14.94 -0.19
N SER C 20 -1.29 -15.78 -1.09
CA SER C 20 -0.79 -17.13 -0.75
C SER C 20 -0.68 -18.07 -1.95
N PHE C 21 0.35 -18.92 -1.91
CA PHE C 21 0.63 -19.90 -2.97
C PHE C 21 0.39 -21.33 -2.46
#